data_6B40
#
_entry.id   6B40
#
loop_
_entity.id
_entity.type
_entity.pdbx_description
1 polymer RAG1L,RAG1L
2 polymer '31TIR intact strand'
3 polymer '31TIR pre-nicked strand of signal DNA'
4 polymer '31TIR pre-nicked strand of flanking DNA'
5 polymer RAG2L
6 non-polymer 'CALCIUM ION'
7 non-polymer 'ZINC ION'
#
loop_
_entity_poly.entity_id
_entity_poly.type
_entity_poly.pdbx_seq_one_letter_code
_entity_poly.pdbx_strand_id
1 'polypeptide(L)'
;ESLQRKRLCKARLYDVTRHHVKHKRLKPLIEHIDEYCNEKDENKGDVLFFLLRSHLYDTGNRSMAEQIDTLWHGESLSCM
TPEECLGMRLDMLMTKNQYSKEYNILKERGFSTLCPPKQLDAIEKTLMPGTARYSIEGMDYSEHYFHSPVKMTGDLEVHS
GETLEPDSVTMDFHEYVPDFPCPNTKGVRFPYAHAVAKTLEELEDEIVNGLKKLGRDPNDPTLVIHTICKDGADGMGDVS
VHKEKSDHLLPDKALRFSFCVLRCSVMHKDTEVTIYEDPNPNSVRSNRPVLECIGDENDDGTVAVCVGPIECQRLLMKDK
IMRVHMSDGTQRAHYLTFFNSMVDEKWDRAHGGLAGAGSKYLCTLCEAVRDEALEKAGSYKITRTLKKIEVTASKMKYES
QEKDTFGVKGYPLLTTEPWERGIDATHTDINMGNYFKSLIVREMAQVHSWAKTANVKKQIVDAESKLDKHLKESLGLNPT
LMMAGNYARELFKAEHADKLVALVDKPDRKSALVEVLAKFRQLRKVYRANWPLNDMSDEVRQYKAKAVEMANDLKTHFPY
APCTNYLHKVIEHVQELIEHPSGVGSVGALSSEGNEAGNKLFRQLRLGHARKGNTYNGLRDVLCTHWLYTSKTLRDKAA
(UNK)(UNK)(UNK)(UNK)(UNK)(UNK)(UNK)(UNK)(UNK)(UNK)(UNK)(UNK)(UNK)(UNK)(UNK)(UNK)
(UNK)(UNK)(UNK)
;
A,E
2 'polydeoxyribonucleotide'
;(DC)(DA)(DA)(DG)(DA)(DT)(DG)(DG)(DC)(DG)(DA)(DC)(DC)(DA)(DG)(DA)(DC)(DA)(DC)(DT)
(DG)(DC)(DT)(DG)(DG)(DG)(DT)(DA)(DT)(DA)(DG)(DC)(DG)(DT)(DA)(DA)(DG)(DT)(DA)(DT)
(DC)(DA)(DT)(DA)(DG)(DT)(DG)(DC)(DA)(DG)(DC)(DG)(DC)(DG)(DC)(DT)(DG)(DC)(DC)(DA)
(DA)(DG)
;
B,F
3 'polydeoxyribonucleotide'
;(DC)(DA)(DC)(DT)(DA)(DT)(DG)(DA)(DT)(DA)(DC)(DT)(DT)(DA)(DC)(DG)(DC)(DT)(DA)(DT)
(DA)(DC)(DC)(DC)(DA)(DG)(DC)(DA)(DG)(DT)(DG)(DT)(DC)(DT)(DG)(DG)(DT)(DC)(DG)(DC)
(DC)(DA)(DT)(DC)(DT)(DT)(DG)
;
C,G
4 'polydeoxyribonucleotide' (DC)(DT)(DT)(DG)(DG)(DC)(DA)(DG)(DC)(DG)(DC)(DG)(DC)(DT)(DG) D,H
5 'polypeptide(L)'
;MSSGPIFSSLVTDSSRSSRKKSDSALGTEFTVVCDRVPLRDPSPTVQRFLCFVFDNGSGAMSTLPIDVGGEGISLSDMKE
VKAMPHIASGCTAVWGPPLPPKPGKDTKQVILWGGLDKRRWCCSNDLTQVDITITPKTTTAKVSILPADKQDGVPSPRTG
HTLVAISSLQAILFGGLELASRHARLGTCAQSCKDGYFYLLDMTTLRWNKLPLPPLVPRAYHSSTWVPASSTMVIVGGIT
YSGHCPSERLSVSDVVCLKISDTSQYTLTEIHMEGVRDSYVSSSSASALCDDRFVLYGGYHHDKSGLHPPEPSRDLYVMN
LQTKKAVVHHAPTRMASAGHTCLRLIDNSVVMIGGTCKSVNCCTNL
;
M,N
#
# COMPACT_ATOMS: atom_id res chain seq x y z
N SER A 78 18.28 21.09 43.35
CA SER A 78 18.94 21.35 42.09
C SER A 78 18.70 20.21 41.11
N CYS A 79 19.51 19.16 41.23
CA CYS A 79 19.36 18.00 40.37
C CYS A 79 18.10 17.22 40.72
N MET A 80 17.74 16.29 39.85
CA MET A 80 16.39 15.73 39.87
C MET A 80 16.41 14.21 40.05
N THR A 81 15.21 13.66 40.12
CA THR A 81 14.78 12.28 40.30
C THR A 81 14.74 11.57 38.95
N PRO A 82 15.35 10.39 38.82
CA PRO A 82 15.37 9.72 37.52
C PRO A 82 14.01 9.18 37.09
N GLU A 83 13.15 8.81 38.04
CA GLU A 83 11.82 8.33 37.66
C GLU A 83 10.97 9.44 37.05
N GLU A 84 11.18 10.68 37.50
CA GLU A 84 10.54 11.84 36.86
C GLU A 84 10.95 11.95 35.40
N CYS A 85 12.24 11.75 35.12
CA CYS A 85 12.72 11.83 33.75
C CYS A 85 12.18 10.68 32.91
N LEU A 86 12.13 9.48 33.50
CA LEU A 86 11.65 8.33 32.75
C LEU A 86 10.18 8.45 32.46
N GLY A 87 9.42 9.04 33.37
CA GLY A 87 8.04 9.36 33.06
C GLY A 87 7.92 10.50 32.07
N MET A 88 8.89 11.40 32.05
CA MET A 88 8.86 12.48 31.10
C MET A 88 9.07 11.98 29.68
N ARG A 89 9.90 10.94 29.52
CA ARG A 89 10.29 10.54 28.17
C ARG A 89 9.15 9.86 27.44
N LEU A 90 8.34 9.07 28.14
CA LEU A 90 7.48 8.13 27.44
C LEU A 90 6.27 8.80 26.81
N ASP A 91 5.68 9.80 27.46
CA ASP A 91 4.55 10.49 26.85
C ASP A 91 4.96 11.33 25.65
N MET A 92 6.24 11.70 25.57
CA MET A 92 6.73 12.32 24.35
C MET A 92 6.86 11.32 23.22
N LEU A 93 6.98 10.03 23.56
CA LEU A 93 7.59 9.00 22.70
C LEU A 93 8.94 9.49 22.17
N MET A 94 9.70 10.13 23.04
CA MET A 94 10.99 10.66 22.68
C MET A 94 11.98 9.51 22.59
N THR A 95 12.64 9.37 21.45
CA THR A 95 13.65 8.34 21.33
C THR A 95 14.86 8.72 22.19
N LYS A 96 15.65 7.69 22.52
CA LYS A 96 16.65 7.80 23.58
C LYS A 96 17.75 8.80 23.21
N ASN A 97 18.12 8.83 21.94
CA ASN A 97 19.11 9.79 21.49
C ASN A 97 18.60 11.23 21.57
N GLN A 98 17.30 11.44 21.37
CA GLN A 98 16.76 12.78 21.49
C GLN A 98 16.80 13.26 22.94
N TYR A 99 16.58 12.35 23.89
CA TYR A 99 16.73 12.74 25.28
C TYR A 99 18.17 13.02 25.62
N SER A 100 19.09 12.25 25.04
CA SER A 100 20.50 12.55 25.22
C SER A 100 20.86 13.90 24.62
N LYS A 101 20.22 14.26 23.52
CA LYS A 101 20.50 15.53 22.86
C LYS A 101 19.98 16.70 23.69
N GLU A 102 18.79 16.56 24.28
CA GLU A 102 18.29 17.65 25.12
C GLU A 102 19.10 17.78 26.40
N TYR A 103 19.54 16.63 26.95
CA TYR A 103 20.42 16.66 28.10
C TYR A 103 21.73 17.37 27.78
N ASN A 104 22.29 17.09 26.61
CA ASN A 104 23.52 17.74 26.20
C ASN A 104 23.33 19.22 25.92
N ILE A 105 22.18 19.62 25.39
CA ILE A 105 21.95 21.03 25.09
C ILE A 105 21.83 21.83 26.38
N LEU A 106 20.98 21.39 27.30
CA LEU A 106 20.87 22.14 28.55
C LEU A 106 22.08 21.93 29.46
N LYS A 107 22.88 20.90 29.19
CA LYS A 107 24.16 20.79 29.88
C LYS A 107 25.14 21.81 29.35
N GLU A 108 25.19 21.99 28.03
CA GLU A 108 26.13 22.94 27.44
C GLU A 108 25.73 24.37 27.76
N ARG A 109 24.43 24.64 27.78
CA ARG A 109 23.99 25.92 28.30
C ARG A 109 24.11 26.00 29.81
N GLY A 110 24.26 24.86 30.48
CA GLY A 110 24.49 24.87 31.90
C GLY A 110 23.24 25.20 32.68
N PHE A 111 22.26 24.31 32.63
CA PHE A 111 21.05 24.43 33.42
C PHE A 111 20.86 23.17 34.24
N SER A 112 20.65 23.36 35.55
CA SER A 112 20.38 22.26 36.47
C SER A 112 19.03 21.66 36.12
N THR A 113 19.06 20.50 35.48
CA THR A 113 17.96 19.99 34.68
C THR A 113 17.93 18.48 34.78
N LEU A 114 17.37 17.85 33.76
CA LEU A 114 17.10 16.42 33.65
C LEU A 114 18.32 15.53 33.90
N CYS A 115 18.08 14.26 34.13
CA CYS A 115 19.16 13.36 34.50
C CYS A 115 19.89 12.83 33.26
N PRO A 116 21.17 12.47 33.40
CA PRO A 116 21.89 11.82 32.29
C PRO A 116 21.36 10.43 32.02
N PRO A 117 21.55 9.89 30.81
CA PRO A 117 20.98 8.57 30.49
C PRO A 117 21.62 7.42 31.24
N LYS A 118 22.85 7.59 31.71
CA LYS A 118 23.45 6.60 32.60
C LYS A 118 22.73 6.56 33.94
N GLN A 119 22.09 7.65 34.34
CA GLN A 119 21.20 7.57 35.48
C GLN A 119 19.89 6.90 35.12
N LEU A 120 19.51 6.91 33.84
CA LEU A 120 18.28 6.22 33.45
C LEU A 120 18.44 4.71 33.42
N ASP A 121 19.45 4.20 32.72
CA ASP A 121 19.51 2.77 32.45
C ASP A 121 19.82 1.92 33.67
N ALA A 122 20.13 2.53 34.81
CA ALA A 122 20.12 1.81 36.07
C ALA A 122 18.72 1.35 36.42
N ILE A 123 17.79 2.29 36.59
CA ILE A 123 16.43 1.92 36.96
C ILE A 123 15.60 1.46 35.79
N GLU A 124 16.15 1.51 34.57
CA GLU A 124 15.45 0.89 33.44
C GLU A 124 15.37 -0.63 33.58
N LYS A 125 16.39 -1.25 34.17
CA LYS A 125 16.33 -2.68 34.44
C LYS A 125 15.52 -3.02 35.68
N THR A 126 15.05 -2.02 36.43
CA THR A 126 14.22 -2.32 37.59
C THR A 126 12.85 -2.80 37.15
N LEU A 127 12.23 -2.08 36.22
CA LEU A 127 10.85 -2.34 35.86
C LEU A 127 10.69 -3.47 34.85
N MET A 128 11.78 -4.08 34.41
CA MET A 128 11.71 -5.20 33.51
C MET A 128 11.14 -6.42 34.27
N PRO A 129 10.46 -7.33 33.57
CA PRO A 129 9.86 -8.46 34.28
C PRO A 129 10.92 -9.46 34.71
N GLY A 130 10.55 -10.30 35.67
CA GLY A 130 11.46 -11.28 36.18
C GLY A 130 12.24 -10.80 37.38
N THR A 131 11.58 -10.07 38.27
CA THR A 131 12.20 -9.63 39.53
C THR A 131 11.32 -9.95 40.73
N ALA A 132 10.69 -11.12 40.74
CA ALA A 132 9.87 -11.55 41.87
C ALA A 132 9.84 -13.07 41.91
N ARG A 133 9.05 -13.62 42.81
CA ARG A 133 8.87 -15.06 42.94
C ARG A 133 7.37 -15.39 42.97
N TYR A 134 7.05 -16.65 43.29
CA TYR A 134 5.78 -17.25 42.92
C TYR A 134 5.08 -18.01 44.03
N SER A 135 4.05 -18.78 43.67
CA SER A 135 3.38 -19.67 44.59
C SER A 135 4.27 -20.88 44.88
N LEU A 164 18.36 -15.49 34.39
CA LEU A 164 17.75 -14.24 34.83
C LEU A 164 17.83 -13.20 33.73
N GLU A 165 18.34 -13.61 32.59
CA GLU A 165 18.42 -12.72 31.45
C GLU A 165 17.02 -12.41 30.92
N PRO A 166 16.69 -11.14 30.70
CA PRO A 166 15.43 -10.81 30.05
C PRO A 166 15.47 -11.13 28.56
N ASP A 167 14.29 -10.99 27.94
CA ASP A 167 14.11 -10.87 26.50
C ASP A 167 14.55 -12.14 25.75
N SER A 168 13.91 -13.25 26.06
CA SER A 168 14.37 -14.54 25.56
C SER A 168 14.06 -14.69 24.07
N VAL A 169 14.95 -15.42 23.37
CA VAL A 169 14.81 -15.63 21.94
C VAL A 169 13.67 -16.60 21.69
N THR A 170 12.94 -16.40 20.59
CA THR A 170 11.77 -17.20 20.31
C THR A 170 12.04 -18.36 19.39
N MET A 171 13.24 -18.92 19.44
CA MET A 171 13.51 -20.17 18.75
C MET A 171 13.90 -21.27 19.72
N ASP A 172 14.92 -21.03 20.56
CA ASP A 172 15.33 -21.90 21.67
C ASP A 172 15.72 -23.30 21.19
N PHE A 173 16.37 -23.39 20.05
CA PHE A 173 17.07 -24.61 19.67
C PHE A 173 18.30 -24.23 18.86
N HIS A 174 18.92 -25.24 18.24
CA HIS A 174 20.26 -25.10 17.69
C HIS A 174 20.23 -24.29 16.40
N GLU A 175 21.43 -23.94 15.94
CA GLU A 175 21.63 -23.20 14.70
C GLU A 175 22.31 -24.03 13.63
N TYR A 176 23.36 -24.75 14.00
CA TYR A 176 24.22 -25.40 13.03
C TYR A 176 23.62 -26.66 12.43
N VAL A 177 22.49 -27.15 12.94
CA VAL A 177 21.96 -28.45 12.58
C VAL A 177 20.55 -28.26 12.03
N PRO A 178 20.38 -28.27 10.73
CA PRO A 178 19.03 -28.18 10.17
C PRO A 178 18.35 -29.54 10.04
N ASP A 179 17.94 -30.10 11.18
CA ASP A 179 17.14 -31.33 11.19
C ASP A 179 15.66 -31.05 11.37
N PHE A 180 15.31 -30.25 12.36
CA PHE A 180 13.94 -29.77 12.45
C PHE A 180 13.70 -28.78 11.33
N PRO A 181 12.61 -28.88 10.63
CA PRO A 181 12.28 -27.83 9.67
C PRO A 181 11.79 -26.57 10.37
N CYS A 182 12.72 -25.72 10.78
CA CYS A 182 12.38 -24.48 11.46
C CYS A 182 11.64 -23.53 10.53
N PRO A 183 10.46 -23.05 10.91
CA PRO A 183 9.72 -22.15 10.04
C PRO A 183 10.22 -20.72 10.17
N ASN A 184 9.87 -19.90 9.18
CA ASN A 184 10.38 -18.53 9.07
C ASN A 184 9.74 -17.63 10.11
N THR A 185 10.44 -17.42 11.23
CA THR A 185 9.93 -16.57 12.29
C THR A 185 11.07 -16.05 13.15
N LYS A 186 10.99 -14.78 13.52
CA LYS A 186 11.92 -14.15 14.45
C LYS A 186 11.17 -13.18 15.33
N GLY A 187 11.47 -13.20 16.63
CA GLY A 187 10.83 -12.31 17.58
C GLY A 187 11.34 -12.56 18.98
N VAL A 188 10.75 -11.82 19.92
CA VAL A 188 11.16 -11.84 21.32
C VAL A 188 9.89 -12.01 22.16
N ARG A 189 9.94 -12.90 23.16
CA ARG A 189 8.85 -13.06 24.11
C ARG A 189 9.40 -13.04 25.52
N PHE A 190 8.49 -12.92 26.47
CA PHE A 190 8.78 -13.04 27.88
C PHE A 190 8.32 -14.38 28.41
N PRO A 191 8.77 -14.77 29.59
CA PRO A 191 8.02 -15.75 30.35
C PRO A 191 6.76 -15.10 30.90
N TYR A 192 5.65 -15.81 30.79
CA TYR A 192 4.35 -15.22 31.01
C TYR A 192 4.12 -14.92 32.48
N ALA A 193 4.63 -15.79 33.36
CA ALA A 193 4.35 -15.69 34.78
C ALA A 193 5.04 -14.48 35.40
N HIS A 194 6.25 -14.18 34.96
CA HIS A 194 6.94 -12.97 35.41
C HIS A 194 6.18 -11.73 34.96
N ALA A 195 5.56 -11.78 33.78
CA ALA A 195 4.78 -10.65 33.30
C ALA A 195 3.51 -10.48 34.11
N VAL A 196 2.95 -11.58 34.62
CA VAL A 196 1.84 -11.45 35.55
C VAL A 196 2.30 -10.81 36.85
N ALA A 197 3.43 -11.31 37.38
CA ALA A 197 3.87 -10.92 38.71
C ALA A 197 4.33 -9.48 38.77
N LYS A 198 4.93 -8.96 37.70
CA LYS A 198 5.42 -7.58 37.76
C LYS A 198 4.27 -6.59 37.75
N THR A 199 3.22 -6.90 36.99
CA THR A 199 1.99 -6.12 37.09
C THR A 199 1.34 -6.27 38.45
N LEU A 200 1.48 -7.44 39.07
CA LEU A 200 0.99 -7.61 40.43
C LEU A 200 1.74 -6.74 41.42
N GLU A 201 3.02 -6.50 41.17
CA GLU A 201 3.77 -5.58 42.01
C GLU A 201 3.26 -4.14 41.88
N GLU A 202 2.63 -3.81 40.75
CA GLU A 202 2.20 -2.44 40.52
C GLU A 202 1.02 -2.06 41.39
N LEU A 203 -0.08 -2.79 41.29
CA LEU A 203 -1.31 -2.41 41.94
C LEU A 203 -1.35 -2.75 43.43
N GLU A 204 -0.19 -3.08 44.02
CA GLU A 204 -0.12 -3.39 45.45
C GLU A 204 -0.49 -2.17 46.28
N ASP A 205 0.04 -1.00 45.93
CA ASP A 205 -0.30 0.23 46.63
C ASP A 205 -1.74 0.65 46.38
N GLU A 206 -2.33 0.24 45.26
CA GLU A 206 -3.74 0.51 45.02
C GLU A 206 -4.61 -0.31 45.95
N ILE A 207 -4.22 -1.56 46.21
CA ILE A 207 -4.94 -2.40 47.15
C ILE A 207 -4.86 -1.85 48.57
N VAL A 208 -3.75 -1.18 48.90
CA VAL A 208 -3.58 -0.57 50.22
C VAL A 208 -4.64 0.48 50.48
N ASN A 209 -4.89 1.35 49.51
CA ASN A 209 -6.01 2.25 49.58
C ASN A 209 -7.28 1.65 48.99
N GLY A 210 -7.23 0.37 48.62
CA GLY A 210 -8.41 -0.31 48.10
C GLY A 210 -9.06 -1.22 49.12
N LEU A 211 -8.36 -1.56 50.18
CA LEU A 211 -8.92 -2.34 51.28
C LEU A 211 -9.61 -1.45 52.31
N LYS A 212 -10.48 -0.56 51.84
CA LYS A 212 -11.10 0.41 52.72
C LYS A 212 -12.45 -0.08 53.19
N LYS A 213 -12.89 0.52 54.30
CA LYS A 213 -14.04 0.22 55.15
C LYS A 213 -13.88 -1.10 55.91
N LEU A 214 -12.81 -1.86 55.68
CA LEU A 214 -12.42 -2.97 56.53
C LEU A 214 -11.03 -2.80 57.11
N GLY A 215 -10.05 -2.50 56.28
CA GLY A 215 -8.68 -2.52 56.74
C GLY A 215 -8.19 -3.94 56.87
N ARG A 216 -7.48 -4.24 57.96
CA ARG A 216 -6.81 -5.53 58.20
C ARG A 216 -5.88 -5.89 57.04
N ASP A 217 -5.00 -4.95 56.72
CA ASP A 217 -4.26 -5.00 55.47
C ASP A 217 -3.14 -6.04 55.44
N PRO A 218 -2.13 -6.09 56.40
CA PRO A 218 -1.04 -7.06 56.26
C PRO A 218 -1.38 -8.41 56.89
N ASN A 219 -2.55 -8.94 56.55
CA ASN A 219 -3.00 -10.24 57.05
C ASN A 219 -2.99 -11.20 55.88
N ASP A 220 -1.92 -11.98 55.76
CA ASP A 220 -1.73 -12.79 54.55
C ASP A 220 -2.68 -13.99 54.45
N PRO A 221 -2.85 -14.85 55.45
CA PRO A 221 -3.81 -15.97 55.27
C PRO A 221 -5.27 -15.58 55.46
N THR A 222 -5.58 -14.30 55.64
CA THR A 222 -6.94 -13.89 55.98
C THR A 222 -7.74 -13.52 54.74
N LEU A 223 -7.30 -12.51 54.01
CA LEU A 223 -8.09 -11.90 52.94
C LEU A 223 -7.41 -12.21 51.62
N VAL A 224 -7.95 -13.18 50.90
CA VAL A 224 -7.39 -13.62 49.63
C VAL A 224 -8.12 -12.90 48.51
N ILE A 225 -7.35 -12.26 47.63
CA ILE A 225 -7.89 -11.37 46.63
C ILE A 225 -8.19 -12.15 45.35
N HIS A 226 -9.38 -11.95 44.81
CA HIS A 226 -9.84 -12.67 43.62
C HIS A 226 -9.78 -11.76 42.43
N THR A 227 -8.69 -11.83 41.67
CA THR A 227 -8.53 -11.03 40.48
C THR A 227 -8.96 -11.80 39.23
N ILE A 228 -9.21 -11.04 38.16
CA ILE A 228 -9.73 -11.58 36.92
C ILE A 228 -9.42 -10.59 35.80
N CYS A 229 -9.00 -11.15 34.66
CA CYS A 229 -8.35 -10.43 33.57
C CYS A 229 -8.78 -11.04 32.24
N LYS A 230 -8.05 -10.70 31.16
CA LYS A 230 -8.35 -11.18 29.82
C LYS A 230 -7.09 -11.07 28.96
N ASP A 231 -7.14 -11.70 27.79
CA ASP A 231 -5.99 -11.69 26.88
C ASP A 231 -6.47 -11.90 25.44
N GLY A 232 -5.52 -12.07 24.53
CA GLY A 232 -5.83 -12.39 23.14
C GLY A 232 -4.70 -11.95 22.22
N ALA A 233 -4.81 -12.38 20.97
CA ALA A 233 -3.79 -12.11 19.97
C ALA A 233 -4.41 -11.88 18.61
N ASP A 234 -3.73 -11.09 17.78
CA ASP A 234 -4.17 -10.86 16.41
C ASP A 234 -2.96 -10.46 15.59
N GLY A 235 -3.03 -10.76 14.30
CA GLY A 235 -1.93 -10.53 13.39
C GLY A 235 -1.86 -9.10 12.90
N MET A 236 -1.04 -8.92 11.87
CA MET A 236 -0.76 -7.60 11.32
C MET A 236 -0.69 -7.71 9.80
N GLY A 237 -0.15 -6.68 9.17
CA GLY A 237 0.05 -6.73 7.74
C GLY A 237 1.02 -5.70 7.21
N ASP A 238 1.97 -6.17 6.41
CA ASP A 238 2.82 -5.36 5.53
C ASP A 238 3.68 -4.37 6.30
N VAL A 239 4.59 -4.94 7.09
CA VAL A 239 5.66 -4.20 7.73
C VAL A 239 6.93 -4.43 6.94
N SER A 240 7.80 -3.42 6.88
CA SER A 240 8.97 -3.43 6.01
C SER A 240 9.95 -4.54 6.36
N VAL A 241 10.67 -5.01 5.35
CA VAL A 241 11.57 -6.14 5.44
C VAL A 241 12.99 -5.64 5.20
N HIS A 242 13.95 -6.23 5.91
CA HIS A 242 15.32 -5.76 5.85
C HIS A 242 16.20 -6.69 5.01
N LYS A 243 17.52 -6.45 5.07
CA LYS A 243 18.47 -7.20 4.25
C LYS A 243 18.52 -8.67 4.64
N GLU A 244 18.63 -8.94 5.94
CA GLU A 244 18.44 -10.23 6.60
C GLU A 244 19.57 -11.24 6.36
N LYS A 245 20.44 -10.97 5.36
CA LYS A 245 21.71 -11.69 5.14
C LYS A 245 21.60 -13.21 5.12
N SER A 246 20.47 -13.75 4.65
CA SER A 246 20.24 -15.18 4.75
C SER A 246 19.69 -15.69 3.43
N ASP A 247 19.19 -16.93 3.46
CA ASP A 247 18.65 -17.57 2.26
C ASP A 247 17.15 -17.83 2.36
N HIS A 248 16.45 -17.13 3.24
CA HIS A 248 15.00 -17.25 3.29
C HIS A 248 14.41 -15.93 3.77
N LEU A 249 13.24 -15.60 3.27
CA LEU A 249 12.70 -14.25 3.42
C LEU A 249 12.01 -14.11 4.78
N LEU A 250 11.29 -13.00 4.98
CA LEU A 250 10.47 -12.79 6.15
C LEU A 250 9.11 -12.32 5.67
N PRO A 251 8.04 -13.05 5.90
CA PRO A 251 6.78 -12.77 5.20
C PRO A 251 5.96 -11.63 5.83
N ASP A 252 6.58 -10.45 5.92
CA ASP A 252 5.92 -9.15 5.92
C ASP A 252 5.11 -8.79 7.18
N LYS A 253 4.87 -9.74 8.07
CA LYS A 253 3.80 -9.57 9.03
C LYS A 253 4.29 -9.86 10.43
N ALA A 254 3.44 -9.58 11.41
CA ALA A 254 3.84 -9.67 12.81
C ALA A 254 2.69 -10.19 13.65
N LEU A 255 3.05 -10.89 14.73
CA LEU A 255 2.12 -11.38 15.73
C LEU A 255 2.38 -10.63 17.03
N ARG A 256 1.31 -10.20 17.68
CA ARG A 256 1.37 -9.61 18.99
C ARG A 256 0.38 -10.29 19.92
N PHE A 257 0.80 -10.42 21.18
CA PHE A 257 -0.02 -11.03 22.22
C PHE A 257 0.18 -10.24 23.51
N SER A 258 -0.92 -9.69 24.05
CA SER A 258 -0.92 -8.86 25.24
C SER A 258 -2.08 -9.26 26.13
N PHE A 259 -2.19 -8.60 27.29
CA PHE A 259 -3.20 -8.97 28.27
C PHE A 259 -3.41 -7.79 29.22
N CYS A 260 -4.64 -7.64 29.68
CA CYS A 260 -5.07 -6.52 30.52
C CYS A 260 -5.35 -7.01 31.93
N VAL A 261 -5.85 -6.11 32.78
CA VAL A 261 -6.25 -6.43 34.14
C VAL A 261 -7.55 -5.67 34.43
N LEU A 262 -8.60 -6.37 34.85
CA LEU A 262 -9.86 -5.69 35.10
C LEU A 262 -10.31 -5.67 36.55
N ARG A 263 -10.56 -6.82 37.19
CA ARG A 263 -11.22 -6.75 38.49
C ARG A 263 -10.44 -7.58 39.51
N CYS A 264 -10.68 -7.27 40.78
CA CYS A 264 -9.89 -7.83 41.86
C CYS A 264 -10.72 -8.16 43.11
N SER A 265 -12.00 -8.53 42.94
CA SER A 265 -12.84 -8.79 44.10
C SER A 265 -13.99 -9.74 43.75
N VAL A 266 -13.86 -11.01 44.15
CA VAL A 266 -15.01 -11.92 44.26
C VAL A 266 -15.03 -12.55 45.65
N MET A 267 -13.89 -13.10 46.09
CA MET A 267 -13.77 -13.91 47.31
C MET A 267 -13.80 -13.09 48.60
N HIS A 268 -14.24 -11.83 48.55
CA HIS A 268 -14.36 -10.96 49.71
C HIS A 268 -15.61 -11.27 50.51
N LYS A 269 -16.03 -10.31 51.34
CA LYS A 269 -17.12 -10.48 52.29
C LYS A 269 -18.47 -10.77 51.66
N ASP A 270 -19.47 -10.96 52.53
CA ASP A 270 -20.86 -10.91 52.10
C ASP A 270 -21.19 -9.55 51.48
N THR A 271 -20.52 -8.49 51.97
CA THR A 271 -20.46 -7.22 51.26
C THR A 271 -19.34 -7.28 50.23
N GLU A 272 -19.55 -8.12 49.22
CA GLU A 272 -18.62 -8.31 48.11
C GLU A 272 -18.65 -7.08 47.23
N VAL A 273 -17.65 -6.22 47.35
CA VAL A 273 -17.65 -4.90 46.73
C VAL A 273 -16.43 -4.78 45.82
N THR A 274 -16.65 -4.35 44.58
CA THR A 274 -15.56 -4.05 43.67
C THR A 274 -14.77 -2.85 44.16
N ILE A 275 -13.44 -2.97 44.20
CA ILE A 275 -12.59 -1.93 44.75
C ILE A 275 -11.64 -1.31 43.75
N TYR A 276 -11.46 -1.91 42.57
CA TYR A 276 -10.61 -1.28 41.55
C TYR A 276 -11.01 -1.75 40.17
N GLU A 277 -11.20 -0.81 39.25
CA GLU A 277 -11.67 -1.14 37.91
C GLU A 277 -10.80 -0.71 36.75
N ASP A 278 -9.71 0.08 36.99
CA ASP A 278 -8.82 0.61 35.96
C ASP A 278 -9.60 1.38 34.90
N PRO A 279 -10.01 2.62 35.18
CA PRO A 279 -11.21 3.21 34.57
C PRO A 279 -11.29 3.38 33.05
N ASN A 280 -10.26 3.04 32.29
CA ASN A 280 -10.31 3.44 30.88
C ASN A 280 -11.25 2.54 30.09
N PRO A 281 -11.11 1.20 30.11
CA PRO A 281 -10.10 0.16 30.31
C PRO A 281 -9.77 -0.49 28.98
N ASN A 282 -10.51 -0.12 27.94
CA ASN A 282 -10.39 -0.78 26.63
C ASN A 282 -9.39 -0.08 25.72
N SER A 283 -8.19 0.20 26.21
CA SER A 283 -7.31 1.11 25.50
C SER A 283 -5.87 0.67 25.61
N VAL A 284 -5.00 1.48 25.00
CA VAL A 284 -3.56 1.43 25.22
C VAL A 284 -3.26 2.01 26.59
N ARG A 285 -2.01 1.87 27.03
CA ARG A 285 -1.48 2.32 28.32
C ARG A 285 -2.12 1.59 29.50
N SER A 286 -2.79 0.48 29.23
CA SER A 286 -3.06 -0.56 30.22
C SER A 286 -2.94 -1.94 29.59
N ASN A 287 -2.06 -2.08 28.60
CA ASN A 287 -1.86 -3.33 27.88
C ASN A 287 -0.42 -3.75 28.06
N ARG A 288 -0.20 -4.84 28.69
CA ARG A 288 1.18 -5.22 28.85
C ARG A 288 1.56 -6.25 27.79
N PRO A 289 2.65 -6.06 27.06
CA PRO A 289 3.00 -7.00 25.99
C PRO A 289 3.57 -8.31 26.51
N VAL A 290 3.37 -9.37 25.73
CA VAL A 290 3.98 -10.66 25.97
C VAL A 290 4.74 -11.15 24.75
N LEU A 291 4.11 -11.16 23.58
CA LEU A 291 4.75 -11.68 22.40
C LEU A 291 4.71 -10.66 21.27
N GLU A 292 5.88 -10.31 20.78
CA GLU A 292 6.06 -9.64 19.50
C GLU A 292 6.94 -10.54 18.64
N CYS A 293 6.50 -10.83 17.43
CA CYS A 293 7.38 -11.55 16.53
C CYS A 293 7.02 -11.23 15.10
N ILE A 294 7.99 -11.41 14.21
CA ILE A 294 7.76 -11.31 12.79
C ILE A 294 7.49 -12.70 12.25
N GLY A 295 6.27 -12.91 11.76
CA GLY A 295 5.85 -14.20 11.30
C GLY A 295 4.65 -14.06 10.41
N ASP A 296 3.88 -15.14 10.30
CA ASP A 296 2.71 -15.14 9.44
C ASP A 296 1.81 -16.29 9.90
N GLU A 297 0.51 -16.18 9.61
CA GLU A 297 -0.44 -17.07 10.25
C GLU A 297 -1.45 -17.73 9.32
N ASN A 298 -1.34 -17.55 8.01
CA ASN A 298 -2.28 -18.18 7.09
C ASN A 298 -1.75 -19.51 6.54
N ASP A 299 -0.54 -19.50 5.98
CA ASP A 299 0.25 -20.72 5.83
C ASP A 299 1.08 -20.87 7.10
N ASP A 300 0.36 -21.10 8.21
CA ASP A 300 0.82 -20.73 9.54
C ASP A 300 2.07 -21.47 10.01
N GLY A 301 1.91 -22.71 10.46
CA GLY A 301 3.02 -23.45 11.00
C GLY A 301 3.62 -22.99 12.32
N THR A 302 3.41 -21.73 12.70
CA THR A 302 4.26 -21.07 13.67
C THR A 302 3.57 -20.73 14.97
N VAL A 303 2.24 -20.69 15.00
CA VAL A 303 1.54 -20.36 16.23
C VAL A 303 1.74 -21.46 17.26
N ALA A 304 1.87 -22.70 16.80
CA ALA A 304 2.27 -23.78 17.71
C ALA A 304 3.73 -23.66 18.15
N VAL A 305 4.55 -22.86 17.48
CA VAL A 305 5.92 -22.65 17.93
C VAL A 305 5.99 -21.52 18.94
N CYS A 306 5.41 -20.36 18.64
CA CYS A 306 5.51 -19.24 19.57
C CYS A 306 4.33 -19.18 20.54
N VAL A 307 3.10 -19.15 20.01
CA VAL A 307 1.95 -18.90 20.87
C VAL A 307 1.57 -20.13 21.68
N GLY A 308 1.69 -21.32 21.07
CA GLY A 308 1.44 -22.60 21.70
C GLY A 308 1.99 -22.85 23.10
N PRO A 309 3.30 -22.69 23.31
CA PRO A 309 3.84 -22.84 24.66
C PRO A 309 3.40 -21.74 25.62
N ILE A 310 2.99 -20.58 25.12
CA ILE A 310 2.46 -19.57 26.03
C ILE A 310 1.11 -20.02 26.58
N GLU A 311 0.29 -20.66 25.74
CA GLU A 311 -0.96 -21.21 26.23
C GLU A 311 -0.73 -22.44 27.12
N CYS A 312 0.30 -23.24 26.82
CA CYS A 312 0.64 -24.36 27.68
C CYS A 312 1.15 -23.90 29.03
N GLN A 313 1.71 -22.69 29.10
CA GLN A 313 2.00 -22.07 30.39
C GLN A 313 0.74 -21.51 31.03
N ARG A 314 -0.19 -21.02 30.21
CA ARG A 314 -1.43 -20.43 30.71
C ARG A 314 -2.31 -21.47 31.39
N LEU A 315 -2.24 -22.71 30.92
CA LEU A 315 -2.96 -23.80 31.59
C LEU A 315 -2.42 -24.03 33.00
N LEU A 316 -1.10 -24.00 33.16
CA LEU A 316 -0.53 -24.11 34.50
C LEU A 316 -0.76 -22.85 35.32
N MET A 317 -1.06 -21.74 34.67
CA MET A 317 -1.35 -20.52 35.40
C MET A 317 -2.73 -20.56 36.04
N LYS A 318 -3.74 -21.02 35.29
CA LYS A 318 -5.13 -20.68 35.56
C LYS A 318 -5.68 -21.44 36.75
N ASP A 319 -6.59 -20.77 37.49
CA ASP A 319 -7.45 -21.35 38.52
C ASP A 319 -6.65 -21.81 39.74
N LYS A 320 -5.69 -21.01 40.18
CA LYS A 320 -4.84 -21.37 41.30
C LYS A 320 -4.59 -20.16 42.18
N ILE A 321 -4.66 -20.37 43.50
CA ILE A 321 -4.29 -19.33 44.45
C ILE A 321 -2.78 -19.19 44.43
N MET A 322 -2.30 -17.99 44.13
CA MET A 322 -0.86 -17.74 44.15
C MET A 322 -0.53 -16.74 45.24
N ARG A 323 0.76 -16.48 45.40
CA ARG A 323 1.26 -15.41 46.26
C ARG A 323 2.34 -14.66 45.51
N VAL A 324 2.30 -13.34 45.58
CA VAL A 324 3.36 -12.54 45.00
C VAL A 324 4.52 -12.57 45.99
N HIS A 325 5.42 -13.52 45.79
CA HIS A 325 6.32 -13.98 46.84
C HIS A 325 7.43 -12.97 47.06
N MET A 326 7.59 -12.55 48.32
CA MET A 326 8.55 -11.55 48.79
C MET A 326 8.40 -10.23 48.01
N SER A 327 7.18 -9.69 48.05
CA SER A 327 6.84 -8.52 47.26
C SER A 327 7.59 -7.27 47.69
N ASP A 328 7.21 -6.72 48.84
CA ASP A 328 7.78 -5.48 49.37
C ASP A 328 7.50 -5.50 50.88
N GLY A 329 8.50 -5.89 51.67
CA GLY A 329 8.22 -6.16 53.06
C GLY A 329 7.34 -7.39 53.16
N THR A 330 6.06 -7.17 53.44
CA THR A 330 5.09 -8.26 53.49
C THR A 330 4.74 -8.73 52.08
N GLN A 331 4.25 -9.97 52.01
CA GLN A 331 3.80 -10.54 50.75
C GLN A 331 2.36 -10.13 50.48
N ARG A 332 1.77 -10.72 49.45
CA ARG A 332 0.37 -10.54 49.12
C ARG A 332 -0.05 -11.68 48.21
N ALA A 333 -1.17 -12.30 48.52
CA ALA A 333 -1.68 -13.40 47.71
C ALA A 333 -2.69 -12.90 46.69
N HIS A 334 -2.91 -13.72 45.67
CA HIS A 334 -3.90 -13.45 44.63
C HIS A 334 -4.44 -14.77 44.09
N TYR A 335 -5.64 -14.72 43.53
CA TYR A 335 -6.24 -15.85 42.83
C TYR A 335 -6.46 -15.45 41.37
N LEU A 336 -5.61 -15.94 40.48
CA LEU A 336 -5.61 -15.50 39.10
C LEU A 336 -6.73 -16.18 38.31
N THR A 337 -7.38 -15.41 37.45
CA THR A 337 -8.48 -15.87 36.63
C THR A 337 -8.40 -15.11 35.31
N PHE A 338 -8.71 -15.78 34.21
CA PHE A 338 -8.60 -15.14 32.90
C PHE A 338 -9.81 -15.47 32.05
N PHE A 339 -9.84 -14.85 30.87
CA PHE A 339 -11.03 -14.85 30.03
C PHE A 339 -10.56 -14.55 28.61
N ASN A 340 -10.44 -15.57 27.77
CA ASN A 340 -9.82 -15.37 26.46
C ASN A 340 -10.90 -15.07 25.44
N SER A 341 -11.02 -13.79 25.05
CA SER A 341 -12.06 -13.41 24.13
C SER A 341 -11.65 -12.37 23.10
N MET A 342 -10.35 -12.07 22.95
CA MET A 342 -9.88 -11.13 21.95
C MET A 342 -9.46 -11.82 20.66
N VAL A 343 -10.14 -12.91 20.32
CA VAL A 343 -9.62 -13.91 19.38
C VAL A 343 -10.47 -13.92 18.12
N ASP A 344 -10.90 -12.72 17.70
CA ASP A 344 -11.92 -12.44 16.68
C ASP A 344 -11.87 -13.30 15.43
N GLU A 345 -13.05 -13.49 14.84
CA GLU A 345 -13.53 -14.70 14.19
C GLU A 345 -12.54 -15.50 13.33
N LYS A 346 -11.65 -14.83 12.60
CA LYS A 346 -10.71 -15.57 11.76
C LYS A 346 -9.69 -16.33 12.61
N TRP A 347 -9.32 -15.77 13.76
CA TRP A 347 -8.49 -16.52 14.69
C TRP A 347 -9.27 -17.61 15.38
N ASP A 348 -10.59 -17.42 15.51
CA ASP A 348 -11.41 -18.25 16.38
C ASP A 348 -11.44 -19.69 15.91
N ARG A 349 -11.61 -19.91 14.62
CA ARG A 349 -11.90 -21.26 14.18
C ARG A 349 -10.70 -22.01 13.63
N ALA A 350 -9.76 -21.31 13.00
CA ALA A 350 -8.59 -21.98 12.47
C ALA A 350 -7.61 -22.39 13.56
N HIS A 351 -7.86 -22.04 14.82
CA HIS A 351 -7.18 -22.65 15.94
C HIS A 351 -8.13 -23.02 17.06
N GLY A 352 -9.43 -22.80 16.87
CA GLY A 352 -10.45 -23.37 17.73
C GLY A 352 -11.08 -24.54 17.01
N GLY A 353 -10.38 -25.06 16.02
CA GLY A 353 -10.74 -26.29 15.38
C GLY A 353 -11.76 -26.20 14.28
N LEU A 354 -12.55 -25.14 14.23
CA LEU A 354 -13.76 -25.16 13.42
C LEU A 354 -13.45 -24.66 12.01
N ALA A 355 -14.48 -24.38 11.22
CA ALA A 355 -14.33 -23.92 9.84
C ALA A 355 -14.91 -22.53 9.70
N GLY A 356 -14.11 -21.61 9.16
CA GLY A 356 -14.35 -20.17 9.14
C GLY A 356 -15.68 -19.66 8.61
N ALA A 357 -15.95 -19.84 7.32
CA ALA A 357 -17.22 -19.39 6.76
C ALA A 357 -18.38 -20.22 7.28
N GLY A 358 -18.11 -21.46 7.66
CA GLY A 358 -19.13 -22.24 8.32
C GLY A 358 -20.00 -22.97 7.34
N SER A 359 -21.17 -22.38 7.05
CA SER A 359 -22.24 -22.85 6.18
C SER A 359 -22.95 -24.09 6.70
N LYS A 360 -22.53 -24.62 7.82
CA LYS A 360 -23.35 -25.62 8.48
C LYS A 360 -23.52 -25.29 9.94
N TYR A 361 -22.50 -24.74 10.60
CA TYR A 361 -22.59 -24.38 12.01
C TYR A 361 -21.91 -23.03 12.19
N LEU A 362 -22.68 -22.03 12.59
CA LEU A 362 -22.26 -20.65 12.45
C LEU A 362 -21.61 -20.07 13.69
N CYS A 363 -21.79 -20.67 14.85
CA CYS A 363 -21.34 -20.10 16.09
C CYS A 363 -20.30 -20.96 16.76
N THR A 364 -19.33 -20.32 17.39
CA THR A 364 -18.34 -21.02 18.20
C THR A 364 -18.78 -21.15 19.64
N LEU A 365 -20.08 -21.06 19.91
CA LEU A 365 -20.60 -21.41 21.22
C LEU A 365 -21.72 -22.44 21.12
N CYS A 366 -22.56 -22.34 20.10
CA CYS A 366 -23.70 -23.25 20.01
C CYS A 366 -23.58 -24.16 18.80
N GLU A 367 -24.60 -24.99 18.65
CA GLU A 367 -24.76 -25.84 17.48
C GLU A 367 -26.00 -25.33 16.75
N ALA A 368 -25.81 -24.75 15.57
CA ALA A 368 -26.94 -24.14 14.90
C ALA A 368 -26.83 -24.31 13.40
N VAL A 369 -27.98 -24.51 12.77
CA VAL A 369 -28.05 -24.60 11.33
C VAL A 369 -27.87 -23.21 10.72
N ARG A 370 -27.30 -23.17 9.52
CA ARG A 370 -27.20 -21.92 8.76
C ARG A 370 -28.57 -21.29 8.51
N ASP A 371 -29.59 -22.11 8.27
CA ASP A 371 -30.86 -21.61 7.78
C ASP A 371 -31.89 -21.47 8.88
N GLU A 372 -31.49 -21.02 10.07
CA GLU A 372 -32.41 -20.86 11.19
C GLU A 372 -32.39 -19.41 11.69
N ALA A 373 -33.45 -18.68 11.35
CA ALA A 373 -33.77 -17.37 11.91
C ALA A 373 -34.83 -17.50 12.99
N LEU A 374 -34.74 -18.55 13.79
CA LEU A 374 -35.77 -18.90 14.74
C LEU A 374 -35.54 -18.16 16.07
N GLU A 375 -36.19 -18.64 17.14
CA GLU A 375 -36.17 -17.97 18.43
C GLU A 375 -34.77 -17.95 19.03
N LYS A 376 -34.18 -19.12 19.23
CA LYS A 376 -32.94 -19.24 19.99
C LYS A 376 -32.26 -20.55 19.67
N ALA A 377 -31.01 -20.68 20.10
CA ALA A 377 -30.37 -21.98 20.19
C ALA A 377 -30.02 -22.34 21.63
N GLY A 378 -29.16 -21.54 22.28
CA GLY A 378 -28.75 -21.74 23.68
C GLY A 378 -28.28 -23.12 24.10
N SER A 379 -27.12 -23.58 23.62
CA SER A 379 -26.73 -24.97 23.84
C SER A 379 -25.40 -25.16 24.55
N TYR A 380 -24.39 -24.34 24.22
CA TYR A 380 -23.10 -24.29 24.91
C TYR A 380 -22.34 -25.62 24.82
N LYS A 381 -21.90 -25.92 23.60
CA LYS A 381 -20.88 -26.95 23.42
C LYS A 381 -19.59 -26.52 24.12
N ILE A 382 -18.98 -27.43 24.87
CA ILE A 382 -17.74 -27.15 25.61
C ILE A 382 -16.81 -28.34 25.48
N THR A 383 -15.73 -28.18 24.71
CA THR A 383 -14.60 -29.10 24.59
C THR A 383 -15.00 -30.54 24.22
N ARG A 384 -16.19 -30.71 23.64
CA ARG A 384 -16.63 -32.02 23.19
C ARG A 384 -15.97 -32.39 21.88
N THR A 385 -15.64 -31.36 21.08
CA THR A 385 -15.16 -31.53 19.71
C THR A 385 -13.90 -32.37 19.64
N LEU A 386 -13.05 -32.26 20.67
CA LEU A 386 -11.82 -33.05 20.78
C LEU A 386 -12.12 -34.54 20.71
N LYS A 387 -13.17 -34.98 21.41
CA LYS A 387 -13.58 -36.38 21.32
C LYS A 387 -14.03 -36.73 19.91
N LYS A 388 -14.77 -35.82 19.28
CA LYS A 388 -15.14 -36.03 17.88
C LYS A 388 -14.00 -35.80 16.91
N ILE A 389 -12.82 -35.38 17.39
CA ILE A 389 -11.64 -35.55 16.56
C ILE A 389 -11.21 -37.00 16.56
N GLU A 390 -11.18 -37.61 17.76
CA GLU A 390 -10.62 -38.95 17.92
C GLU A 390 -11.45 -39.99 17.20
N VAL A 391 -12.78 -39.79 17.17
CA VAL A 391 -13.62 -40.71 16.41
C VAL A 391 -13.38 -40.53 14.92
N THR A 392 -13.07 -39.31 14.48
CA THR A 392 -12.58 -39.15 13.12
C THR A 392 -11.14 -39.59 12.97
N ALA A 393 -10.38 -39.64 14.06
CA ALA A 393 -8.98 -40.00 13.95
C ALA A 393 -8.75 -41.50 14.04
N SER A 394 -9.47 -42.19 14.91
CA SER A 394 -9.33 -43.63 15.00
C SER A 394 -10.23 -44.36 14.02
N LYS A 395 -10.98 -43.64 13.20
CA LYS A 395 -11.85 -44.30 12.22
C LYS A 395 -12.08 -43.35 11.05
N MET A 396 -11.52 -43.71 9.89
CA MET A 396 -11.96 -43.33 8.54
C MET A 396 -12.16 -41.81 8.39
N LYS A 397 -11.01 -41.14 8.39
CA LYS A 397 -10.84 -39.68 8.51
C LYS A 397 -11.87 -38.81 7.78
N TYR A 398 -12.15 -39.13 6.52
CA TYR A 398 -13.19 -38.43 5.78
C TYR A 398 -14.45 -39.25 5.55
N GLU A 399 -14.46 -40.52 5.93
CA GLU A 399 -15.60 -41.40 5.68
C GLU A 399 -16.02 -42.12 6.96
N SER A 400 -16.10 -41.39 8.06
CA SER A 400 -16.75 -41.89 9.27
C SER A 400 -17.39 -40.71 9.98
N GLN A 401 -18.69 -40.86 10.27
CA GLN A 401 -19.54 -39.85 10.91
C GLN A 401 -19.56 -38.55 10.12
N GLU A 402 -19.48 -38.68 8.80
CA GLU A 402 -19.40 -37.52 7.91
C GLU A 402 -20.72 -36.80 7.88
N LYS A 403 -20.77 -35.63 8.51
CA LYS A 403 -21.99 -34.82 8.73
C LYS A 403 -23.08 -35.63 9.43
N ASP A 404 -22.68 -36.53 10.32
CA ASP A 404 -23.60 -37.44 10.97
C ASP A 404 -23.67 -37.20 12.46
N THR A 405 -22.53 -37.18 13.13
CA THR A 405 -22.48 -36.96 14.57
C THR A 405 -22.04 -35.53 14.89
N PHE A 406 -21.55 -34.78 13.90
CA PHE A 406 -20.99 -33.45 14.13
C PHE A 406 -22.00 -32.46 14.65
N GLY A 407 -21.88 -32.14 15.94
CA GLY A 407 -22.40 -30.88 16.39
C GLY A 407 -21.75 -29.73 15.66
N VAL A 408 -20.46 -29.86 15.37
CA VAL A 408 -19.73 -28.88 14.56
C VAL A 408 -18.55 -29.57 13.91
N LYS A 409 -18.23 -29.17 12.69
CA LYS A 409 -17.09 -29.71 11.97
C LYS A 409 -15.79 -29.27 12.63
N GLY A 410 -14.85 -30.20 12.75
CA GLY A 410 -13.53 -29.86 13.22
C GLY A 410 -12.43 -30.69 12.58
N TYR A 411 -11.44 -30.04 11.99
CA TYR A 411 -10.29 -30.82 11.53
C TYR A 411 -9.29 -31.14 12.65
N PRO A 412 -8.63 -30.15 13.34
CA PRO A 412 -7.44 -30.50 14.13
C PRO A 412 -7.75 -30.83 15.58
N LEU A 413 -6.71 -31.05 16.38
CA LEU A 413 -6.88 -31.45 17.77
C LEU A 413 -6.90 -30.27 18.73
N LEU A 414 -7.48 -29.14 18.32
CA LEU A 414 -7.92 -28.10 19.25
C LEU A 414 -6.87 -27.43 20.12
N THR A 415 -6.15 -26.47 19.55
CA THR A 415 -5.36 -25.54 20.37
C THR A 415 -6.26 -24.54 21.11
N THR A 416 -5.68 -23.44 21.59
CA THR A 416 -5.87 -22.82 22.90
C THR A 416 -7.19 -23.10 23.65
N GLU A 417 -7.06 -23.47 24.92
CA GLU A 417 -7.96 -24.25 25.75
C GLU A 417 -9.39 -23.74 25.98
N PRO A 418 -9.62 -22.59 26.65
CA PRO A 418 -10.87 -22.48 27.45
C PRO A 418 -12.14 -22.20 26.65
N TRP A 419 -12.56 -23.13 25.82
CA TRP A 419 -13.67 -22.83 24.90
C TRP A 419 -15.00 -23.04 25.59
N GLU A 420 -15.38 -22.04 26.35
CA GLU A 420 -16.78 -21.76 26.65
C GLU A 420 -17.03 -20.25 26.64
N ARG A 421 -16.04 -19.45 26.29
CA ARG A 421 -16.08 -18.00 26.46
C ARG A 421 -15.44 -17.37 25.23
N GLY A 422 -16.25 -16.81 24.35
CA GLY A 422 -15.69 -15.97 23.32
C GLY A 422 -16.67 -15.17 22.51
N ILE A 423 -16.47 -13.84 22.49
CA ILE A 423 -17.15 -12.92 21.60
C ILE A 423 -16.34 -11.63 21.64
N ASP A 424 -16.52 -10.78 20.65
CA ASP A 424 -16.04 -9.41 20.75
C ASP A 424 -17.23 -8.47 20.61
N ALA A 425 -17.03 -7.24 21.06
CA ALA A 425 -18.02 -6.19 20.89
C ALA A 425 -17.58 -5.19 19.82
N THR A 426 -16.40 -4.59 19.98
CA THR A 426 -15.92 -3.56 19.06
C THR A 426 -15.74 -4.10 17.65
N HIS A 427 -15.29 -5.34 17.54
CA HIS A 427 -15.16 -5.94 16.22
C HIS A 427 -16.44 -6.70 15.85
N THR A 428 -17.58 -6.04 16.06
CA THR A 428 -18.84 -6.42 15.43
C THR A 428 -19.50 -5.25 14.74
N ASP A 429 -19.16 -4.01 15.09
CA ASP A 429 -19.70 -2.83 14.43
C ASP A 429 -19.35 -2.81 12.96
N ILE A 430 -18.21 -3.37 12.58
CA ILE A 430 -17.82 -3.44 11.18
C ILE A 430 -18.75 -4.38 10.43
N ASN A 431 -19.03 -5.55 10.99
CA ASN A 431 -19.95 -6.45 10.31
C ASN A 431 -21.40 -6.01 10.43
N MET A 432 -21.76 -5.30 11.50
CA MET A 432 -23.10 -4.74 11.56
C MET A 432 -23.30 -3.66 10.51
N GLY A 433 -22.26 -2.85 10.26
CA GLY A 433 -22.37 -1.83 9.23
C GLY A 433 -22.40 -2.48 7.85
N ASN A 434 -21.59 -3.51 7.64
CA ASN A 434 -21.61 -4.23 6.38
C ASN A 434 -22.89 -5.03 6.21
N TYR A 435 -23.65 -5.24 7.29
CA TYR A 435 -25.00 -5.77 7.18
C TYR A 435 -26.00 -4.69 6.80
N PHE A 436 -26.02 -3.59 7.57
CA PHE A 436 -27.11 -2.64 7.40
C PHE A 436 -26.97 -1.78 6.18
N LYS A 437 -25.76 -1.35 5.83
CA LYS A 437 -25.59 -0.63 4.58
C LYS A 437 -25.89 -1.52 3.40
N SER A 438 -25.60 -2.82 3.52
CA SER A 438 -26.00 -3.76 2.49
C SER A 438 -27.51 -3.85 2.37
N LEU A 439 -28.22 -3.85 3.50
CA LEU A 439 -29.67 -3.90 3.46
C LEU A 439 -30.26 -2.63 2.85
N ILE A 440 -29.66 -1.48 3.15
CA ILE A 440 -30.12 -0.23 2.57
C ILE A 440 -29.87 -0.20 1.06
N VAL A 441 -28.74 -0.75 0.62
CA VAL A 441 -28.47 -0.84 -0.82
C VAL A 441 -29.46 -1.77 -1.49
N ARG A 442 -29.77 -2.91 -0.87
CA ARG A 442 -30.78 -3.83 -1.39
C ARG A 442 -32.15 -3.19 -1.44
N GLU A 443 -32.44 -2.28 -0.53
CA GLU A 443 -33.72 -1.59 -0.57
C GLU A 443 -33.72 -0.50 -1.62
N MET A 444 -32.55 0.03 -1.98
CA MET A 444 -32.47 1.24 -2.80
C MET A 444 -33.01 1.01 -4.21
N ALA A 445 -32.63 -0.09 -4.85
CA ALA A 445 -33.29 -0.53 -6.05
C ALA A 445 -34.20 -1.70 -5.70
N GLN A 446 -35.36 -1.77 -6.33
CA GLN A 446 -36.37 -2.77 -6.00
C GLN A 446 -35.93 -4.13 -6.54
N VAL A 447 -35.11 -4.80 -5.75
CA VAL A 447 -34.61 -6.12 -6.05
C VAL A 447 -34.94 -7.05 -4.90
N HIS A 448 -34.62 -8.33 -5.08
CA HIS A 448 -34.80 -9.31 -4.03
C HIS A 448 -33.67 -10.32 -4.12
N SER A 449 -33.67 -11.27 -3.17
CA SER A 449 -32.89 -12.50 -3.26
C SER A 449 -31.38 -12.29 -3.36
N TRP A 450 -30.72 -12.00 -2.21
CA TRP A 450 -29.30 -11.65 -2.08
C TRP A 450 -28.36 -12.45 -2.96
N ALA A 451 -27.71 -11.76 -3.89
CA ALA A 451 -26.90 -12.39 -4.92
C ALA A 451 -26.21 -11.29 -5.71
N LYS A 452 -25.44 -11.67 -6.70
CA LYS A 452 -25.07 -10.79 -7.79
C LYS A 452 -25.38 -11.55 -9.08
N THR A 453 -26.64 -11.45 -9.49
CA THR A 453 -27.11 -12.08 -10.71
C THR A 453 -26.82 -11.13 -11.87
N ALA A 454 -26.65 -11.69 -13.07
CA ALA A 454 -26.20 -10.92 -14.23
C ALA A 454 -27.19 -9.86 -14.68
N ASN A 455 -28.46 -9.93 -14.26
CA ASN A 455 -29.41 -8.86 -14.50
C ASN A 455 -29.80 -8.11 -13.23
N VAL A 456 -29.17 -8.41 -12.10
CA VAL A 456 -29.50 -7.76 -10.85
C VAL A 456 -28.32 -6.95 -10.30
N LYS A 457 -27.09 -7.45 -10.46
CA LYS A 457 -25.95 -6.79 -9.84
C LYS A 457 -25.59 -5.48 -10.51
N LYS A 458 -26.03 -5.24 -11.74
CA LYS A 458 -25.87 -3.92 -12.33
C LYS A 458 -26.70 -2.89 -11.55
N GLN A 459 -27.96 -3.25 -11.25
CA GLN A 459 -28.81 -2.40 -10.40
C GLN A 459 -28.19 -2.23 -9.02
N ILE A 460 -27.62 -3.31 -8.48
CA ILE A 460 -27.03 -3.28 -7.14
C ILE A 460 -25.85 -2.32 -7.10
N VAL A 461 -24.91 -2.47 -8.04
CA VAL A 461 -23.69 -1.66 -8.04
C VAL A 461 -24.02 -0.20 -8.35
N ASP A 462 -24.97 0.04 -9.26
CA ASP A 462 -25.32 1.41 -9.59
C ASP A 462 -26.02 2.11 -8.43
N ALA A 463 -26.91 1.40 -7.73
CA ALA A 463 -27.54 1.97 -6.56
C ALA A 463 -26.54 2.17 -5.44
N GLU A 464 -25.54 1.30 -5.33
CA GLU A 464 -24.54 1.47 -4.30
C GLU A 464 -23.66 2.68 -4.58
N SER A 465 -23.33 2.91 -5.85
CA SER A 465 -22.57 4.10 -6.22
C SER A 465 -23.38 5.38 -5.99
N LYS A 466 -24.69 5.31 -6.26
CA LYS A 466 -25.57 6.45 -5.96
C LYS A 466 -25.64 6.73 -4.47
N LEU A 467 -25.72 5.67 -3.66
CA LEU A 467 -25.73 5.86 -2.21
C LEU A 467 -24.40 6.40 -1.72
N ASP A 468 -23.30 5.99 -2.34
CA ASP A 468 -21.99 6.50 -1.95
C ASP A 468 -21.87 7.99 -2.25
N LYS A 469 -22.32 8.41 -3.43
CA LYS A 469 -22.22 9.83 -3.77
C LYS A 469 -23.18 10.66 -2.93
N HIS A 470 -24.38 10.14 -2.66
CA HIS A 470 -25.34 10.89 -1.85
C HIS A 470 -24.89 10.99 -0.39
N LEU A 471 -24.28 9.93 0.13
CA LEU A 471 -23.74 10.03 1.48
C LEU A 471 -22.51 10.92 1.50
N LYS A 472 -21.78 11.02 0.38
CA LYS A 472 -20.67 11.94 0.32
C LYS A 472 -21.14 13.39 0.32
N GLU A 473 -22.29 13.67 -0.31
CA GLU A 473 -22.77 15.05 -0.39
C GLU A 473 -23.25 15.61 0.93
N SER A 474 -23.34 14.81 1.99
CA SER A 474 -23.63 15.34 3.33
C SER A 474 -22.70 14.81 4.41
N LEU A 475 -22.05 13.67 4.21
CA LEU A 475 -21.19 13.07 5.21
C LEU A 475 -19.97 12.51 4.49
N GLY A 476 -19.23 11.62 5.14
CA GLY A 476 -18.03 11.10 4.53
C GLY A 476 -18.01 9.59 4.36
N LEU A 477 -17.79 9.14 3.12
CA LEU A 477 -17.37 7.76 2.85
C LEU A 477 -16.47 7.81 1.62
N ASN A 478 -15.19 7.84 1.86
CA ASN A 478 -14.34 7.65 0.71
C ASN A 478 -14.27 6.17 0.29
N PRO A 479 -13.83 5.20 1.11
CA PRO A 479 -13.51 3.87 0.56
C PRO A 479 -14.76 3.05 0.27
N THR A 480 -14.52 1.84 -0.21
CA THR A 480 -15.58 0.87 -0.45
C THR A 480 -15.41 -0.37 0.41
N LEU A 481 -14.25 -1.01 0.35
CA LEU A 481 -13.98 -2.22 1.11
C LEU A 481 -13.23 -1.88 2.38
N MET A 482 -13.30 -2.81 3.33
CA MET A 482 -12.61 -2.75 4.62
C MET A 482 -13.00 -1.50 5.40
N MET A 483 -14.26 -1.52 5.84
CA MET A 483 -14.84 -0.46 6.65
C MET A 483 -14.05 -0.23 7.92
N ALA A 484 -14.12 1.00 8.41
CA ALA A 484 -13.46 1.37 9.65
C ALA A 484 -14.49 1.70 10.73
N GLY A 485 -14.05 1.57 11.98
CA GLY A 485 -14.94 1.78 13.10
C GLY A 485 -15.41 3.21 13.24
N ASN A 486 -14.62 4.18 12.76
CA ASN A 486 -15.12 5.54 12.70
C ASN A 486 -16.21 5.68 11.66
N TYR A 487 -16.15 4.91 10.58
CA TYR A 487 -17.26 4.88 9.64
C TYR A 487 -18.43 4.08 10.20
N ALA A 488 -18.17 3.19 11.15
CA ALA A 488 -19.26 2.44 11.75
C ALA A 488 -20.11 3.33 12.66
N ARG A 489 -19.46 4.14 13.49
CA ARG A 489 -20.21 4.87 14.51
C ARG A 489 -21.04 6.00 13.95
N GLU A 490 -20.79 6.41 12.70
CA GLU A 490 -21.69 7.37 12.09
C GLU A 490 -23.02 6.73 11.73
N LEU A 491 -23.02 5.45 11.39
CA LEU A 491 -24.21 4.74 10.97
C LEU A 491 -25.11 4.33 12.12
N PHE A 492 -24.77 4.66 13.36
CA PHE A 492 -25.63 4.32 14.49
C PHE A 492 -25.85 5.48 15.44
N LYS A 493 -25.38 6.67 15.09
CA LYS A 493 -25.60 7.83 15.93
C LYS A 493 -27.09 8.20 15.87
N ALA A 494 -27.56 8.85 16.94
CA ALA A 494 -28.98 9.12 17.08
C ALA A 494 -29.50 10.07 16.01
N GLU A 495 -28.65 10.96 15.51
CA GLU A 495 -29.01 11.81 14.39
C GLU A 495 -28.69 11.10 13.08
N HIS A 496 -28.78 11.86 11.98
CA HIS A 496 -28.38 11.45 10.62
C HIS A 496 -29.17 10.26 10.10
N ALA A 497 -30.27 9.91 10.75
CA ALA A 497 -31.04 8.75 10.33
C ALA A 497 -31.82 9.05 9.07
N ASP A 498 -32.33 10.27 8.94
CA ASP A 498 -33.06 10.65 7.75
C ASP A 498 -32.14 10.78 6.54
N LYS A 499 -30.89 11.16 6.77
CA LYS A 499 -29.95 11.30 5.67
C LYS A 499 -29.53 9.95 5.11
N LEU A 500 -29.63 8.89 5.89
CA LEU A 500 -29.27 7.57 5.42
C LEU A 500 -30.38 6.89 4.64
N VAL A 501 -31.57 7.49 4.59
CA VAL A 501 -32.71 6.84 3.96
C VAL A 501 -33.39 7.79 2.99
N ALA A 502 -32.74 8.93 2.70
CA ALA A 502 -33.43 10.01 2.01
C ALA A 502 -33.67 9.70 0.55
N LEU A 503 -32.86 8.83 -0.05
CA LEU A 503 -33.14 8.43 -1.42
C LEU A 503 -34.21 7.36 -1.51
N VAL A 504 -34.51 6.67 -0.40
CA VAL A 504 -35.48 5.61 -0.44
C VAL A 504 -36.88 6.24 -0.49
N ASP A 505 -37.57 6.07 -1.61
CA ASP A 505 -38.97 6.45 -1.71
C ASP A 505 -39.84 5.34 -1.14
N LYS A 506 -41.17 5.39 -1.42
CA LYS A 506 -42.19 4.52 -0.86
C LYS A 506 -42.13 4.53 0.66
N PRO A 507 -42.64 5.58 1.31
CA PRO A 507 -42.25 5.91 2.69
C PRO A 507 -42.60 4.88 3.76
N ASP A 508 -43.39 3.85 3.45
CA ASP A 508 -43.61 2.80 4.44
C ASP A 508 -42.34 1.98 4.67
N ARG A 509 -41.64 1.63 3.59
CA ARG A 509 -40.34 0.97 3.73
C ARG A 509 -39.32 1.89 4.38
N LYS A 510 -39.43 3.20 4.12
CA LYS A 510 -38.56 4.16 4.79
C LYS A 510 -38.80 4.16 6.30
N SER A 511 -40.07 4.15 6.71
CA SER A 511 -40.38 4.14 8.13
C SER A 511 -39.94 2.85 8.80
N ALA A 512 -40.11 1.72 8.11
CA ALA A 512 -39.68 0.46 8.68
C ALA A 512 -38.15 0.36 8.76
N LEU A 513 -37.47 0.90 7.75
CA LEU A 513 -36.01 0.87 7.73
C LEU A 513 -35.42 1.74 8.82
N VAL A 514 -36.04 2.89 9.09
CA VAL A 514 -35.59 3.70 10.22
C VAL A 514 -35.97 3.04 11.53
N GLU A 515 -37.11 2.34 11.57
CA GLU A 515 -37.58 1.74 12.81
C GLU A 515 -36.67 0.60 13.26
N VAL A 516 -36.19 -0.21 12.32
CA VAL A 516 -35.30 -1.30 12.68
C VAL A 516 -33.98 -0.78 13.22
N LEU A 517 -33.45 0.26 12.58
CA LEU A 517 -32.26 0.91 13.10
C LEU A 517 -32.50 1.56 14.46
N ALA A 518 -33.72 2.06 14.68
CA ALA A 518 -34.03 2.69 15.96
C ALA A 518 -34.08 1.67 17.08
N LYS A 519 -34.62 0.48 16.77
CA LYS A 519 -34.51 -0.64 17.69
C LYS A 519 -33.05 -0.99 17.96
N PHE A 520 -32.23 -0.91 16.92
CA PHE A 520 -30.82 -1.25 17.07
C PHE A 520 -30.09 -0.25 17.95
N ARG A 521 -30.39 1.06 17.80
CA ARG A 521 -29.82 2.06 18.71
C ARG A 521 -30.30 1.84 20.14
N GLN A 522 -31.60 1.57 20.32
CA GLN A 522 -32.18 1.43 21.65
C GLN A 522 -31.57 0.26 22.39
N LEU A 523 -31.29 -0.82 21.67
CA LEU A 523 -30.81 -2.04 22.30
C LEU A 523 -29.33 -2.27 22.04
N ARG A 524 -28.63 -1.28 21.49
CA ARG A 524 -27.19 -1.39 21.24
C ARG A 524 -26.39 -1.09 22.49
N LYS A 525 -27.01 -0.41 23.47
CA LYS A 525 -26.30 0.03 24.65
C LYS A 525 -25.88 -1.12 25.56
N VAL A 526 -26.40 -2.33 25.33
CA VAL A 526 -25.97 -3.49 26.10
C VAL A 526 -24.51 -3.78 25.85
N TYR A 527 -24.14 -4.05 24.62
CA TYR A 527 -22.72 -4.20 24.36
C TYR A 527 -22.11 -2.82 24.11
N ARG A 528 -20.77 -2.77 24.16
CA ARG A 528 -19.96 -1.55 24.23
C ARG A 528 -20.35 -0.64 25.39
N ALA A 529 -20.90 -1.21 26.45
CA ALA A 529 -20.96 -0.58 27.75
C ALA A 529 -19.93 -1.28 28.62
N ASN A 530 -19.12 -0.48 29.32
CA ASN A 530 -18.00 -1.09 30.06
C ASN A 530 -18.50 -1.88 31.26
N TRP A 531 -19.46 -1.35 32.00
CA TRP A 531 -20.02 -2.08 33.12
C TRP A 531 -21.54 -2.01 33.14
N PRO A 532 -22.22 -2.88 32.41
CA PRO A 532 -23.55 -3.30 32.81
C PRO A 532 -23.46 -4.21 34.03
N LEU A 533 -24.63 -4.46 34.61
CA LEU A 533 -24.93 -4.91 35.98
C LEU A 533 -24.62 -3.82 37.01
N ASN A 534 -24.17 -2.65 36.57
CA ASN A 534 -24.07 -1.47 37.41
C ASN A 534 -24.78 -0.30 36.73
N ASP A 535 -25.43 -0.55 35.61
CA ASP A 535 -26.24 0.41 34.88
C ASP A 535 -27.14 -0.38 33.95
N MET A 536 -28.30 0.21 33.65
CA MET A 536 -29.22 -0.25 32.60
C MET A 536 -29.74 -1.66 32.87
N SER A 537 -29.91 -2.02 34.15
CA SER A 537 -30.10 -3.41 34.54
C SER A 537 -31.46 -3.96 34.12
N ASP A 538 -32.46 -3.10 33.92
CA ASP A 538 -33.72 -3.60 33.37
C ASP A 538 -33.57 -3.96 31.90
N GLU A 539 -32.76 -3.20 31.17
CA GLU A 539 -32.42 -3.59 29.82
C GLU A 539 -31.61 -4.88 29.81
N VAL A 540 -30.78 -5.08 30.84
CA VAL A 540 -30.01 -6.33 30.95
C VAL A 540 -30.93 -7.50 31.22
N ARG A 541 -31.99 -7.30 31.99
CA ARG A 541 -32.91 -8.39 32.28
C ARG A 541 -34.02 -8.53 31.25
N GLN A 542 -34.13 -7.62 30.29
CA GLN A 542 -35.11 -7.81 29.22
C GLN A 542 -34.51 -7.89 27.82
N TYR A 543 -33.17 -7.89 27.69
CA TYR A 543 -32.54 -7.80 26.38
C TYR A 543 -32.80 -9.03 25.52
N LYS A 544 -33.03 -10.20 26.13
CA LYS A 544 -33.30 -11.37 25.30
C LYS A 544 -34.65 -11.25 24.58
N ALA A 545 -35.69 -10.84 25.31
CA ALA A 545 -36.98 -10.61 24.67
C ALA A 545 -36.94 -9.41 23.73
N LYS A 546 -36.15 -8.38 24.07
CA LYS A 546 -36.03 -7.23 23.19
C LYS A 546 -35.32 -7.59 21.88
N ALA A 547 -34.31 -8.45 21.95
CA ALA A 547 -33.62 -8.87 20.75
C ALA A 547 -34.44 -9.85 19.93
N VAL A 548 -35.26 -10.66 20.60
CA VAL A 548 -36.22 -11.49 19.88
C VAL A 548 -37.21 -10.61 19.13
N GLU A 549 -37.62 -9.49 19.74
CA GLU A 549 -38.47 -8.53 19.02
C GLU A 549 -37.72 -7.88 17.87
N MET A 550 -36.42 -7.61 18.04
CA MET A 550 -35.67 -6.97 16.97
C MET A 550 -35.49 -7.91 15.79
N ALA A 551 -35.25 -9.20 16.07
CA ALA A 551 -35.21 -10.17 14.99
C ALA A 551 -36.60 -10.40 14.40
N ASN A 552 -37.64 -10.19 15.21
CA ASN A 552 -39.00 -10.29 14.71
C ASN A 552 -39.31 -9.16 13.74
N ASP A 553 -38.70 -7.99 13.94
CA ASP A 553 -38.91 -6.88 13.02
C ASP A 553 -38.30 -7.17 11.66
N LEU A 554 -37.15 -7.83 11.63
CA LEU A 554 -36.60 -8.30 10.38
C LEU A 554 -37.45 -9.41 9.79
N LYS A 555 -38.12 -10.16 10.66
CA LYS A 555 -38.82 -11.36 10.24
C LYS A 555 -40.05 -11.05 9.42
N THR A 556 -40.74 -9.95 9.73
CA THR A 556 -42.02 -9.65 9.08
C THR A 556 -41.92 -8.57 8.02
N HIS A 557 -41.11 -7.56 8.22
CA HIS A 557 -40.97 -6.50 7.22
C HIS A 557 -39.96 -6.82 6.14
N PHE A 558 -39.34 -7.99 6.19
CA PHE A 558 -38.37 -8.39 5.18
C PHE A 558 -38.47 -9.88 4.92
N PRO A 559 -38.72 -10.29 3.68
CA PRO A 559 -38.69 -11.72 3.36
C PRO A 559 -37.30 -12.27 3.08
N TYR A 560 -36.26 -11.45 3.21
CA TYR A 560 -34.91 -11.89 2.86
C TYR A 560 -34.35 -12.81 3.92
N ALA A 561 -34.18 -12.27 5.13
CA ALA A 561 -33.60 -12.88 6.32
C ALA A 561 -32.27 -13.59 6.09
N PRO A 562 -31.16 -12.87 5.87
CA PRO A 562 -29.87 -13.54 6.01
C PRO A 562 -29.36 -13.41 7.44
N CYS A 563 -28.88 -14.53 7.98
CA CYS A 563 -28.36 -14.56 9.34
C CYS A 563 -26.85 -14.75 9.24
N THR A 564 -26.10 -13.67 9.35
CA THR A 564 -24.65 -13.78 9.28
C THR A 564 -24.10 -14.20 10.63
N ASN A 565 -22.77 -14.34 10.69
CA ASN A 565 -22.10 -14.92 11.86
C ASN A 565 -22.13 -14.02 13.07
N TYR A 566 -22.67 -12.81 12.99
CA TYR A 566 -22.78 -11.97 14.16
C TYR A 566 -24.19 -11.69 14.63
N LEU A 567 -25.21 -11.89 13.78
CA LEU A 567 -26.57 -11.75 14.29
C LEU A 567 -26.89 -12.84 15.29
N HIS A 568 -26.36 -14.05 15.09
CA HIS A 568 -26.52 -15.11 16.07
C HIS A 568 -25.72 -14.83 17.34
N LYS A 569 -24.71 -13.99 17.25
CA LYS A 569 -24.02 -13.48 18.43
C LYS A 569 -24.61 -12.19 18.96
N VAL A 570 -25.83 -11.84 18.55
CA VAL A 570 -26.56 -10.71 19.11
C VAL A 570 -27.91 -11.14 19.65
N ILE A 571 -28.70 -11.83 18.84
CA ILE A 571 -30.04 -12.23 19.26
C ILE A 571 -30.03 -13.42 20.21
N GLU A 572 -28.87 -14.01 20.44
CA GLU A 572 -28.68 -14.96 21.50
C GLU A 572 -27.25 -14.74 21.97
N HIS A 573 -26.81 -15.54 22.96
CA HIS A 573 -25.42 -15.60 23.44
C HIS A 573 -24.95 -14.28 24.04
N VAL A 574 -25.86 -13.40 24.42
CA VAL A 574 -25.53 -12.15 25.08
C VAL A 574 -26.25 -12.02 26.42
N GLN A 575 -27.54 -12.35 26.44
CA GLN A 575 -28.31 -12.37 27.68
C GLN A 575 -27.74 -13.36 28.68
N GLU A 576 -27.63 -14.63 28.28
CA GLU A 576 -27.10 -15.64 29.19
C GLU A 576 -25.62 -15.45 29.42
N LEU A 577 -24.92 -14.84 28.47
CA LEU A 577 -23.49 -14.64 28.62
C LEU A 577 -23.20 -13.63 29.72
N ILE A 578 -23.91 -12.50 29.72
CA ILE A 578 -23.79 -11.55 30.81
C ILE A 578 -24.42 -12.11 32.08
N GLU A 579 -25.49 -12.87 31.95
CA GLU A 579 -26.22 -13.42 33.09
C GLU A 579 -25.43 -14.49 33.82
N HIS A 580 -24.43 -15.08 33.16
CA HIS A 580 -23.80 -16.31 33.62
C HIS A 580 -23.05 -16.11 34.93
N PRO A 581 -23.15 -17.05 35.86
CA PRO A 581 -22.41 -16.90 37.12
C PRO A 581 -20.92 -17.12 36.95
N SER A 582 -20.16 -16.45 37.81
CA SER A 582 -18.70 -16.55 37.96
C SER A 582 -17.94 -16.09 36.73
N GLY A 583 -18.60 -15.43 35.79
CA GLY A 583 -17.89 -14.82 34.69
C GLY A 583 -17.46 -13.42 35.08
N VAL A 584 -17.75 -12.44 34.24
CA VAL A 584 -17.54 -11.05 34.55
C VAL A 584 -18.86 -10.30 34.63
N GLY A 585 -19.70 -10.46 33.60
CA GLY A 585 -21.02 -9.87 33.60
C GLY A 585 -21.17 -8.77 32.58
N SER A 586 -20.45 -8.88 31.46
CA SER A 586 -20.42 -7.85 30.43
C SER A 586 -19.74 -8.43 29.21
N VAL A 587 -19.68 -7.64 28.15
CA VAL A 587 -18.85 -7.93 27.00
C VAL A 587 -18.04 -6.70 26.61
N GLY A 588 -18.48 -5.53 27.06
CA GLY A 588 -17.93 -4.30 26.53
C GLY A 588 -16.52 -4.02 27.00
N ALA A 589 -16.29 -4.10 28.30
CA ALA A 589 -14.94 -3.96 28.81
C ALA A 589 -14.07 -5.18 28.52
N LEU A 590 -14.67 -6.27 28.06
CA LEU A 590 -13.95 -7.48 27.68
C LEU A 590 -13.57 -7.48 26.21
N SER A 591 -13.62 -6.34 25.55
CA SER A 591 -13.48 -6.31 24.10
C SER A 591 -12.01 -6.34 23.70
N SER A 592 -11.74 -6.06 22.42
CA SER A 592 -10.42 -6.27 21.84
C SER A 592 -9.99 -5.05 21.04
N GLU A 593 -10.13 -3.86 21.61
CA GLU A 593 -9.61 -2.69 20.92
C GLU A 593 -8.25 -2.26 21.44
N GLY A 594 -7.92 -2.66 22.68
CA GLY A 594 -6.64 -2.29 23.26
C GLY A 594 -5.44 -2.88 22.55
N ASN A 595 -5.62 -4.03 21.88
CA ASN A 595 -4.55 -4.51 21.03
C ASN A 595 -4.41 -3.64 19.79
N GLU A 596 -5.53 -3.22 19.21
CA GLU A 596 -5.50 -2.69 17.85
C GLU A 596 -4.89 -1.31 17.80
N ALA A 597 -5.25 -0.44 18.75
CA ALA A 597 -4.53 0.82 18.89
C ALA A 597 -3.10 0.57 19.30
N GLY A 598 -2.86 -0.52 20.04
CA GLY A 598 -1.50 -0.97 20.27
C GLY A 598 -0.76 -1.28 18.99
N ASN A 599 -1.46 -1.82 17.99
CA ASN A 599 -0.85 -2.02 16.70
C ASN A 599 -0.50 -0.70 16.03
N LYS A 600 -1.28 0.35 16.30
CA LYS A 600 -0.91 1.69 15.85
C LYS A 600 0.38 2.14 16.48
N LEU A 601 0.67 1.65 17.68
CA LEU A 601 1.95 1.95 18.29
C LEU A 601 3.05 1.06 17.75
N PHE A 602 2.70 -0.13 17.25
CA PHE A 602 3.72 -1.12 16.92
C PHE A 602 4.53 -0.73 15.71
N ARG A 603 3.88 -0.24 14.66
CA ARG A 603 4.64 0.41 13.59
C ARG A 603 5.36 1.62 14.13
N GLN A 604 4.69 2.37 14.99
CA GLN A 604 5.21 3.65 15.46
C GLN A 604 6.42 3.44 16.35
N LEU A 605 6.47 2.35 17.08
CA LEU A 605 7.67 2.06 17.85
C LEU A 605 8.71 1.27 17.07
N ARG A 606 8.45 0.94 15.81
CA ARG A 606 9.47 0.24 15.03
C ARG A 606 9.91 1.01 13.81
N LEU A 607 8.98 1.59 13.05
CA LEU A 607 9.32 2.25 11.80
C LEU A 607 10.06 3.54 12.09
N GLY A 608 11.38 3.43 12.24
CA GLY A 608 12.16 4.58 12.57
C GLY A 608 11.95 5.05 13.99
N HIS A 609 11.80 4.11 14.93
CA HIS A 609 11.90 4.44 16.34
C HIS A 609 12.97 3.65 17.07
N ALA A 610 12.98 2.34 16.91
CA ALA A 610 13.80 1.45 17.73
C ALA A 610 15.15 1.20 17.06
N ARG A 611 15.87 0.17 17.52
CA ARG A 611 17.13 -0.21 16.91
C ARG A 611 16.92 -0.66 15.48
N LYS A 612 17.77 -0.19 14.60
CA LYS A 612 17.67 -0.49 13.19
C LYS A 612 19.02 -1.00 12.73
N GLY A 613 19.01 -1.80 11.68
CA GLY A 613 20.21 -2.39 11.12
C GLY A 613 20.29 -3.89 11.27
N ASN A 614 19.48 -4.47 12.14
CA ASN A 614 19.50 -5.90 12.41
C ASN A 614 18.15 -6.24 13.02
N THR A 615 17.49 -7.25 12.44
CA THR A 615 16.07 -7.46 12.73
C THR A 615 15.83 -7.97 14.14
N TYR A 616 16.48 -9.07 14.50
CA TYR A 616 16.30 -9.65 15.83
C TYR A 616 16.82 -8.74 16.93
N ASN A 617 17.87 -7.98 16.68
CA ASN A 617 18.37 -7.07 17.71
C ASN A 617 17.49 -5.84 17.83
N GLY A 618 16.67 -5.54 16.83
CA GLY A 618 15.84 -4.35 16.87
C GLY A 618 14.46 -4.61 17.42
N LEU A 619 13.92 -5.78 17.12
CA LEU A 619 12.59 -6.08 17.61
C LEU A 619 12.58 -6.27 19.13
N ARG A 620 13.72 -6.71 19.68
CA ARG A 620 13.90 -6.75 21.12
C ARG A 620 13.80 -5.36 21.73
N ASP A 621 14.37 -4.38 21.06
CA ASP A 621 14.26 -3.04 21.59
C ASP A 621 12.90 -2.42 21.33
N VAL A 622 12.13 -2.96 20.38
CA VAL A 622 10.71 -2.61 20.34
C VAL A 622 10.03 -3.09 21.60
N LEU A 623 10.21 -4.37 21.92
CA LEU A 623 9.48 -5.00 23.02
C LEU A 623 9.87 -4.42 24.37
N CYS A 624 11.13 -4.04 24.54
CA CYS A 624 11.56 -3.51 25.83
C CYS A 624 10.90 -2.16 26.11
N THR A 625 10.94 -1.24 25.15
CA THR A 625 10.34 0.05 25.40
C THR A 625 8.81 -0.02 25.36
N HIS A 626 8.25 -1.01 24.69
CA HIS A 626 6.80 -1.16 24.73
C HIS A 626 6.33 -1.78 26.03
N TRP A 627 7.20 -2.54 26.70
CA TRP A 627 6.91 -2.97 28.06
C TRP A 627 7.05 -1.81 29.03
N LEU A 628 8.07 -0.98 28.84
CA LEU A 628 8.22 0.18 29.71
C LEU A 628 7.14 1.22 29.49
N TYR A 629 6.47 1.20 28.34
CA TYR A 629 5.47 2.22 28.01
C TYR A 629 4.23 2.11 28.87
N THR A 630 3.93 0.94 29.39
CA THR A 630 2.62 0.69 29.96
C THR A 630 2.65 0.33 31.44
N SER A 631 3.66 0.73 32.18
CA SER A 631 3.62 0.57 33.62
C SER A 631 2.76 1.66 34.24
N LYS A 632 1.83 1.25 35.09
CA LYS A 632 1.01 2.22 35.80
C LYS A 632 1.81 2.99 36.83
N THR A 633 2.91 2.40 37.32
CA THR A 633 3.84 3.11 38.18
C THR A 633 4.48 4.29 37.49
N LEU A 634 4.56 4.28 36.17
CA LEU A 634 5.03 5.45 35.45
C LEU A 634 3.93 6.46 35.19
N ARG A 635 2.78 6.00 34.69
CA ARG A 635 1.74 6.95 34.29
C ARG A 635 1.05 7.59 35.48
N ASP A 636 1.18 7.02 36.68
CA ASP A 636 0.77 7.75 37.87
C ASP A 636 1.79 8.78 38.29
N LYS A 637 3.04 8.64 37.86
CA LYS A 637 4.06 9.60 38.23
C LYS A 637 4.26 10.68 37.18
N ALA A 638 3.77 10.47 35.97
CA ALA A 638 3.91 11.45 34.90
C ALA A 638 2.54 11.92 34.44
N ALA A 639 2.51 13.14 33.90
CA ALA A 639 1.33 13.78 33.30
C ALA A 639 0.16 13.92 34.27
N UNK A 640 0.44 13.95 35.56
CA UNK A 640 -0.59 14.02 36.59
C UNK A 640 -0.43 15.36 37.29
N UNK A 641 -1.06 16.38 36.72
CA UNK A 641 -1.15 17.70 37.32
C UNK A 641 -2.62 18.05 37.49
N UNK A 642 -2.87 19.25 38.01
CA UNK A 642 -4.23 19.76 38.16
C UNK A 642 -4.43 20.92 37.19
N UNK A 643 -5.39 20.76 36.28
CA UNK A 643 -5.72 21.86 35.39
C UNK A 643 -6.44 22.96 36.16
N UNK A 644 -6.39 24.17 35.62
CA UNK A 644 -7.05 25.31 36.26
C UNK A 644 -8.56 25.15 36.13
N UNK A 645 -9.25 25.10 37.26
CA UNK A 645 -10.67 24.81 37.25
C UNK A 645 -11.46 26.01 36.74
N UNK A 646 -12.57 25.72 36.07
CA UNK A 646 -13.47 26.74 35.55
C UNK A 646 -14.91 26.34 35.83
N UNK A 647 -15.16 25.83 37.05
CA UNK A 647 -16.46 25.36 37.53
C UNK A 647 -17.04 24.25 36.65
N UNK A 648 -16.26 23.16 36.51
CA UNK A 648 -16.58 21.92 35.83
C UNK A 648 -16.81 22.07 34.32
N UNK A 649 -16.50 23.25 33.76
CA UNK A 649 -16.50 23.53 32.32
C UNK A 649 -17.86 23.29 31.66
N UNK A 650 -18.93 23.54 32.40
CA UNK A 650 -20.28 23.29 31.90
C UNK A 650 -21.05 24.58 31.65
N UNK A 651 -21.19 25.44 32.66
CA UNK A 651 -22.03 26.62 32.53
C UNK A 651 -21.64 27.65 33.58
N UNK A 652 -21.74 28.93 33.19
CA UNK A 652 -21.89 29.97 34.21
C UNK A 652 -23.35 30.03 34.61
N UNK A 653 -24.21 30.47 33.70
CA UNK A 653 -25.55 29.92 33.52
C UNK A 653 -25.93 30.18 32.05
N UNK A 654 -25.43 29.31 31.17
CA UNK A 654 -25.58 29.40 29.71
C UNK A 654 -24.84 28.26 29.02
N UNK A 655 -24.99 28.18 27.69
CA UNK A 655 -23.93 27.80 26.74
C UNK A 655 -23.36 26.40 27.02
N UNK A 656 -24.19 25.40 26.76
CA UNK A 656 -23.73 24.01 26.83
C UNK A 656 -22.57 23.74 25.86
N UNK A 657 -22.55 24.43 24.72
CA UNK A 657 -21.36 24.54 23.90
C UNK A 657 -20.75 25.92 24.11
N UNK A 658 -19.43 25.99 23.92
CA UNK A 658 -18.59 27.18 24.15
C UNK A 658 -18.76 27.75 25.56
N MET E 1 24.84 -48.96 -15.82
CA MET E 1 25.84 -47.93 -16.13
C MET E 1 25.87 -46.88 -15.04
N SER E 2 26.84 -47.01 -14.14
CA SER E 2 27.11 -45.94 -13.20
C SER E 2 27.94 -44.85 -13.87
N SER E 3 28.09 -43.73 -13.15
CA SER E 3 28.88 -42.56 -13.57
C SER E 3 28.34 -41.94 -14.86
N GLY E 4 27.03 -41.71 -14.89
CA GLY E 4 26.40 -41.06 -16.01
C GLY E 4 26.11 -39.61 -15.70
N PRO E 5 25.74 -38.83 -16.74
CA PRO E 5 25.66 -37.36 -16.61
C PRO E 5 24.57 -36.82 -15.70
N ILE E 6 24.46 -35.48 -15.72
CA ILE E 6 23.57 -34.77 -14.80
C ILE E 6 22.12 -35.10 -15.07
N PHE E 7 21.66 -34.84 -16.29
CA PHE E 7 20.24 -34.89 -16.69
C PHE E 7 19.39 -34.02 -15.76
N SER E 8 19.57 -32.72 -15.91
CA SER E 8 18.61 -31.78 -15.36
C SER E 8 17.33 -31.95 -16.17
N SER E 9 16.35 -32.65 -15.60
CA SER E 9 15.15 -32.99 -16.34
C SER E 9 14.28 -31.75 -16.56
N LEU E 10 13.31 -31.91 -17.46
CA LEU E 10 12.60 -30.77 -18.02
C LEU E 10 11.57 -30.22 -17.04
N VAL E 11 11.59 -28.90 -16.86
CA VAL E 11 10.78 -28.21 -15.88
C VAL E 11 9.34 -28.08 -16.36
N THR E 12 8.45 -27.68 -15.46
CA THR E 12 7.03 -27.55 -15.74
C THR E 12 6.69 -26.08 -15.96
N ASP E 13 5.94 -25.80 -17.02
CA ASP E 13 5.63 -24.43 -17.41
C ASP E 13 4.45 -23.82 -16.65
N SER E 14 3.85 -24.57 -15.72
CA SER E 14 2.64 -24.19 -14.98
C SER E 14 1.48 -23.85 -15.90
N SER E 15 1.42 -24.48 -17.08
CA SER E 15 0.36 -24.19 -18.03
C SER E 15 -0.89 -25.01 -17.76
N ARG E 16 -0.73 -26.26 -17.31
CA ARG E 16 -1.87 -27.08 -16.91
C ARG E 16 -1.73 -27.63 -15.49
N SER E 17 -0.80 -27.11 -14.70
CA SER E 17 -0.61 -27.52 -13.32
C SER E 17 -0.97 -26.37 -12.38
N SER E 18 -0.73 -26.58 -11.09
CA SER E 18 -0.99 -25.55 -10.10
C SER E 18 0.08 -24.47 -10.15
N ARG E 19 -0.06 -23.48 -9.27
CA ARG E 19 0.76 -22.26 -9.34
C ARG E 19 2.00 -22.41 -8.47
N LYS E 20 2.75 -23.49 -8.70
CA LYS E 20 3.96 -23.77 -7.93
C LYS E 20 5.17 -24.11 -8.78
N LYS E 21 5.02 -24.28 -10.11
CA LYS E 21 6.05 -24.77 -11.03
C LYS E 21 6.64 -26.12 -10.62
N SER E 22 5.83 -26.92 -9.90
CA SER E 22 6.22 -28.21 -9.30
C SER E 22 7.45 -28.08 -8.40
N ASP E 23 7.65 -26.90 -7.82
CA ASP E 23 8.82 -26.62 -7.00
C ASP E 23 8.59 -26.98 -5.54
N SER E 24 7.50 -27.69 -5.25
CA SER E 24 7.11 -28.01 -3.89
C SER E 24 7.67 -29.33 -3.43
N ALA E 25 8.86 -29.69 -3.90
CA ALA E 25 9.53 -30.91 -3.48
C ALA E 25 10.24 -30.77 -2.13
N LEU E 26 10.13 -29.61 -1.49
CA LEU E 26 10.66 -29.41 -0.15
C LEU E 26 9.86 -30.18 0.90
N GLY E 27 10.54 -30.94 1.73
CA GLY E 27 9.86 -31.65 2.80
C GLY E 27 8.99 -32.78 2.32
N THR E 28 9.46 -33.54 1.34
CA THR E 28 8.67 -34.60 0.74
C THR E 28 9.33 -35.95 0.96
N GLU E 29 8.50 -36.98 0.85
CA GLU E 29 8.83 -38.34 1.26
C GLU E 29 7.94 -39.25 0.44
N PHE E 30 8.50 -40.20 -0.31
CA PHE E 30 7.65 -41.02 -1.16
C PHE E 30 8.31 -42.35 -1.48
N THR E 31 7.59 -43.15 -2.26
CA THR E 31 8.10 -44.40 -2.81
C THR E 31 7.79 -44.50 -4.30
N VAL E 32 8.30 -45.57 -4.90
CA VAL E 32 8.28 -45.76 -6.35
C VAL E 32 8.57 -47.23 -6.62
N VAL E 33 7.85 -47.81 -7.59
CA VAL E 33 8.03 -49.20 -7.98
C VAL E 33 8.06 -49.28 -9.50
N CYS E 34 9.05 -49.99 -10.04
CA CYS E 34 9.00 -50.48 -11.42
C CYS E 34 7.81 -51.43 -11.55
N ASP E 35 6.75 -50.99 -12.21
CA ASP E 35 5.55 -51.79 -12.21
C ASP E 35 4.79 -51.58 -13.50
N ARG E 36 3.92 -52.55 -13.79
CA ARG E 36 3.19 -52.70 -15.04
C ARG E 36 2.02 -51.72 -15.14
N VAL E 37 1.11 -52.01 -16.07
CA VAL E 37 0.02 -51.13 -16.50
C VAL E 37 0.63 -49.80 -16.91
N PRO E 38 1.27 -49.71 -18.10
CA PRO E 38 1.85 -48.44 -18.53
C PRO E 38 0.79 -47.42 -18.88
N LEU E 39 0.13 -46.85 -17.86
CA LEU E 39 -0.96 -45.91 -18.08
C LEU E 39 -0.48 -44.52 -18.43
N ARG E 40 0.83 -44.29 -18.52
CA ARG E 40 1.37 -43.00 -18.92
C ARG E 40 2.08 -43.03 -20.27
N ASP E 41 2.32 -44.22 -20.82
CA ASP E 41 2.76 -44.42 -22.20
C ASP E 41 2.39 -45.83 -22.61
N PRO E 42 1.25 -46.02 -23.26
CA PRO E 42 0.87 -47.37 -23.71
C PRO E 42 1.68 -47.83 -24.91
N SER E 43 2.93 -48.20 -24.68
CA SER E 43 3.84 -48.64 -25.72
C SER E 43 4.37 -50.03 -25.38
N PRO E 44 4.69 -50.85 -26.38
CA PRO E 44 5.28 -52.17 -26.13
C PRO E 44 6.77 -52.15 -25.77
N THR E 45 7.34 -50.99 -25.48
CA THR E 45 8.76 -50.87 -25.19
C THR E 45 9.04 -50.26 -23.84
N VAL E 46 8.29 -49.21 -23.46
CA VAL E 46 8.65 -48.36 -22.33
C VAL E 46 8.19 -49.04 -21.05
N GLN E 47 9.08 -49.79 -20.41
CA GLN E 47 8.89 -50.16 -19.01
C GLN E 47 8.89 -48.91 -18.15
N ARG E 48 8.00 -48.85 -17.17
CA ARG E 48 7.77 -47.60 -16.47
C ARG E 48 7.81 -47.79 -14.96
N PHE E 49 8.63 -46.97 -14.30
CA PHE E 49 8.59 -46.79 -12.85
C PHE E 49 7.28 -46.12 -12.48
N LEU E 50 6.37 -46.84 -11.83
CA LEU E 50 5.17 -46.19 -11.34
C LEU E 50 5.47 -45.49 -10.03
N CYS E 51 4.86 -44.32 -9.81
CA CYS E 51 5.30 -43.54 -8.67
C CYS E 51 4.19 -42.61 -8.18
N PHE E 52 4.33 -42.23 -6.89
CA PHE E 52 3.48 -41.22 -6.24
C PHE E 52 4.40 -40.35 -5.40
N VAL E 53 4.92 -39.28 -6.02
CA VAL E 53 6.01 -38.51 -5.42
C VAL E 53 5.59 -37.72 -4.21
N PHE E 54 4.31 -37.46 -4.03
CA PHE E 54 3.87 -36.83 -2.80
C PHE E 54 3.17 -37.90 -1.96
N ASP E 55 3.67 -38.10 -0.76
CA ASP E 55 2.94 -38.78 0.31
C ASP E 55 3.29 -37.95 1.54
N ASN E 56 2.54 -36.88 1.77
CA ASN E 56 2.75 -36.04 2.93
C ASN E 56 1.47 -35.30 3.27
N GLY E 57 1.52 -34.55 4.37
CA GLY E 57 0.49 -33.62 4.73
C GLY E 57 1.00 -32.21 4.63
N SER E 58 1.41 -31.65 5.77
CA SER E 58 1.81 -30.25 5.89
C SER E 58 3.02 -29.88 5.05
N GLY E 59 3.70 -30.84 4.44
CA GLY E 59 4.78 -30.51 3.54
C GLY E 59 4.29 -29.87 2.26
N ALA E 60 3.27 -30.43 1.65
CA ALA E 60 2.89 -30.01 0.31
C ALA E 60 1.38 -30.19 0.15
N MET E 61 0.94 -30.28 -1.10
CA MET E 61 -0.34 -30.89 -1.41
C MET E 61 -0.32 -32.37 -0.98
N SER E 62 -1.51 -32.97 -0.89
CA SER E 62 -1.70 -34.22 -0.17
C SER E 62 -0.95 -35.38 -0.82
N THR E 63 -1.32 -35.74 -2.05
CA THR E 63 -0.58 -36.77 -2.76
C THR E 63 -0.56 -36.42 -4.24
N LEU E 64 0.40 -36.99 -4.95
CA LEU E 64 0.66 -36.63 -6.35
C LEU E 64 1.54 -37.68 -7.02
N PRO E 65 1.14 -38.19 -8.20
CA PRO E 65 2.05 -39.05 -8.98
C PRO E 65 2.99 -38.25 -9.85
N ILE E 66 3.78 -38.91 -10.68
CA ILE E 66 4.74 -38.21 -11.52
C ILE E 66 4.90 -38.98 -12.83
N ASP E 67 5.38 -38.28 -13.86
CA ASP E 67 5.61 -38.86 -15.17
C ASP E 67 7.03 -39.37 -15.31
N VAL E 68 7.48 -40.19 -14.35
CA VAL E 68 8.73 -40.92 -14.52
C VAL E 68 8.39 -42.10 -15.43
N GLY E 69 8.77 -41.98 -16.69
CA GLY E 69 8.38 -42.96 -17.68
C GLY E 69 9.42 -44.06 -17.75
N GLY E 70 10.11 -44.17 -18.87
CA GLY E 70 11.26 -45.05 -18.93
C GLY E 70 12.54 -44.26 -18.77
N GLU E 71 12.62 -43.12 -19.46
CA GLU E 71 13.84 -42.31 -19.53
C GLU E 71 13.62 -40.88 -19.06
N GLY E 72 12.57 -40.23 -19.55
CA GLY E 72 12.38 -38.81 -19.33
C GLY E 72 11.34 -38.50 -18.27
N ILE E 73 11.33 -37.22 -17.87
CA ILE E 73 10.53 -36.75 -16.75
C ILE E 73 9.72 -35.54 -17.19
N SER E 74 8.42 -35.57 -16.94
CA SER E 74 7.51 -34.49 -17.27
C SER E 74 6.39 -34.50 -16.23
N LEU E 75 5.27 -33.88 -16.56
CA LEU E 75 4.03 -34.08 -15.81
C LEU E 75 3.12 -35.04 -16.55
N SER E 76 2.32 -35.78 -15.78
CA SER E 76 1.24 -36.57 -16.37
C SER E 76 -0.05 -36.51 -15.57
N ASP E 77 -0.05 -36.02 -14.34
CA ASP E 77 -1.24 -36.00 -13.53
C ASP E 77 -1.06 -35.00 -12.40
N MET E 78 -2.18 -34.45 -11.93
CA MET E 78 -2.20 -33.57 -10.79
C MET E 78 -3.32 -34.02 -9.86
N LYS E 79 -2.95 -34.41 -8.64
CA LYS E 79 -3.90 -34.78 -7.61
C LYS E 79 -3.89 -33.77 -6.47
N GLU E 80 -4.99 -33.75 -5.74
CA GLU E 80 -5.04 -33.38 -4.33
C GLU E 80 -5.88 -34.41 -3.59
N VAL E 81 -5.75 -35.67 -4.02
CA VAL E 81 -6.58 -36.77 -3.54
C VAL E 81 -6.30 -37.02 -2.07
N LYS E 82 -7.38 -37.16 -1.28
CA LYS E 82 -7.36 -37.29 0.18
C LYS E 82 -6.66 -36.08 0.81
N ALA E 83 -7.31 -34.93 0.62
CA ALA E 83 -6.68 -33.62 0.78
C ALA E 83 -6.34 -33.36 2.25
N MET E 84 -5.05 -33.56 2.56
CA MET E 84 -4.29 -33.16 3.74
C MET E 84 -4.94 -33.29 5.12
N PRO E 85 -5.20 -34.48 5.62
CA PRO E 85 -5.14 -34.71 7.08
C PRO E 85 -3.83 -35.32 7.54
N HIS E 86 -2.87 -35.44 6.63
CA HIS E 86 -1.77 -36.39 6.76
C HIS E 86 -0.64 -35.90 7.64
N ILE E 87 0.49 -36.58 7.54
CA ILE E 87 1.57 -36.40 8.48
C ILE E 87 2.52 -35.32 8.01
N ALA E 88 3.35 -34.85 8.93
CA ALA E 88 4.46 -33.94 8.66
C ALA E 88 5.64 -34.71 8.12
N SER E 89 6.83 -34.12 8.19
CA SER E 89 8.03 -34.85 7.79
C SER E 89 8.23 -36.07 8.66
N GLY E 90 7.89 -37.22 8.12
CA GLY E 90 7.88 -38.46 8.87
C GLY E 90 8.78 -39.47 8.21
N CYS E 91 8.21 -40.58 7.79
CA CYS E 91 8.92 -41.55 6.99
C CYS E 91 8.04 -41.98 5.83
N THR E 92 8.54 -42.93 5.04
CA THR E 92 7.73 -43.55 4.00
C THR E 92 8.28 -44.96 3.83
N ALA E 93 7.62 -45.92 4.46
CA ALA E 93 8.29 -47.18 4.70
C ALA E 93 8.06 -48.16 3.56
N VAL E 94 8.40 -49.41 3.84
CA VAL E 94 8.31 -50.50 2.87
C VAL E 94 6.85 -50.85 2.61
N TRP E 95 6.57 -51.22 1.36
CA TRP E 95 5.25 -51.58 0.85
C TRP E 95 4.61 -52.70 1.68
N GLY E 96 3.29 -52.63 1.80
CA GLY E 96 2.56 -53.57 2.60
C GLY E 96 2.29 -54.86 1.85
N PRO E 97 1.56 -55.76 2.51
CA PRO E 97 1.28 -57.07 1.93
C PRO E 97 0.36 -56.95 0.73
N PRO E 98 0.61 -57.73 -0.32
CA PRO E 98 -0.26 -57.66 -1.50
C PRO E 98 -1.62 -58.30 -1.26
N LEU E 99 -2.58 -57.84 -2.02
CA LEU E 99 -3.99 -58.21 -1.94
C LEU E 99 -4.35 -59.14 -3.11
N PRO E 100 -5.51 -59.81 -3.05
CA PRO E 100 -5.95 -60.61 -4.22
C PRO E 100 -6.20 -59.74 -5.44
N PRO E 101 -5.75 -60.20 -6.61
CA PRO E 101 -5.76 -59.34 -7.80
C PRO E 101 -7.16 -59.16 -8.38
N LYS E 102 -7.25 -58.19 -9.27
CA LYS E 102 -8.49 -57.82 -9.95
C LYS E 102 -8.24 -57.76 -11.45
N PRO E 103 -9.28 -58.00 -12.26
CA PRO E 103 -9.11 -57.85 -13.72
C PRO E 103 -9.01 -56.42 -14.18
N GLY E 104 -7.81 -55.83 -14.07
CA GLY E 104 -7.58 -54.51 -14.65
C GLY E 104 -6.80 -53.56 -13.77
N LYS E 105 -6.51 -53.97 -12.53
CA LYS E 105 -5.88 -53.06 -11.59
C LYS E 105 -5.06 -53.85 -10.57
N ASP E 106 -4.13 -53.15 -9.92
CA ASP E 106 -3.20 -53.76 -8.97
C ASP E 106 -3.23 -53.00 -7.65
N THR E 107 -2.92 -53.72 -6.58
CA THR E 107 -3.11 -53.22 -5.22
C THR E 107 -1.77 -52.89 -4.57
N LYS E 108 -1.81 -51.90 -3.67
CA LYS E 108 -0.64 -51.40 -2.96
C LYS E 108 -1.04 -51.02 -1.54
N GLN E 109 -0.14 -51.23 -0.58
CA GLN E 109 -0.32 -50.80 0.80
C GLN E 109 0.90 -50.04 1.26
N VAL E 110 0.71 -48.79 1.69
CA VAL E 110 1.79 -47.91 2.10
C VAL E 110 1.72 -47.74 3.60
N ILE E 111 2.87 -47.87 4.26
CA ILE E 111 2.98 -47.60 5.69
C ILE E 111 3.69 -46.26 5.88
N LEU E 112 3.13 -45.41 6.72
CA LEU E 112 3.76 -44.17 7.11
C LEU E 112 3.91 -44.13 8.62
N TRP E 113 5.07 -43.65 9.09
CA TRP E 113 5.44 -43.71 10.49
C TRP E 113 6.24 -42.49 10.90
N GLY E 114 5.99 -41.99 12.12
CA GLY E 114 6.77 -40.93 12.70
C GLY E 114 6.45 -39.56 12.16
N GLY E 115 7.01 -38.52 12.76
CA GLY E 115 6.86 -37.20 12.20
C GLY E 115 6.45 -36.14 13.19
N LEU E 116 6.50 -34.89 12.76
CA LEU E 116 6.04 -33.79 13.59
C LEU E 116 4.55 -33.61 13.45
N ASP E 117 4.03 -32.54 14.03
CA ASP E 117 2.63 -32.18 13.94
C ASP E 117 2.53 -30.74 13.48
N LYS E 118 1.60 -30.49 12.57
CA LYS E 118 1.34 -29.13 12.12
C LYS E 118 0.44 -28.37 13.08
N ARG E 119 0.05 -28.97 14.21
CA ARG E 119 -0.93 -28.34 15.07
C ARG E 119 -0.51 -28.28 16.53
N ARG E 120 0.26 -29.25 16.99
CA ARG E 120 0.64 -29.28 18.40
C ARG E 120 2.10 -28.98 18.65
N TRP E 121 2.96 -29.14 17.64
CA TRP E 121 4.41 -28.92 17.70
C TRP E 121 5.04 -29.77 18.80
N CYS E 122 4.90 -31.07 18.63
CA CYS E 122 5.41 -32.05 19.58
C CYS E 122 5.58 -33.37 18.83
N CYS E 123 5.75 -34.44 19.58
CA CYS E 123 5.92 -35.76 19.03
C CYS E 123 4.65 -36.25 18.35
N SER E 124 4.79 -37.29 17.53
CA SER E 124 3.65 -38.02 16.98
C SER E 124 4.12 -39.40 16.54
N ASN E 125 3.32 -40.41 16.86
CA ASN E 125 3.59 -41.78 16.42
C ASN E 125 2.44 -42.30 15.58
N ASP E 126 2.06 -41.52 14.57
CA ASP E 126 0.95 -41.86 13.69
C ASP E 126 1.31 -43.04 12.80
N LEU E 127 1.02 -44.25 13.26
CA LEU E 127 1.06 -45.40 12.39
C LEU E 127 -0.09 -45.30 11.40
N THR E 128 0.24 -45.31 10.11
CA THR E 128 -0.73 -44.99 9.07
C THR E 128 -0.68 -46.02 7.96
N GLN E 129 -1.81 -46.64 7.69
CA GLN E 129 -1.96 -47.47 6.49
C GLN E 129 -2.72 -46.67 5.45
N VAL E 130 -2.20 -46.66 4.23
CA VAL E 130 -2.89 -46.04 3.11
C VAL E 130 -3.03 -47.08 2.01
N ASP E 131 -4.27 -47.34 1.60
CA ASP E 131 -4.55 -48.25 0.50
C ASP E 131 -4.48 -47.47 -0.80
N ILE E 132 -3.64 -47.95 -1.71
CA ILE E 132 -3.45 -47.37 -3.03
C ILE E 132 -3.76 -48.46 -4.05
N THR E 133 -4.51 -48.11 -5.08
CA THR E 133 -4.86 -49.06 -6.13
C THR E 133 -4.84 -48.33 -7.47
N ILE E 134 -4.23 -48.94 -8.47
CA ILE E 134 -4.02 -48.29 -9.76
C ILE E 134 -4.74 -49.08 -10.83
N THR E 135 -5.77 -48.49 -11.40
CA THR E 135 -6.36 -48.89 -12.67
C THR E 135 -5.85 -47.93 -13.74
N PRO E 136 -6.07 -48.21 -15.03
CA PRO E 136 -5.75 -47.19 -16.04
C PRO E 136 -6.58 -45.93 -15.91
N LYS E 137 -5.90 -44.80 -16.14
CA LYS E 137 -6.43 -43.45 -16.36
C LYS E 137 -6.97 -42.75 -15.12
N THR E 138 -7.06 -43.47 -14.00
CA THR E 138 -7.39 -42.89 -12.71
C THR E 138 -6.91 -43.85 -11.64
N THR E 139 -6.93 -43.38 -10.39
CA THR E 139 -6.69 -44.28 -9.27
C THR E 139 -7.74 -44.05 -8.20
N THR E 140 -7.55 -44.66 -7.05
CA THR E 140 -8.37 -44.41 -5.88
C THR E 140 -7.46 -44.40 -4.66
N ALA E 141 -8.05 -44.11 -3.51
CA ALA E 141 -7.28 -44.10 -2.27
C ALA E 141 -8.22 -44.39 -1.11
N LYS E 142 -7.65 -44.98 -0.06
CA LYS E 142 -8.34 -45.09 1.22
C LYS E 142 -7.35 -44.82 2.34
N VAL E 143 -7.87 -44.25 3.42
CA VAL E 143 -7.08 -43.84 4.56
C VAL E 143 -7.43 -44.76 5.73
N SER E 144 -6.40 -45.25 6.42
CA SER E 144 -6.59 -46.07 7.61
C SER E 144 -5.61 -45.56 8.65
N ILE E 145 -6.03 -44.56 9.40
CA ILE E 145 -5.24 -44.07 10.52
C ILE E 145 -5.42 -45.04 11.68
N LEU E 146 -4.34 -45.44 12.33
CA LEU E 146 -4.46 -46.28 13.50
C LEU E 146 -3.68 -45.66 14.65
N PRO E 147 -4.34 -45.07 15.63
CA PRO E 147 -3.64 -44.63 16.85
C PRO E 147 -3.33 -45.79 17.77
N ALA E 148 -2.89 -45.49 19.00
CA ALA E 148 -2.29 -46.46 19.91
C ALA E 148 -3.22 -47.56 20.42
N ASP E 149 -4.46 -47.60 19.95
CA ASP E 149 -5.40 -48.65 20.32
C ASP E 149 -4.93 -50.01 19.81
N LYS E 150 -4.62 -50.09 18.53
CA LYS E 150 -4.15 -51.33 17.93
C LYS E 150 -2.67 -51.54 18.14
N GLN E 151 -1.98 -50.65 18.84
CA GLN E 151 -0.54 -50.71 18.94
C GLN E 151 -0.12 -51.47 20.19
N ASP E 152 0.86 -52.35 20.01
CA ASP E 152 1.34 -53.21 21.08
C ASP E 152 2.84 -52.99 21.24
N GLY E 153 3.25 -52.63 22.45
CA GLY E 153 4.63 -52.26 22.67
C GLY E 153 4.95 -50.97 21.95
N VAL E 154 4.33 -49.88 22.39
CA VAL E 154 4.40 -48.60 21.70
C VAL E 154 5.78 -48.00 21.86
N PRO E 155 6.48 -47.72 20.77
CA PRO E 155 7.78 -47.04 20.87
C PRO E 155 7.56 -45.55 21.12
N SER E 156 8.63 -44.90 21.54
CA SER E 156 8.54 -43.49 21.84
C SER E 156 8.42 -42.70 20.54
N PRO E 157 7.46 -41.81 20.42
CA PRO E 157 7.37 -40.96 19.22
C PRO E 157 8.51 -39.96 19.16
N ARG E 158 8.95 -39.67 17.93
CA ARG E 158 10.30 -39.14 17.70
C ARG E 158 10.36 -38.44 16.35
N THR E 159 11.54 -37.88 16.03
CA THR E 159 11.65 -36.89 14.95
C THR E 159 11.72 -37.52 13.57
N GLY E 160 12.79 -38.25 13.27
CA GLY E 160 13.06 -38.49 11.87
C GLY E 160 14.05 -39.58 11.56
N HIS E 161 13.80 -40.26 10.44
CA HIS E 161 14.46 -41.49 10.05
C HIS E 161 13.96 -41.96 8.70
N THR E 162 14.50 -43.07 8.22
CA THR E 162 13.84 -43.87 7.21
C THR E 162 13.67 -45.28 7.75
N LEU E 163 12.93 -46.08 7.01
CA LEU E 163 12.55 -47.41 7.46
C LEU E 163 12.73 -48.40 6.32
N VAL E 164 13.35 -49.53 6.62
CA VAL E 164 13.58 -50.58 5.64
C VAL E 164 13.14 -51.90 6.23
N ALA E 165 12.87 -52.85 5.32
CA ALA E 165 12.30 -54.13 5.70
C ALA E 165 12.36 -55.09 4.52
N ILE E 166 12.41 -56.37 4.86
CA ILE E 166 12.06 -57.41 3.90
C ILE E 166 10.57 -57.25 3.58
N SER E 167 10.20 -57.57 2.33
CA SER E 167 8.94 -57.16 1.70
C SER E 167 7.68 -57.66 2.40
N SER E 168 7.77 -58.53 3.39
CA SER E 168 6.58 -58.94 4.11
C SER E 168 6.93 -59.16 5.57
N LEU E 169 6.24 -58.44 6.45
CA LEU E 169 5.97 -58.84 7.82
C LEU E 169 7.21 -58.86 8.71
N GLN E 170 8.30 -58.21 8.31
CA GLN E 170 9.53 -58.32 9.09
C GLN E 170 10.08 -56.97 9.51
N ALA E 171 11.31 -56.97 10.01
CA ALA E 171 11.81 -55.91 10.87
C ALA E 171 11.97 -54.58 10.16
N ILE E 172 11.60 -53.52 10.86
CA ILE E 172 11.51 -52.15 10.35
C ILE E 172 12.22 -51.28 11.40
N LEU E 173 13.21 -50.49 11.00
CA LEU E 173 14.28 -50.17 11.94
C LEU E 173 14.60 -48.68 12.14
N PHE E 174 14.95 -48.36 13.40
CA PHE E 174 15.81 -47.23 13.81
C PHE E 174 15.24 -45.86 13.45
N GLY E 175 14.21 -45.48 14.21
CA GLY E 175 13.79 -44.09 14.28
C GLY E 175 14.83 -43.09 14.80
N GLY E 176 14.49 -41.80 14.82
CA GLY E 176 15.41 -40.79 15.34
C GLY E 176 14.77 -39.79 16.30
N LEU E 177 15.40 -39.52 17.44
CA LEU E 177 14.69 -38.99 18.59
C LEU E 177 14.49 -37.49 18.53
N GLU E 178 13.59 -37.01 19.39
CA GLU E 178 13.38 -35.59 19.66
C GLU E 178 13.72 -35.29 21.11
N LEU E 179 14.42 -34.19 21.34
CA LEU E 179 14.43 -33.55 22.65
C LEU E 179 13.19 -32.67 22.72
N ALA E 180 12.06 -33.31 23.03
CA ALA E 180 10.76 -32.65 22.99
C ALA E 180 10.57 -31.72 24.18
N SER E 181 9.95 -30.57 23.90
CA SER E 181 9.56 -29.65 24.96
C SER E 181 8.17 -30.01 25.45
N ARG E 182 8.02 -30.04 26.77
CA ARG E 182 6.79 -30.39 27.44
C ARG E 182 6.41 -29.26 28.37
N HIS E 183 5.47 -29.51 29.27
CA HIS E 183 5.25 -28.60 30.37
C HIS E 183 6.48 -28.60 31.28
N ALA E 184 6.97 -27.39 31.60
CA ALA E 184 8.19 -27.16 32.40
C ALA E 184 9.42 -27.80 31.76
N ARG E 185 9.67 -27.47 30.49
CA ARG E 185 10.85 -27.96 29.79
C ARG E 185 11.54 -26.88 28.96
N LEU E 186 10.88 -25.73 28.71
CA LEU E 186 11.21 -24.81 27.62
C LEU E 186 12.61 -24.20 27.72
N GLY E 187 13.19 -24.15 28.92
CA GLY E 187 14.56 -23.70 29.07
C GLY E 187 15.52 -24.85 28.91
N THR E 188 16.50 -24.67 28.01
CA THR E 188 17.63 -25.57 27.77
C THR E 188 17.16 -26.97 27.38
N CYS E 189 16.55 -27.06 26.19
CA CYS E 189 16.22 -28.33 25.57
C CYS E 189 17.37 -28.91 24.76
N ALA E 190 18.61 -28.52 25.08
CA ALA E 190 19.80 -29.07 24.47
C ALA E 190 20.35 -30.29 25.22
N GLN E 191 19.49 -31.04 25.89
CA GLN E 191 19.90 -32.19 26.68
C GLN E 191 20.05 -33.41 25.77
N SER E 192 20.17 -34.59 26.38
CA SER E 192 20.39 -35.83 25.64
C SER E 192 19.58 -36.94 26.31
N CYS E 193 18.47 -37.32 25.69
CA CYS E 193 17.71 -38.50 26.05
C CYS E 193 17.86 -39.57 24.97
N LYS E 194 17.80 -40.83 25.38
CA LYS E 194 18.27 -41.91 24.52
C LYS E 194 17.38 -43.13 24.63
N ASP E 195 17.20 -43.82 23.50
CA ASP E 195 16.81 -45.23 23.53
C ASP E 195 17.80 -46.12 22.79
N GLY E 196 18.09 -45.82 21.51
CA GLY E 196 18.97 -46.58 20.66
C GLY E 196 18.71 -48.08 20.60
N TYR E 197 17.54 -48.49 20.11
CA TYR E 197 17.11 -49.87 20.19
C TYR E 197 16.71 -50.43 18.84
N PHE E 198 17.08 -51.69 18.61
CA PHE E 198 16.38 -52.51 17.64
C PHE E 198 14.90 -52.59 17.98
N TYR E 199 14.08 -52.77 16.93
CA TYR E 199 12.68 -53.16 17.10
C TYR E 199 12.21 -53.83 15.81
N LEU E 200 11.82 -55.09 15.91
CA LEU E 200 11.21 -55.80 14.79
C LEU E 200 9.73 -55.47 14.77
N LEU E 201 9.25 -54.99 13.64
CA LEU E 201 7.87 -54.54 13.49
C LEU E 201 7.18 -55.42 12.47
N ASP E 202 6.32 -56.32 12.96
CA ASP E 202 5.43 -57.04 12.06
C ASP E 202 4.46 -56.06 11.42
N MET E 203 4.27 -56.17 10.12
CA MET E 203 3.45 -55.20 9.42
C MET E 203 1.96 -55.41 9.71
N THR E 204 1.50 -56.65 9.74
CA THR E 204 0.09 -56.88 10.04
C THR E 204 -0.17 -56.76 11.54
N THR E 205 0.44 -57.63 12.33
CA THR E 205 0.31 -57.54 13.79
C THR E 205 1.11 -56.35 14.29
N LEU E 206 0.42 -55.33 14.78
CA LEU E 206 1.07 -54.06 15.12
C LEU E 206 1.80 -54.23 16.44
N ARG E 207 3.03 -54.74 16.36
CA ARG E 207 3.81 -55.07 17.55
C ARG E 207 5.28 -54.82 17.27
N TRP E 208 5.89 -53.97 18.10
CA TRP E 208 7.29 -53.58 17.94
C TRP E 208 8.14 -54.45 18.86
N ASN E 209 8.34 -55.70 18.47
CA ASN E 209 9.16 -56.61 19.25
C ASN E 209 10.62 -56.21 19.13
N LYS E 210 11.18 -55.70 20.22
CA LYS E 210 12.54 -55.17 20.19
C LYS E 210 13.55 -56.32 20.20
N LEU E 211 14.39 -56.37 19.18
CA LEU E 211 15.31 -57.48 19.01
C LEU E 211 16.45 -57.37 20.02
N PRO E 212 16.88 -58.49 20.60
CA PRO E 212 17.90 -58.43 21.65
C PRO E 212 19.28 -58.14 21.10
N LEU E 213 19.95 -57.15 21.70
CA LEU E 213 21.33 -56.78 21.44
C LEU E 213 21.76 -55.81 22.54
N PRO E 214 23.02 -55.88 23.00
CA PRO E 214 23.57 -54.79 23.83
C PRO E 214 23.70 -53.51 23.02
N PRO E 215 22.93 -52.48 23.35
CA PRO E 215 22.64 -51.39 22.41
C PRO E 215 23.79 -50.41 22.27
N LEU E 216 24.28 -50.28 21.06
CA LEU E 216 25.04 -49.10 20.67
C LEU E 216 24.12 -47.89 20.74
N VAL E 217 24.34 -47.03 21.72
CA VAL E 217 23.46 -45.90 21.97
C VAL E 217 23.49 -44.81 20.89
N PRO E 218 24.63 -44.23 20.46
CA PRO E 218 24.57 -43.03 19.62
C PRO E 218 24.19 -43.33 18.17
N ARG E 219 24.11 -42.25 17.39
CA ARG E 219 23.93 -42.24 15.94
C ARG E 219 22.62 -42.90 15.50
N ALA E 220 21.51 -42.25 15.84
CA ALA E 220 20.23 -42.57 15.22
C ALA E 220 19.54 -41.26 14.77
N TYR E 221 19.95 -40.74 13.62
CA TYR E 221 19.09 -39.81 12.89
C TYR E 221 18.99 -40.11 11.41
N HIS E 222 20.07 -40.54 10.79
CA HIS E 222 20.03 -40.98 9.41
C HIS E 222 20.48 -42.42 9.32
N SER E 223 20.30 -42.96 8.13
CA SER E 223 20.70 -44.32 7.82
C SER E 223 20.69 -44.46 6.31
N SER E 224 20.88 -45.69 5.85
CA SER E 224 20.83 -46.07 4.46
C SER E 224 19.61 -46.93 4.24
N THR E 225 19.55 -47.54 3.07
CA THR E 225 18.49 -48.46 2.71
C THR E 225 19.03 -49.88 2.68
N TRP E 226 18.23 -50.82 3.16
CA TRP E 226 18.60 -52.23 3.16
C TRP E 226 18.80 -52.74 1.74
N VAL E 227 19.79 -53.61 1.58
CA VAL E 227 20.21 -54.08 0.28
C VAL E 227 19.83 -55.55 0.16
N PRO E 228 19.36 -56.02 -0.99
CA PRO E 228 19.24 -57.47 -1.21
C PRO E 228 20.55 -58.10 -1.62
N ALA E 229 20.51 -59.35 -2.09
CA ALA E 229 21.61 -60.01 -2.81
C ALA E 229 22.87 -60.14 -1.93
N SER E 230 22.79 -61.10 -0.99
CA SER E 230 23.70 -61.25 0.15
C SER E 230 23.62 -59.99 1.02
N SER E 231 22.45 -59.90 1.65
CA SER E 231 21.89 -58.66 2.17
C SER E 231 22.75 -58.00 3.24
N THR E 232 22.57 -56.68 3.35
CA THR E 232 23.20 -55.86 4.37
C THR E 232 22.39 -54.58 4.52
N MET E 233 22.54 -53.94 5.67
CA MET E 233 21.95 -52.62 5.88
C MET E 233 22.88 -51.81 6.77
N VAL E 234 23.01 -50.53 6.46
CA VAL E 234 24.03 -49.67 7.03
C VAL E 234 23.36 -48.43 7.60
N ILE E 235 23.88 -47.93 8.72
CA ILE E 235 23.46 -46.67 9.31
C ILE E 235 24.55 -45.65 9.02
N VAL E 236 24.16 -44.41 8.75
CA VAL E 236 25.11 -43.32 8.57
C VAL E 236 24.85 -42.25 9.62
N GLY E 237 25.83 -41.38 9.81
CA GLY E 237 25.85 -40.45 10.93
C GLY E 237 24.91 -39.28 10.76
N GLY E 238 25.05 -38.33 11.69
CA GLY E 238 24.26 -37.11 11.66
C GLY E 238 23.80 -36.55 13.00
N ILE E 239 24.10 -37.23 14.11
CA ILE E 239 23.55 -36.81 15.40
C ILE E 239 24.47 -37.27 16.52
N THR E 240 24.46 -36.51 17.63
CA THR E 240 25.11 -36.87 18.89
C THR E 240 24.19 -36.59 20.06
N TYR E 241 22.87 -36.76 19.86
CA TYR E 241 21.79 -36.53 20.82
C TYR E 241 21.67 -35.11 21.35
N SER E 242 22.45 -34.18 20.84
CA SER E 242 22.60 -32.90 21.52
C SER E 242 22.52 -31.70 20.60
N GLY E 243 22.80 -31.84 19.32
CA GLY E 243 22.93 -30.67 18.49
C GLY E 243 24.15 -29.83 18.78
N HIS E 244 25.14 -30.39 19.47
CA HIS E 244 26.35 -29.64 19.81
C HIS E 244 27.64 -30.37 19.50
N CYS E 245 27.62 -31.68 19.35
CA CYS E 245 28.80 -32.39 18.87
C CYS E 245 28.56 -32.83 17.45
N PRO E 246 29.48 -32.59 16.52
CA PRO E 246 29.23 -32.96 15.12
C PRO E 246 29.32 -34.45 14.90
N SER E 247 29.03 -34.88 13.69
CA SER E 247 29.03 -36.30 13.35
C SER E 247 29.93 -36.54 12.16
N GLU E 248 31.17 -36.08 12.29
CA GLU E 248 32.22 -36.34 11.32
C GLU E 248 32.51 -37.83 11.27
N ARG E 249 31.98 -38.51 10.25
CA ARG E 249 32.02 -39.96 10.22
C ARG E 249 33.16 -40.45 9.32
N LEU E 250 33.90 -41.41 9.83
CA LEU E 250 34.93 -42.12 9.09
C LEU E 250 34.67 -43.62 9.01
N SER E 251 33.58 -44.11 9.58
CA SER E 251 33.26 -45.52 9.52
C SER E 251 31.76 -45.69 9.33
N VAL E 252 31.35 -46.93 9.15
CA VAL E 252 29.95 -47.28 8.93
C VAL E 252 29.52 -48.24 10.04
N SER E 253 28.28 -48.68 9.99
CA SER E 253 27.79 -49.63 10.98
C SER E 253 26.78 -50.54 10.32
N ASP E 254 27.07 -51.85 10.32
CA ASP E 254 26.24 -52.83 9.64
C ASP E 254 25.25 -53.43 10.63
N VAL E 255 23.96 -53.21 10.37
CA VAL E 255 22.89 -53.97 10.99
C VAL E 255 22.36 -54.92 9.93
N VAL E 256 22.50 -56.22 10.17
CA VAL E 256 22.03 -57.19 9.21
C VAL E 256 21.64 -58.46 9.95
N CYS E 257 20.49 -59.01 9.57
CA CYS E 257 20.15 -60.36 9.96
C CYS E 257 21.19 -61.30 9.36
N LEU E 258 21.83 -62.10 10.21
CA LEU E 258 23.02 -62.82 9.79
C LEU E 258 22.67 -63.97 8.84
N LYS E 259 21.89 -64.92 9.33
CA LYS E 259 21.47 -66.06 8.52
C LYS E 259 20.06 -65.76 8.04
N ILE E 260 19.94 -65.22 6.83
CA ILE E 260 18.62 -64.90 6.25
C ILE E 260 18.20 -66.14 5.46
N SER E 261 17.65 -67.11 6.19
CA SER E 261 16.67 -68.03 5.65
C SER E 261 15.57 -68.07 6.70
N ASP E 262 15.98 -67.90 7.96
CA ASP E 262 15.15 -67.48 9.06
C ASP E 262 15.51 -66.05 9.42
N THR E 263 14.95 -65.55 10.52
CA THR E 263 15.20 -64.18 10.98
C THR E 263 15.85 -64.28 12.36
N SER E 264 17.17 -64.42 12.39
CA SER E 264 17.86 -64.71 13.64
C SER E 264 19.27 -64.13 13.60
N GLN E 265 19.93 -64.21 14.76
CA GLN E 265 21.34 -63.85 14.97
C GLN E 265 21.60 -62.39 14.60
N TYR E 266 20.98 -61.49 15.35
CA TYR E 266 21.11 -60.06 15.08
C TYR E 266 22.35 -59.53 15.78
N THR E 267 23.38 -59.22 14.99
CA THR E 267 24.66 -58.75 15.48
C THR E 267 24.91 -57.33 14.98
N LEU E 268 26.10 -56.82 15.30
CA LEU E 268 26.46 -55.45 14.94
C LEU E 268 27.97 -55.36 14.78
N THR E 269 28.40 -54.64 13.74
CA THR E 269 29.82 -54.40 13.54
C THR E 269 30.01 -53.03 12.89
N GLU E 270 31.26 -52.57 12.91
CA GLU E 270 31.67 -51.34 12.26
C GLU E 270 32.89 -51.63 11.40
N ILE E 271 32.98 -50.95 10.25
CA ILE E 271 34.06 -51.15 9.29
C ILE E 271 34.59 -49.80 8.88
N HIS E 272 35.87 -49.55 9.14
CA HIS E 272 36.53 -48.36 8.61
C HIS E 272 36.86 -48.58 7.14
N MET E 273 36.96 -47.48 6.41
CA MET E 273 36.98 -47.51 4.95
C MET E 273 38.27 -46.88 4.42
N GLU E 274 38.36 -46.80 3.09
CA GLU E 274 39.41 -46.00 2.45
C GLU E 274 38.90 -44.56 2.39
N GLY E 275 39.02 -43.87 3.52
CA GLY E 275 38.37 -42.58 3.70
C GLY E 275 39.02 -41.52 2.83
N VAL E 276 38.19 -40.83 2.05
CA VAL E 276 38.69 -39.83 1.12
C VAL E 276 39.17 -38.63 1.90
N ARG E 277 38.25 -37.92 2.56
CA ARG E 277 38.68 -36.88 3.49
C ARG E 277 38.24 -37.21 4.91
N ASP E 278 36.94 -37.16 5.20
CA ASP E 278 36.34 -37.16 6.53
C ASP E 278 34.84 -37.05 6.32
N SER E 279 34.09 -37.17 7.43
CA SER E 279 32.79 -36.54 7.65
C SER E 279 31.76 -36.99 6.60
N TYR E 280 31.38 -38.27 6.71
CA TYR E 280 30.49 -38.91 5.74
C TYR E 280 29.17 -38.16 5.57
N VAL E 281 28.66 -37.55 6.62
CA VAL E 281 27.36 -36.91 6.63
C VAL E 281 27.57 -35.41 6.78
N SER E 282 26.84 -34.63 6.01
CA SER E 282 26.84 -33.18 6.15
C SER E 282 25.70 -32.72 7.04
N SER E 283 25.42 -33.53 8.08
CA SER E 283 24.25 -33.40 8.96
C SER E 283 22.94 -33.42 8.17
N SER E 284 22.91 -34.21 7.10
CA SER E 284 21.74 -34.28 6.22
C SER E 284 21.68 -35.69 5.63
N SER E 285 20.92 -35.85 4.56
CA SER E 285 20.41 -37.15 4.16
C SER E 285 21.02 -37.63 2.86
N ALA E 286 21.45 -38.89 2.84
CA ALA E 286 21.80 -39.56 1.59
C ALA E 286 20.96 -40.79 1.30
N SER E 287 21.14 -41.86 2.09
CA SER E 287 20.28 -43.03 2.21
C SER E 287 20.00 -43.85 0.94
N ALA E 288 20.59 -43.48 -0.20
CA ALA E 288 20.24 -44.16 -1.45
C ALA E 288 21.17 -45.33 -1.71
N LEU E 289 20.86 -46.12 -2.76
CA LEU E 289 21.62 -47.34 -3.00
C LEU E 289 22.10 -47.51 -4.44
N CYS E 290 22.66 -48.69 -4.70
CA CYS E 290 23.11 -49.09 -6.02
C CYS E 290 22.98 -50.61 -6.12
N ASP E 291 23.68 -51.23 -7.07
CA ASP E 291 23.55 -52.66 -7.30
C ASP E 291 24.71 -53.50 -6.77
N ASP E 292 25.89 -52.92 -6.58
CA ASP E 292 27.00 -53.63 -5.96
C ASP E 292 27.73 -52.75 -4.96
N ARG E 293 27.10 -51.67 -4.51
CA ARG E 293 27.74 -50.57 -3.77
C ARG E 293 26.63 -49.66 -3.26
N PHE E 294 27.02 -48.52 -2.71
CA PHE E 294 26.05 -47.51 -2.28
C PHE E 294 26.13 -46.27 -3.14
N VAL E 295 25.06 -45.50 -3.13
CA VAL E 295 25.03 -44.16 -3.69
C VAL E 295 24.65 -43.21 -2.56
N LEU E 296 25.60 -42.45 -2.08
CA LEU E 296 25.38 -41.63 -0.89
C LEU E 296 25.71 -40.17 -1.19
N TYR E 297 24.66 -39.38 -1.36
CA TYR E 297 24.70 -37.93 -1.49
C TYR E 297 24.82 -37.23 -0.14
N GLY E 298 24.39 -35.99 -0.10
CA GLY E 298 23.94 -35.41 1.15
C GLY E 298 24.63 -34.12 1.50
N GLY E 299 25.68 -33.82 0.75
CA GLY E 299 26.55 -32.73 1.12
C GLY E 299 25.92 -31.36 0.94
N TYR E 300 26.65 -30.36 1.42
CA TYR E 300 26.14 -29.00 1.45
C TYR E 300 26.17 -28.41 0.05
N HIS E 301 24.99 -28.20 -0.53
CA HIS E 301 24.90 -27.26 -1.62
C HIS E 301 25.17 -25.84 -1.12
N HIS E 302 24.86 -25.58 0.17
CA HIS E 302 25.23 -24.35 0.84
C HIS E 302 25.87 -24.74 2.16
N ASP E 303 27.09 -24.26 2.37
CA ASP E 303 27.95 -24.74 3.46
C ASP E 303 27.45 -24.20 4.79
N LYS E 304 26.44 -24.86 5.33
CA LYS E 304 26.14 -24.67 6.74
C LYS E 304 27.28 -25.28 7.54
N SER E 305 27.62 -24.66 8.65
CA SER E 305 28.88 -24.95 9.32
C SER E 305 28.85 -26.31 9.99
N GLY E 306 29.71 -27.21 9.54
CA GLY E 306 30.09 -28.32 10.38
C GLY E 306 30.78 -27.80 11.63
N LEU E 307 30.56 -28.50 12.75
CA LEU E 307 31.01 -27.96 14.01
C LEU E 307 32.51 -28.08 14.19
N HIS E 308 33.04 -29.30 14.28
CA HIS E 308 34.49 -29.42 14.34
C HIS E 308 35.20 -29.44 12.98
N PRO E 309 34.84 -30.27 11.99
CA PRO E 309 35.61 -30.24 10.75
C PRO E 309 35.07 -29.20 9.77
N PRO E 310 35.95 -28.50 9.06
CA PRO E 310 35.48 -27.72 7.90
C PRO E 310 35.45 -28.54 6.63
N GLU E 311 35.03 -29.79 6.72
CA GLU E 311 34.98 -30.73 5.61
C GLU E 311 33.75 -30.73 4.69
N PRO E 312 32.49 -30.78 5.17
CA PRO E 312 31.41 -31.34 4.33
C PRO E 312 30.96 -30.43 3.19
N SER E 313 30.67 -31.05 2.05
CA SER E 313 30.24 -30.33 0.84
C SER E 313 29.55 -31.31 -0.11
N ARG E 314 28.99 -30.74 -1.19
CA ARG E 314 27.90 -31.32 -1.98
C ARG E 314 28.24 -32.55 -2.82
N ASP E 315 29.43 -33.13 -2.73
CA ASP E 315 29.77 -34.16 -3.70
C ASP E 315 29.16 -35.51 -3.32
N LEU E 316 29.28 -36.45 -4.26
CA LEU E 316 28.81 -37.82 -4.07
C LEU E 316 29.88 -38.71 -3.44
N TYR E 317 29.47 -39.52 -2.47
CA TYR E 317 30.32 -40.54 -1.88
C TYR E 317 29.75 -41.90 -2.26
N VAL E 318 30.61 -42.81 -2.71
CA VAL E 318 30.21 -44.15 -3.13
C VAL E 318 31.06 -45.16 -2.38
N MET E 319 30.39 -46.03 -1.62
CA MET E 319 31.06 -46.95 -0.71
C MET E 319 31.06 -48.36 -1.28
N ASN E 320 32.24 -48.98 -1.25
CA ASN E 320 32.42 -50.35 -1.74
C ASN E 320 32.33 -51.34 -0.58
N LEU E 321 31.20 -51.29 0.11
CA LEU E 321 31.00 -52.13 1.28
C LEU E 321 30.75 -53.59 0.93
N GLN E 322 30.31 -53.87 -0.29
CA GLN E 322 30.10 -55.24 -0.72
C GLN E 322 31.41 -56.01 -0.81
N THR E 323 32.49 -55.31 -1.14
CA THR E 323 33.81 -55.93 -1.16
C THR E 323 34.28 -56.13 0.27
N LYS E 324 34.87 -57.31 0.52
CA LYS E 324 35.51 -57.59 1.80
C LYS E 324 36.66 -56.61 2.06
N LYS E 325 37.38 -56.23 1.00
CA LYS E 325 38.25 -55.06 1.06
C LYS E 325 37.36 -53.83 0.85
N ALA E 326 36.70 -53.43 1.93
CA ALA E 326 35.75 -52.34 1.89
C ALA E 326 36.48 -51.02 1.76
N VAL E 327 36.33 -50.36 0.61
CA VAL E 327 37.03 -49.13 0.30
C VAL E 327 36.03 -48.08 -0.11
N VAL E 328 36.50 -46.84 -0.23
CA VAL E 328 35.68 -45.73 -0.69
C VAL E 328 36.39 -45.01 -1.83
N HIS E 329 35.70 -44.85 -2.94
CA HIS E 329 36.16 -44.10 -4.09
C HIS E 329 35.11 -43.05 -4.40
N HIS E 330 35.24 -42.43 -5.57
CA HIS E 330 34.19 -41.60 -6.10
C HIS E 330 33.86 -42.03 -7.53
N ALA E 331 32.59 -41.92 -7.88
CA ALA E 331 32.24 -41.75 -9.26
C ALA E 331 32.60 -40.33 -9.65
N PRO E 332 32.77 -40.05 -10.97
CA PRO E 332 32.91 -38.67 -11.42
C PRO E 332 31.74 -37.80 -10.98
N THR E 333 32.05 -36.83 -10.14
CA THR E 333 31.02 -36.10 -9.39
C THR E 333 30.34 -35.10 -10.30
N ARG E 334 29.10 -35.37 -10.63
CA ARG E 334 28.29 -34.45 -11.44
C ARG E 334 27.88 -33.30 -10.55
N MET E 335 28.75 -32.30 -10.45
CA MET E 335 28.54 -31.17 -9.56
C MET E 335 27.53 -30.23 -10.21
N ALA E 336 26.26 -30.63 -10.10
CA ALA E 336 25.14 -29.76 -10.47
C ALA E 336 24.83 -28.83 -9.31
N SER E 337 23.68 -28.18 -9.37
CA SER E 337 23.29 -27.33 -8.25
C SER E 337 22.71 -28.12 -7.08
N ALA E 338 22.63 -29.44 -7.17
CA ALA E 338 21.88 -30.25 -6.22
C ALA E 338 22.62 -30.36 -4.88
N GLY E 339 21.91 -30.92 -3.91
CA GLY E 339 22.46 -31.20 -2.60
C GLY E 339 21.41 -31.14 -1.52
N HIS E 340 21.74 -31.79 -0.40
CA HIS E 340 21.18 -31.58 0.95
C HIS E 340 19.74 -32.09 1.11
N THR E 341 19.08 -32.47 0.02
CA THR E 341 17.78 -33.14 0.10
C THR E 341 17.67 -34.04 -1.11
N CYS E 342 17.91 -35.32 -0.92
CA CYS E 342 17.83 -36.28 -2.01
C CYS E 342 16.90 -37.40 -1.60
N LEU E 343 16.20 -37.96 -2.58
CA LEU E 343 15.43 -39.16 -2.39
C LEU E 343 15.75 -40.16 -3.49
N ARG E 344 15.58 -41.43 -3.18
CA ARG E 344 16.25 -42.47 -3.92
C ARG E 344 15.41 -43.01 -5.08
N LEU E 345 16.10 -43.71 -5.96
CA LEU E 345 15.48 -44.50 -7.02
C LEU E 345 16.52 -45.55 -7.38
N ILE E 346 16.26 -46.80 -7.02
CA ILE E 346 17.26 -47.84 -7.23
C ILE E 346 16.73 -48.86 -8.21
N ASP E 347 17.59 -49.82 -8.55
CA ASP E 347 17.24 -50.98 -9.36
C ASP E 347 18.34 -52.01 -9.15
N ASN E 348 17.95 -53.29 -9.15
CA ASN E 348 18.90 -54.37 -8.90
C ASN E 348 19.66 -54.74 -10.16
N SER E 349 20.96 -55.04 -9.99
CA SER E 349 21.89 -55.50 -11.01
C SER E 349 22.11 -54.49 -12.14
N VAL E 350 21.73 -53.22 -11.93
CA VAL E 350 21.90 -52.18 -12.94
C VAL E 350 21.85 -50.85 -12.21
N VAL E 351 22.37 -49.81 -12.84
CA VAL E 351 22.38 -48.46 -12.26
C VAL E 351 21.35 -47.63 -12.99
N MET E 352 20.28 -47.25 -12.29
CA MET E 352 19.25 -46.37 -12.82
C MET E 352 18.89 -45.41 -11.70
N ILE E 353 19.22 -44.13 -11.84
CA ILE E 353 19.24 -43.20 -10.72
C ILE E 353 18.25 -42.07 -10.97
N GLY E 354 17.39 -41.81 -9.98
CA GLY E 354 16.57 -40.62 -9.97
C GLY E 354 16.64 -39.95 -8.60
N GLY E 355 16.17 -38.72 -8.56
CA GLY E 355 16.18 -37.99 -7.31
C GLY E 355 15.44 -36.67 -7.42
N THR E 356 15.06 -36.15 -6.27
CA THR E 356 14.37 -34.88 -6.10
C THR E 356 15.24 -33.95 -5.26
N CYS E 357 14.69 -32.78 -4.93
CA CYS E 357 15.44 -31.74 -4.21
C CYS E 357 14.46 -30.95 -3.35
N LYS E 358 14.87 -29.76 -2.93
CA LYS E 358 13.99 -28.90 -2.15
C LYS E 358 13.05 -28.10 -3.05
N SER E 359 13.63 -27.20 -3.85
CA SER E 359 12.86 -26.42 -4.82
C SER E 359 13.53 -26.38 -6.18
N VAL E 360 14.73 -26.92 -6.29
CA VAL E 360 15.40 -27.07 -7.59
C VAL E 360 14.91 -28.41 -8.10
N ASN E 361 13.71 -28.42 -8.67
CA ASN E 361 13.09 -29.65 -9.11
C ASN E 361 13.86 -30.18 -10.31
N CYS E 362 14.59 -31.26 -10.08
CA CYS E 362 15.56 -31.73 -11.05
C CYS E 362 15.63 -33.24 -10.98
N CYS E 363 16.68 -33.81 -11.54
CA CYS E 363 16.92 -35.25 -11.50
C CYS E 363 18.39 -35.48 -11.25
N THR E 364 18.68 -36.24 -10.20
CA THR E 364 20.02 -36.75 -10.01
C THR E 364 20.16 -38.05 -10.78
N ASN E 365 21.19 -38.13 -11.62
CA ASN E 365 21.35 -39.28 -12.50
C ASN E 365 22.79 -39.75 -12.46
N LEU E 366 22.96 -41.06 -12.46
CA LEU E 366 24.28 -41.64 -12.59
C LEU E 366 24.26 -42.72 -13.65
N SER F 78 18.19 32.84 35.41
CA SER F 78 17.09 31.95 35.74
C SER F 78 16.30 31.58 34.50
N CYS F 79 15.37 32.45 34.10
CA CYS F 79 14.56 32.20 32.92
C CYS F 79 15.41 32.34 31.67
N MET F 80 14.85 31.92 30.54
CA MET F 80 15.65 31.68 29.35
C MET F 80 15.16 32.50 28.16
N THR F 81 15.89 32.34 27.07
CA THR F 81 15.79 32.94 25.73
C THR F 81 14.81 32.14 24.89
N PRO F 82 13.85 32.79 24.24
CA PRO F 82 12.86 32.03 23.46
C PRO F 82 13.43 31.41 22.20
N GLU F 83 14.46 32.02 21.60
CA GLU F 83 15.06 31.43 20.40
C GLU F 83 15.77 30.12 20.72
N GLU F 84 16.34 30.01 21.93
CA GLU F 84 16.89 28.74 22.40
C GLU F 84 15.82 27.66 22.45
N CYS F 85 14.64 28.00 22.94
CA CYS F 85 13.55 27.03 23.01
C CYS F 85 13.06 26.66 21.62
N LEU F 86 12.97 27.65 20.73
CA LEU F 86 12.48 27.37 19.39
C LEU F 86 13.46 26.51 18.62
N GLY F 87 14.76 26.71 18.84
CA GLY F 87 15.73 25.80 18.30
C GLY F 87 15.70 24.45 18.97
N MET F 88 15.29 24.40 20.23
CA MET F 88 15.21 23.13 20.92
C MET F 88 14.08 22.29 20.36
N ARG F 89 12.98 22.92 19.94
CA ARG F 89 11.80 22.15 19.58
C ARG F 89 11.98 21.42 18.25
N LEU F 90 12.68 22.05 17.31
CA LEU F 90 12.58 21.57 15.93
C LEU F 90 13.39 20.30 15.69
N ASP F 91 14.57 20.17 16.31
CA ASP F 91 15.33 18.93 16.13
C ASP F 91 14.67 17.75 16.82
N MET F 92 13.83 17.99 17.81
CA MET F 92 13.01 16.92 18.36
C MET F 92 11.91 16.49 17.40
N LEU F 93 11.53 17.38 16.47
CA LEU F 93 10.22 17.37 15.82
C LEU F 93 9.10 17.23 16.85
N MET F 94 9.26 17.94 17.96
CA MET F 94 8.30 17.90 19.03
C MET F 94 7.08 18.72 18.61
N THR F 95 5.91 18.10 18.66
CA THR F 95 4.70 18.84 18.35
C THR F 95 4.42 19.83 19.47
N LYS F 96 3.62 20.86 19.14
CA LYS F 96 3.50 22.04 19.99
C LYS F 96 2.85 21.71 21.33
N ASN F 97 1.88 20.80 21.32
CA ASN F 97 1.27 20.39 22.57
C ASN F 97 2.23 19.62 23.46
N GLN F 98 3.18 18.88 22.87
CA GLN F 98 4.14 18.17 23.71
C GLN F 98 5.09 19.15 24.38
N TYR F 99 5.44 20.25 23.71
CA TYR F 99 6.24 21.27 24.36
C TYR F 99 5.45 21.97 25.44
N SER F 100 4.16 22.18 25.21
CA SER F 100 3.31 22.73 26.27
C SER F 100 3.23 21.78 27.45
N LYS F 101 3.24 20.48 27.19
CA LYS F 101 3.14 19.49 28.25
C LYS F 101 4.43 19.45 29.07
N GLU F 102 5.59 19.54 28.42
CA GLU F 102 6.83 19.55 29.18
C GLU F 102 6.97 20.84 29.97
N TYR F 103 6.52 21.96 29.40
CA TYR F 103 6.51 23.21 30.12
C TYR F 103 5.63 23.13 31.35
N ASN F 104 4.46 22.52 31.20
CA ASN F 104 3.55 22.37 32.34
C ASN F 104 4.10 21.42 33.39
N ILE F 105 4.81 20.37 32.97
CA ILE F 105 5.35 19.41 33.95
C ILE F 105 6.45 20.06 34.77
N LEU F 106 7.43 20.69 34.12
CA LEU F 106 8.48 21.33 34.91
C LEU F 106 8.00 22.61 35.56
N LYS F 107 6.87 23.15 35.12
CA LYS F 107 6.25 24.24 35.86
C LYS F 107 5.62 23.74 37.14
N GLU F 108 4.92 22.61 37.06
CA GLU F 108 4.25 22.06 38.23
C GLU F 108 5.26 21.53 39.24
N ARG F 109 6.35 20.95 38.75
CA ARG F 109 7.45 20.63 39.65
C ARG F 109 8.21 21.87 40.07
N GLY F 110 8.04 22.97 39.34
CA GLY F 110 8.67 24.21 39.75
C GLY F 110 10.15 24.22 39.47
N PHE F 111 10.50 24.21 38.19
CA PHE F 111 11.89 24.35 37.79
C PHE F 111 12.02 25.49 36.81
N SER F 112 12.96 26.39 37.08
CA SER F 112 13.26 27.53 36.22
C SER F 112 13.85 26.99 34.92
N THR F 113 13.04 27.01 33.87
CA THR F 113 13.22 26.16 32.71
C THR F 113 12.73 26.91 31.48
N LEU F 114 12.35 26.14 30.47
CA LEU F 114 11.95 26.58 29.13
C LEU F 114 10.85 27.64 29.12
N CYS F 115 10.68 28.29 28.00
CA CYS F 115 9.74 29.40 27.94
C CYS F 115 8.31 28.92 27.67
N PRO F 116 7.30 29.67 28.11
CA PRO F 116 5.91 29.32 27.76
C PRO F 116 5.63 29.52 26.29
N PRO F 117 4.62 28.85 25.73
CA PRO F 117 4.37 28.95 24.28
C PRO F 117 3.88 30.32 23.84
N LYS F 118 3.29 31.09 24.75
CA LYS F 118 2.95 32.47 24.43
C LYS F 118 4.22 33.31 24.26
N GLN F 119 5.33 32.91 24.87
CA GLN F 119 6.58 33.54 24.53
C GLN F 119 7.10 33.05 23.19
N LEU F 120 6.69 31.85 22.74
CA LEU F 120 7.14 31.38 21.44
C LEU F 120 6.44 32.09 20.29
N ASP F 121 5.10 32.12 20.31
CA ASP F 121 4.37 32.56 19.11
C ASP F 121 4.49 34.05 18.83
N ALA F 122 5.13 34.82 19.71
CA ALA F 122 5.55 36.17 19.36
C ALA F 122 6.62 36.12 18.28
N ILE F 123 7.75 35.48 18.56
CA ILE F 123 8.84 35.44 17.58
C ILE F 123 8.62 34.37 16.53
N GLU F 124 7.56 33.58 16.64
CA GLU F 124 7.24 32.66 15.55
C GLU F 124 6.80 33.42 14.30
N LYS F 125 6.13 34.56 14.46
CA LYS F 125 5.79 35.39 13.30
C LYS F 125 6.95 36.24 12.82
N THR F 126 8.08 36.24 13.51
CA THR F 126 9.23 36.99 13.04
C THR F 126 9.83 36.33 11.81
N LEU F 127 10.05 35.02 11.88
CA LEU F 127 10.78 34.33 10.83
C LEU F 127 9.92 33.95 9.65
N MET F 128 8.64 34.27 9.67
CA MET F 128 7.77 34.01 8.54
C MET F 128 8.15 34.94 7.38
N PRO F 129 7.94 34.54 6.14
CA PRO F 129 8.35 35.38 5.02
C PRO F 129 7.42 36.57 4.87
N GLY F 130 7.92 37.57 4.16
CA GLY F 130 7.15 38.77 3.96
C GLY F 130 7.41 39.83 5.01
N THR F 131 8.66 39.99 5.41
CA THR F 131 9.06 41.04 6.34
C THR F 131 10.26 41.83 5.81
N ALA F 132 10.30 42.11 4.52
CA ALA F 132 11.37 42.92 3.94
C ALA F 132 10.84 43.61 2.69
N ARG F 133 11.72 44.29 1.98
CA ARG F 133 11.38 44.96 0.73
C ARG F 133 12.39 44.57 -0.36
N TYR F 134 12.33 45.26 -1.50
CA TYR F 134 12.86 44.74 -2.77
C TYR F 134 13.70 45.73 -3.56
N SER F 135 13.98 45.38 -4.81
CA SER F 135 14.65 46.27 -5.73
C SER F 135 13.69 47.38 -6.17
N LEU F 164 -0.57 41.79 3.99
CA LEU F 164 0.60 41.37 4.76
C LEU F 164 0.33 40.04 5.44
N GLU F 165 -0.84 39.48 5.17
CA GLU F 165 -1.19 38.19 5.72
C GLU F 165 -0.31 37.10 5.11
N PRO F 166 0.29 36.24 5.92
CA PRO F 166 0.99 35.08 5.37
C PRO F 166 0.02 34.02 4.85
N ASP F 167 0.60 33.02 4.21
CA ASP F 167 -0.01 31.72 3.92
C ASP F 167 -1.22 31.84 3.00
N SER F 168 -1.00 32.35 1.80
CA SER F 168 -2.10 32.68 0.91
C SER F 168 -2.75 31.43 0.34
N VAL F 169 -4.06 31.52 0.10
CA VAL F 169 -4.84 30.39 -0.41
C VAL F 169 -4.48 30.19 -1.89
N THR F 170 -4.48 28.93 -2.32
CA THR F 170 -4.05 28.61 -3.67
C THR F 170 -5.21 28.48 -4.64
N MET F 171 -6.28 29.23 -4.42
CA MET F 171 -7.33 29.32 -5.42
C MET F 171 -7.51 30.74 -5.92
N ASP F 172 -7.70 31.70 -5.01
CA ASP F 172 -7.73 33.15 -5.29
C ASP F 172 -8.80 33.53 -6.31
N PHE F 173 -9.96 32.88 -6.23
CA PHE F 173 -11.14 33.38 -6.92
C PHE F 173 -12.37 33.02 -6.08
N HIS F 174 -13.55 33.19 -6.67
CA HIS F 174 -14.78 33.19 -5.93
C HIS F 174 -15.18 31.78 -5.52
N GLU F 175 -16.20 31.70 -4.66
CA GLU F 175 -16.75 30.44 -4.20
C GLU F 175 -18.16 30.19 -4.69
N TYR F 176 -19.01 31.20 -4.64
CA TYR F 176 -20.42 31.04 -4.88
C TYR F 176 -20.78 30.89 -6.35
N VAL F 177 -19.84 31.09 -7.26
CA VAL F 177 -20.13 31.16 -8.68
C VAL F 177 -19.32 30.10 -9.41
N PRO F 178 -19.92 28.99 -9.76
CA PRO F 178 -19.18 27.98 -10.53
C PRO F 178 -19.25 28.22 -12.03
N ASP F 179 -18.53 29.24 -12.50
CA ASP F 179 -18.40 29.48 -13.92
C ASP F 179 -17.08 28.96 -14.49
N PHE F 180 -15.97 29.27 -13.85
CA PHE F 180 -14.73 28.62 -14.19
C PHE F 180 -14.79 27.17 -13.72
N PRO F 181 -14.41 26.23 -14.54
CA PRO F 181 -14.29 24.85 -14.04
C PRO F 181 -13.07 24.68 -13.16
N CYS F 182 -13.23 25.00 -11.87
CA CYS F 182 -12.12 24.87 -10.93
C CYS F 182 -11.72 23.42 -10.73
N PRO F 183 -10.46 23.06 -10.93
CA PRO F 183 -10.05 21.67 -10.76
C PRO F 183 -9.82 21.34 -9.29
N ASN F 184 -9.79 20.05 -9.00
CA ASN F 184 -9.72 19.53 -7.63
C ASN F 184 -8.33 19.74 -7.05
N THR F 185 -8.16 20.83 -6.29
CA THR F 185 -6.87 21.12 -5.67
C THR F 185 -7.05 22.02 -4.46
N LYS F 186 -6.31 21.73 -3.40
CA LYS F 186 -6.25 22.55 -2.20
C LYS F 186 -4.84 22.56 -1.66
N GLY F 187 -4.37 23.74 -1.28
CA GLY F 187 -3.03 23.86 -0.73
C GLY F 187 -2.72 25.31 -0.38
N VAL F 188 -1.49 25.52 0.09
CA VAL F 188 -1.03 26.83 0.54
C VAL F 188 0.31 27.10 -0.13
N ARG F 189 0.48 28.33 -0.63
CA ARG F 189 1.76 28.77 -1.20
C ARG F 189 2.15 30.11 -0.61
N PHE F 190 3.39 30.49 -0.83
CA PHE F 190 3.91 31.79 -0.50
C PHE F 190 4.04 32.64 -1.74
N PRO F 191 4.21 33.94 -1.60
CA PRO F 191 4.82 34.71 -2.68
C PRO F 191 6.30 34.40 -2.72
N TYR F 192 6.79 34.20 -3.94
CA TYR F 192 8.11 33.63 -4.12
C TYR F 192 9.21 34.61 -3.73
N ALA F 193 8.98 35.89 -4.00
CA ALA F 193 10.02 36.90 -3.80
C ALA F 193 10.30 37.13 -2.33
N HIS F 194 9.26 37.09 -1.49
CA HIS F 194 9.45 37.18 -0.05
C HIS F 194 10.25 35.98 0.46
N ALA F 195 10.02 34.81 -0.14
CA ALA F 195 10.77 33.63 0.26
C ALA F 195 12.23 33.73 -0.15
N VAL F 196 12.52 34.41 -1.25
CA VAL F 196 13.91 34.69 -1.59
C VAL F 196 14.51 35.64 -0.57
N ALA F 197 13.78 36.72 -0.25
CA ALA F 197 14.33 37.80 0.56
C ALA F 197 14.57 37.39 2.00
N LYS F 198 13.73 36.51 2.55
CA LYS F 198 13.91 36.14 3.95
C LYS F 198 15.13 35.25 4.12
N THR F 199 15.38 34.37 3.15
CA THR F 199 16.64 33.64 3.13
C THR F 199 17.82 34.56 2.90
N LEU F 200 17.62 35.65 2.15
CA LEU F 200 18.68 36.64 1.99
C LEU F 200 18.98 37.35 3.30
N GLU F 201 17.98 37.51 4.16
CA GLU F 201 18.23 38.07 5.48
C GLU F 201 19.08 37.14 6.33
N GLU F 202 19.06 35.84 6.04
CA GLU F 202 19.76 34.87 6.88
C GLU F 202 21.26 34.97 6.71
N LEU F 203 21.75 34.80 5.48
CA LEU F 203 23.18 34.70 5.25
C LEU F 203 23.89 36.04 5.23
N GLU F 204 23.23 37.11 5.70
CA GLU F 204 23.85 38.44 5.77
C GLU F 204 25.05 38.43 6.71
N ASP F 205 24.89 37.82 7.89
CA ASP F 205 25.99 37.72 8.83
C ASP F 205 27.09 36.78 8.34
N GLU F 206 26.75 35.83 7.46
CA GLU F 206 27.77 34.98 6.86
C GLU F 206 28.64 35.78 5.90
N ILE F 207 28.01 36.68 5.14
CA ILE F 207 28.75 37.55 4.22
C ILE F 207 29.68 38.49 4.99
N VAL F 208 29.29 38.88 6.22
CA VAL F 208 30.11 39.76 7.05
C VAL F 208 31.44 39.10 7.38
N ASN F 209 31.41 37.83 7.76
CA ASN F 209 32.63 37.06 7.90
C ASN F 209 33.02 36.37 6.60
N GLY F 210 32.31 36.66 5.50
CA GLY F 210 32.64 36.09 4.22
C GLY F 210 33.35 37.06 3.30
N LEU F 211 33.28 38.36 3.62
CA LEU F 211 34.02 39.38 2.87
C LEU F 211 35.43 39.56 3.41
N LYS F 212 36.14 38.46 3.57
CA LYS F 212 37.46 38.50 4.19
C LYS F 212 38.54 38.59 3.13
N LYS F 213 39.71 39.07 3.59
CA LYS F 213 40.92 39.46 2.87
C LYS F 213 40.73 40.72 2.02
N LEU F 214 39.51 41.27 1.96
CA LEU F 214 39.28 42.61 1.42
C LEU F 214 38.63 43.52 2.43
N GLY F 215 37.55 43.09 3.06
CA GLY F 215 36.78 43.99 3.89
C GLY F 215 35.94 44.90 3.02
N ARG F 216 35.90 46.20 3.38
CA ARG F 216 35.05 47.22 2.74
C ARG F 216 33.59 46.78 2.75
N ASP F 217 33.10 46.45 3.93
CA ASP F 217 31.85 45.72 4.06
C ASP F 217 30.60 46.59 3.82
N PRO F 218 30.37 47.77 4.51
CA PRO F 218 29.12 48.51 4.30
C PRO F 218 29.20 49.48 3.13
N ASN F 219 29.69 49.00 1.99
CA ASN F 219 29.82 49.81 0.79
C ASN F 219 28.80 49.28 -0.22
N ASP F 220 27.65 49.94 -0.28
CA ASP F 220 26.54 49.39 -1.06
C ASP F 220 26.73 49.48 -2.57
N PRO F 221 27.09 50.61 -3.19
CA PRO F 221 27.29 50.59 -4.65
C PRO F 221 28.62 50.03 -5.10
N THR F 222 29.43 49.48 -4.20
CA THR F 222 30.78 49.06 -4.55
C THR F 222 30.84 47.58 -4.93
N LEU F 223 30.50 46.71 -3.99
CA LEU F 223 30.72 45.28 -4.14
C LEU F 223 29.36 44.59 -4.27
N VAL F 224 29.00 44.24 -5.50
CA VAL F 224 27.73 43.61 -5.78
C VAL F 224 27.92 42.11 -5.80
N ILE F 225 27.11 41.41 -5.03
CA ILE F 225 27.29 39.99 -4.78
C ILE F 225 26.51 39.19 -5.82
N HIS F 226 27.18 38.20 -6.42
CA HIS F 226 26.60 37.39 -7.48
C HIS F 226 26.23 36.02 -6.92
N THR F 227 24.98 35.86 -6.53
CA THR F 227 24.50 34.59 -6.02
C THR F 227 23.85 33.75 -7.11
N ILE F 228 23.73 32.46 -6.83
CA ILE F 228 23.23 31.49 -7.79
C ILE F 228 22.75 30.26 -7.02
N CYS F 229 21.60 29.74 -7.46
CA CYS F 229 20.78 28.78 -6.72
C CYS F 229 20.14 27.80 -7.71
N LYS F 230 19.13 27.06 -7.24
CA LYS F 230 18.43 26.07 -8.04
C LYS F 230 17.07 25.79 -7.42
N ASP F 231 16.22 25.10 -8.18
CA ASP F 231 14.87 24.79 -7.71
C ASP F 231 14.35 23.53 -8.41
N GLY F 232 13.08 23.23 -8.20
CA GLY F 232 12.42 22.13 -8.89
C GLY F 232 11.24 21.61 -8.09
N ALA F 233 10.47 20.74 -8.74
CA ALA F 233 9.25 20.20 -8.13
C ALA F 233 9.07 18.75 -8.55
N ASP F 234 8.38 17.99 -7.70
CA ASP F 234 8.05 16.60 -8.00
C ASP F 234 6.84 16.22 -7.17
N GLY F 235 6.08 15.27 -7.69
CA GLY F 235 4.84 14.85 -7.07
C GLY F 235 5.05 13.85 -5.96
N MET F 236 3.95 13.24 -5.55
CA MET F 236 3.93 12.32 -4.43
C MET F 236 3.00 11.15 -4.77
N GLY F 237 2.63 10.39 -3.75
CA GLY F 237 1.68 9.32 -3.95
C GLY F 237 1.06 8.80 -2.68
N ASP F 238 -0.28 8.72 -2.69
CA ASP F 238 -1.09 7.96 -1.74
C ASP F 238 -0.93 8.49 -0.30
N VAL F 239 -1.39 9.72 -0.12
CA VAL F 239 -1.55 10.32 1.20
C VAL F 239 -3.04 10.26 1.55
N SER F 240 -3.33 10.09 2.85
CA SER F 240 -4.68 9.83 3.32
C SER F 240 -5.63 10.98 3.01
N VAL F 241 -6.90 10.63 2.84
CA VAL F 241 -7.95 11.55 2.42
C VAL F 241 -8.95 11.67 3.56
N HIS F 242 -9.50 12.87 3.76
CA HIS F 242 -10.38 13.13 4.88
C HIS F 242 -11.84 13.19 4.45
N LYS F 243 -12.71 13.64 5.38
CA LYS F 243 -14.15 13.65 5.13
C LYS F 243 -14.52 14.64 4.04
N GLU F 244 -13.99 15.86 4.13
CA GLU F 244 -13.96 16.90 3.09
C GLU F 244 -15.32 17.58 2.85
N LYS F 245 -16.41 16.98 3.35
CA LYS F 245 -17.76 17.60 3.43
C LYS F 245 -18.25 18.21 2.12
N SER F 246 -17.88 17.64 0.99
CA SER F 246 -18.18 18.28 -0.29
C SER F 246 -18.70 17.22 -1.26
N ASP F 247 -18.77 17.60 -2.54
CA ASP F 247 -19.27 16.72 -3.59
C ASP F 247 -18.20 16.34 -4.60
N HIS F 248 -16.93 16.47 -4.24
CA HIS F 248 -15.86 16.03 -5.13
C HIS F 248 -14.66 15.61 -4.29
N LEU F 249 -13.94 14.60 -4.77
CA LEU F 249 -12.95 13.93 -3.94
C LEU F 249 -11.63 14.71 -3.95
N LEU F 250 -10.58 14.11 -3.40
CA LEU F 250 -9.24 14.66 -3.46
C LEU F 250 -8.31 13.54 -3.91
N PRO F 251 -7.67 13.65 -5.05
CA PRO F 251 -7.00 12.49 -5.65
C PRO F 251 -5.62 12.18 -5.05
N ASP F 252 -5.59 11.96 -3.74
CA ASP F 252 -4.60 11.14 -3.04
C ASP F 252 -3.19 11.69 -2.95
N LYS F 253 -2.86 12.75 -3.68
CA LYS F 253 -1.47 13.05 -3.97
C LYS F 253 -1.17 14.51 -3.66
N ALA F 254 0.10 14.85 -3.71
CA ALA F 254 0.54 16.17 -3.31
C ALA F 254 1.67 16.66 -4.20
N LEU F 255 1.73 17.98 -4.37
CA LEU F 255 2.79 18.66 -5.09
C LEU F 255 3.59 19.48 -4.10
N ARG F 256 4.92 19.42 -4.23
CA ARG F 256 5.81 20.24 -3.44
C ARG F 256 6.80 20.93 -4.37
N PHE F 257 7.14 22.16 -4.02
CA PHE F 257 8.10 22.97 -4.77
C PHE F 257 8.95 23.74 -3.77
N SER F 258 10.27 23.52 -3.83
CA SER F 258 11.25 24.12 -2.93
C SER F 258 12.45 24.59 -3.73
N PHE F 259 13.42 25.19 -3.04
CA PHE F 259 14.58 25.77 -3.70
C PHE F 259 15.69 25.95 -2.69
N CYS F 260 16.92 25.79 -3.15
CA CYS F 260 18.13 25.82 -2.31
C CYS F 260 18.93 27.07 -2.60
N VAL F 261 20.11 27.16 -1.98
CA VAL F 261 21.05 28.26 -2.21
C VAL F 261 22.45 27.68 -2.25
N LEU F 262 23.21 27.94 -3.32
CA LEU F 262 24.54 27.35 -3.41
C LEU F 262 25.67 28.36 -3.37
N ARG F 263 25.78 29.28 -4.32
CA ARG F 263 27.01 30.07 -4.39
C ARG F 263 26.69 31.55 -4.43
N CYS F 264 27.69 32.37 -4.08
CA CYS F 264 27.48 33.79 -3.89
C CYS F 264 28.66 34.63 -4.39
N SER F 265 29.38 34.18 -5.42
CA SER F 265 30.56 34.93 -5.88
C SER F 265 30.86 34.62 -7.35
N VAL F 266 30.51 35.56 -8.24
CA VAL F 266 31.07 35.62 -9.58
C VAL F 266 31.62 37.02 -9.86
N MET F 267 30.80 38.05 -9.59
CA MET F 267 31.09 39.44 -9.96
C MET F 267 32.14 40.12 -9.05
N HIS F 268 32.90 39.35 -8.29
CA HIS F 268 33.96 39.86 -7.43
C HIS F 268 35.22 40.16 -8.22
N LYS F 269 36.35 40.27 -7.51
CA LYS F 269 37.63 40.70 -8.07
C LYS F 269 38.17 39.81 -9.17
N ASP F 270 39.33 40.22 -9.71
CA ASP F 270 40.14 39.33 -10.51
C ASP F 270 40.55 38.10 -9.69
N THR F 271 40.73 38.27 -8.39
CA THR F 271 40.77 37.16 -7.43
C THR F 271 39.33 36.77 -7.07
N GLU F 272 38.62 36.25 -8.06
CA GLU F 272 37.24 35.78 -7.91
C GLU F 272 37.24 34.50 -7.09
N VAL F 273 36.90 34.61 -5.81
CA VAL F 273 37.05 33.51 -4.86
C VAL F 273 35.68 33.18 -4.26
N THR F 274 35.33 31.90 -4.27
CA THR F 274 34.12 31.44 -3.60
C THR F 274 34.25 31.61 -2.09
N ILE F 275 33.24 32.20 -1.45
CA ILE F 275 33.30 32.51 -0.04
C ILE F 275 32.26 31.78 0.80
N TYR F 276 31.26 31.15 0.20
CA TYR F 276 30.31 30.37 0.98
C TYR F 276 29.67 29.30 0.12
N GLU F 277 29.64 28.06 0.61
CA GLU F 277 29.14 26.95 -0.18
C GLU F 277 28.01 26.14 0.45
N ASP F 278 27.64 26.39 1.72
CA ASP F 278 26.60 25.65 2.45
C ASP F 278 26.89 24.16 2.44
N PRO F 279 27.82 23.69 3.28
CA PRO F 279 28.59 22.47 2.99
C PRO F 279 27.88 21.14 2.80
N ASN F 280 26.55 21.05 2.95
CA ASN F 280 25.98 19.71 2.99
C ASN F 280 25.89 19.11 1.58
N PRO F 281 25.31 19.77 0.57
CA PRO F 281 24.28 20.78 0.32
C PRO F 281 23.05 20.11 -0.27
N ASN F 282 23.15 18.82 -0.58
CA ASN F 282 22.11 18.10 -1.29
C ASN F 282 21.13 17.42 -0.35
N SER F 283 20.60 18.15 0.63
CA SER F 283 19.90 17.51 1.73
C SER F 283 18.72 18.33 2.19
N VAL F 284 18.03 17.80 3.20
CA VAL F 284 17.06 18.56 3.99
C VAL F 284 17.82 19.52 4.89
N ARG F 285 17.07 20.41 5.55
CA ARG F 285 17.56 21.47 6.44
C ARG F 285 18.41 22.50 5.71
N SER F 286 18.35 22.52 4.39
CA SER F 286 18.70 23.69 3.59
C SER F 286 17.75 23.83 2.41
N ASN F 287 16.49 23.42 2.60
CA ASN F 287 15.48 23.47 1.55
C ASN F 287 14.34 24.35 2.03
N ARG F 288 14.13 25.43 1.38
CA ARG F 288 13.04 26.24 1.87
C ARG F 288 11.79 25.97 1.04
N PRO F 289 10.64 25.71 1.65
CA PRO F 289 9.44 25.39 0.88
C PRO F 289 8.81 26.60 0.23
N VAL F 290 8.13 26.37 -0.89
CA VAL F 290 7.32 27.37 -1.58
C VAL F 290 5.89 26.89 -1.78
N LEU F 291 5.73 25.71 -2.35
CA LEU F 291 4.39 25.20 -2.64
C LEU F 291 4.19 23.83 -2.04
N GLU F 292 3.18 23.71 -1.21
CA GLU F 292 2.59 22.45 -0.81
C GLU F 292 1.13 22.47 -1.21
N CYS F 293 0.68 21.45 -1.92
CA CYS F 293 -0.75 21.38 -2.20
C CYS F 293 -1.15 19.93 -2.40
N ILE F 294 -2.43 19.67 -2.19
CA ILE F 294 -3.01 18.37 -2.50
C ILE F 294 -3.61 18.45 -3.88
N GLY F 295 -3.07 17.68 -4.80
CA GLY F 295 -3.50 17.72 -6.17
C GLY F 295 -3.03 16.48 -6.89
N ASP F 296 -2.92 16.57 -8.21
CA ASP F 296 -2.51 15.44 -9.01
C ASP F 296 -2.03 15.98 -10.35
N GLU F 297 -1.19 15.21 -11.04
CA GLU F 297 -0.45 15.76 -12.17
C GLU F 297 -0.47 14.91 -13.43
N ASN F 298 -1.20 13.81 -13.47
CA ASN F 298 -1.25 12.98 -14.67
C ASN F 298 -2.45 13.33 -15.56
N ASP F 299 -3.65 13.32 -15.00
CA ASP F 299 -4.78 14.05 -15.59
C ASP F 299 -4.75 15.46 -15.01
N ASP F 300 -3.70 16.18 -15.40
CA ASP F 300 -3.17 17.27 -14.59
C ASP F 300 -4.11 18.46 -14.41
N GLY F 301 -4.21 19.31 -15.43
CA GLY F 301 -5.03 20.51 -15.32
C GLY F 301 -4.56 21.60 -14.37
N THR F 302 -3.73 21.27 -13.38
CA THR F 302 -3.57 22.09 -12.20
C THR F 302 -2.21 22.74 -12.05
N VAL F 303 -1.19 22.23 -12.74
CA VAL F 303 0.13 22.82 -12.64
C VAL F 303 0.14 24.22 -13.23
N ALA F 304 -0.69 24.46 -14.25
CA ALA F 304 -0.88 25.81 -14.73
C ALA F 304 -1.68 26.68 -13.76
N VAL F 305 -2.36 26.09 -12.78
CA VAL F 305 -3.05 26.88 -11.77
C VAL F 305 -2.13 27.23 -10.62
N CYS F 306 -1.43 26.25 -10.06
CA CYS F 306 -0.57 26.55 -8.91
C CYS F 306 0.86 26.86 -9.33
N VAL F 307 1.50 25.96 -10.07
CA VAL F 307 2.93 26.10 -10.34
C VAL F 307 3.20 27.16 -11.41
N GLY F 308 2.33 27.24 -12.42
CA GLY F 308 2.38 28.23 -13.48
C GLY F 308 2.65 29.68 -13.12
N PRO F 309 1.84 30.28 -12.23
CA PRO F 309 2.13 31.65 -11.80
C PRO F 309 3.40 31.78 -10.98
N ILE F 310 3.87 30.70 -10.34
CA ILE F 310 5.15 30.78 -9.65
C ILE F 310 6.27 30.93 -10.66
N GLU F 311 6.19 30.21 -11.78
CA GLU F 311 7.19 30.39 -12.83
C GLU F 311 7.03 31.73 -13.53
N CYS F 312 5.81 32.23 -13.66
CA CYS F 312 5.62 33.56 -14.23
C CYS F 312 6.14 34.65 -13.32
N GLN F 313 6.22 34.38 -12.01
CA GLN F 313 6.95 35.27 -11.11
C GLN F 313 8.45 35.06 -11.23
N ARG F 314 8.87 33.82 -11.49
CA ARG F 314 10.29 33.50 -11.60
C ARG F 314 10.93 34.18 -12.80
N LEU F 315 10.16 34.38 -13.86
CA LEU F 315 10.66 35.13 -15.01
C LEU F 315 10.95 36.58 -14.65
N LEU F 316 10.07 37.20 -13.87
CA LEU F 316 10.33 38.55 -13.39
C LEU F 316 11.43 38.58 -12.34
N MET F 317 11.71 37.45 -11.71
CA MET F 317 12.80 37.38 -10.75
C MET F 317 14.16 37.41 -11.43
N LYS F 318 14.32 36.61 -12.48
CA LYS F 318 15.63 36.15 -12.92
C LYS F 318 16.42 37.26 -13.62
N ASP F 319 17.74 37.21 -13.44
CA ASP F 319 18.74 37.98 -14.18
C ASP F 319 18.65 39.48 -13.90
N LYS F 320 18.47 39.84 -12.63
CA LYS F 320 18.32 41.24 -12.25
C LYS F 320 19.08 41.52 -10.96
N ILE F 321 19.77 42.64 -10.93
CA ILE F 321 20.41 43.10 -9.70
C ILE F 321 19.33 43.60 -8.75
N MET F 322 19.26 43.00 -7.57
CA MET F 322 18.29 43.46 -6.57
C MET F 322 19.03 44.02 -5.36
N ARG F 323 18.25 44.52 -4.41
CA ARG F 323 18.75 44.94 -3.12
C ARG F 323 17.81 44.41 -2.05
N VAL F 324 18.37 43.87 -0.98
CA VAL F 324 17.57 43.43 0.14
C VAL F 324 17.24 44.68 0.93
N HIS F 325 16.10 45.28 0.62
CA HIS F 325 15.84 46.69 0.93
C HIS F 325 15.51 46.85 2.41
N MET F 326 16.24 47.74 3.08
CA MET F 326 16.17 48.04 4.52
C MET F 326 16.35 46.77 5.36
N SER F 327 17.47 46.10 5.13
CA SER F 327 17.74 44.81 5.75
C SER F 327 17.88 44.88 7.27
N ASP F 328 19.00 45.43 7.72
CA ASP F 328 19.34 45.54 9.14
C ASP F 328 20.37 46.66 9.26
N GLY F 329 19.91 47.85 9.63
CA GLY F 329 20.79 49.00 9.51
C GLY F 329 21.04 49.29 8.06
N THR F 330 22.22 48.94 7.58
CA THR F 330 22.57 49.09 6.17
C THR F 330 21.88 48.03 5.33
N GLN F 331 21.74 48.33 4.05
CA GLN F 331 21.16 47.39 3.09
C GLN F 331 22.25 46.44 2.58
N ARG F 332 21.89 45.65 1.58
CA ARG F 332 22.82 44.77 0.89
C ARG F 332 22.20 44.38 -0.43
N ALA F 333 22.98 44.48 -1.49
CA ALA F 333 22.50 44.12 -2.82
C ALA F 333 22.88 42.69 -3.17
N HIS F 334 22.16 42.13 -4.14
CA HIS F 334 22.45 40.80 -4.66
C HIS F 334 22.05 40.74 -6.13
N TYR F 335 22.65 39.79 -6.85
CA TYR F 335 22.28 39.50 -8.24
C TYR F 335 21.79 38.06 -8.31
N LEU F 336 20.48 37.88 -8.40
CA LEU F 336 19.88 36.57 -8.31
C LEU F 336 20.04 35.80 -9.62
N THR F 337 20.34 34.51 -9.51
CA THR F 337 20.53 33.63 -10.65
C THR F 337 20.02 32.26 -10.23
N PHE F 338 19.40 31.53 -11.16
CA PHE F 338 18.84 30.23 -10.82
C PHE F 338 19.14 29.22 -11.92
N PHE F 339 18.75 27.98 -11.65
CA PHE F 339 19.17 26.85 -12.46
C PHE F 339 18.16 25.74 -12.22
N ASN F 340 17.22 25.55 -13.15
CA ASN F 340 16.11 24.64 -12.90
C ASN F 340 16.47 23.26 -13.43
N SER F 341 16.81 22.35 -12.53
CA SER F 341 17.22 21.02 -12.97
C SER F 341 16.74 19.88 -12.07
N MET F 342 15.81 20.11 -11.16
CA MET F 342 15.25 19.07 -10.32
C MET F 342 13.97 18.49 -10.90
N VAL F 343 13.87 18.43 -12.22
CA VAL F 343 12.61 18.30 -12.93
C VAL F 343 12.54 16.97 -13.63
N ASP F 344 13.08 15.93 -12.97
CA ASP F 344 13.38 14.60 -13.49
C ASP F 344 12.32 13.97 -14.40
N GLU F 345 12.80 13.13 -15.31
CA GLU F 345 12.35 12.96 -16.69
C GLU F 345 10.85 12.99 -16.96
N LYS F 346 10.03 12.44 -16.05
CA LYS F 346 8.59 12.45 -16.30
C LYS F 346 8.02 13.84 -16.20
N TRP F 347 8.58 14.68 -15.33
CA TRP F 347 8.19 16.08 -15.30
C TRP F 347 8.75 16.83 -16.50
N ASP F 348 9.88 16.36 -17.03
CA ASP F 348 10.66 17.11 -18.00
C ASP F 348 9.87 17.36 -19.28
N ARG F 349 9.21 16.35 -19.79
CA ARG F 349 8.68 16.47 -21.13
C ARG F 349 7.20 16.81 -21.19
N ALA F 350 6.41 16.34 -20.23
CA ALA F 350 4.99 16.66 -20.23
C ALA F 350 4.71 18.11 -19.81
N HIS F 351 5.73 18.86 -19.43
CA HIS F 351 5.61 20.31 -19.35
C HIS F 351 6.80 21.01 -19.96
N GLY F 352 7.73 20.27 -20.53
CA GLY F 352 8.75 20.84 -21.39
C GLY F 352 8.39 20.54 -22.83
N GLY F 353 7.12 20.22 -23.05
CA GLY F 353 6.57 20.12 -24.37
C GLY F 353 6.77 18.79 -25.06
N LEU F 354 7.72 17.98 -24.64
CA LEU F 354 8.17 16.88 -25.48
C LEU F 354 7.36 15.63 -25.16
N ALA F 355 7.79 14.47 -25.65
CA ALA F 355 7.09 13.21 -25.44
C ALA F 355 7.97 12.24 -24.66
N GLY F 356 7.42 11.71 -23.57
CA GLY F 356 8.13 10.97 -22.54
C GLY F 356 9.02 9.81 -22.96
N ALA F 357 8.44 8.74 -23.49
CA ALA F 357 9.25 7.61 -23.93
C ALA F 357 10.08 7.95 -25.14
N GLY F 358 9.64 8.91 -25.93
CA GLY F 358 10.46 9.41 -27.00
C GLY F 358 10.30 8.61 -28.26
N SER F 359 11.23 7.67 -28.47
CA SER F 359 11.36 6.76 -29.61
C SER F 359 11.72 7.48 -30.91
N LYS F 360 11.82 8.77 -30.91
CA LYS F 360 12.42 9.44 -32.04
C LYS F 360 13.48 10.42 -31.60
N TYR F 361 13.28 11.10 -30.47
CA TYR F 361 14.26 12.05 -29.96
C TYR F 361 14.36 11.85 -28.45
N LEU F 362 15.54 11.44 -27.98
CA LEU F 362 15.67 10.88 -26.65
C LEU F 362 16.08 11.88 -25.59
N CYS F 363 16.63 13.02 -25.97
CA CYS F 363 17.20 13.94 -25.02
C CYS F 363 16.45 15.26 -25.02
N THR F 364 16.34 15.86 -23.85
CA THR F 364 15.78 17.19 -23.72
C THR F 364 16.85 18.26 -23.79
N LEU F 365 18.00 17.95 -24.39
CA LEU F 365 18.98 18.97 -24.71
C LEU F 365 19.38 18.91 -26.19
N CYS F 366 19.47 17.72 -26.77
CA CYS F 366 19.93 17.63 -28.15
C CYS F 366 18.83 17.10 -29.05
N GLU F 367 19.20 16.95 -30.31
CA GLU F 367 18.36 16.32 -31.31
C GLU F 367 19.06 15.03 -31.71
N ALA F 368 18.49 13.89 -31.36
CA ALA F 368 19.19 12.64 -31.61
C ALA F 368 18.22 11.54 -31.96
N VAL F 369 18.65 10.69 -32.89
CA VAL F 369 17.88 9.53 -33.27
C VAL F 369 17.94 8.50 -32.15
N ARG F 370 16.86 7.71 -32.02
CA ARG F 370 16.83 6.57 -31.10
C ARG F 370 17.95 5.58 -31.38
N ASP F 371 18.27 5.36 -32.65
CA ASP F 371 19.14 4.25 -33.05
C ASP F 371 20.57 4.70 -33.29
N GLU F 372 21.09 5.62 -32.48
CA GLU F 372 22.45 6.11 -32.63
C GLU F 372 23.26 5.88 -31.36
N ALA F 373 24.13 4.88 -31.41
CA ALA F 373 25.17 4.64 -30.41
C ALA F 373 26.51 5.18 -30.89
N LEU F 374 26.49 6.32 -31.56
CA LEU F 374 27.66 6.86 -32.23
C LEU F 374 28.49 7.69 -31.24
N GLU F 375 29.38 8.53 -31.80
CA GLU F 375 30.33 9.29 -31.00
C GLU F 375 29.62 10.30 -30.10
N LYS F 376 28.85 11.20 -30.70
CA LYS F 376 28.31 12.35 -29.96
C LYS F 376 27.13 12.91 -30.72
N ALA F 377 26.40 13.80 -30.05
CA ALA F 377 25.48 14.69 -30.73
C ALA F 377 25.87 16.15 -30.56
N GLY F 378 25.90 16.66 -29.33
CA GLY F 378 26.28 18.03 -29.00
C GLY F 378 25.64 19.17 -29.78
N SER F 379 24.34 19.41 -29.62
CA SER F 379 23.65 20.36 -30.50
C SER F 379 22.99 21.52 -29.78
N TYR F 380 22.37 21.28 -28.61
CA TYR F 380 21.79 22.30 -27.74
C TYR F 380 20.68 23.10 -28.42
N LYS F 381 19.57 22.42 -28.66
CA LYS F 381 18.32 23.11 -28.96
C LYS F 381 17.91 23.97 -27.77
N ILE F 382 17.52 25.22 -28.05
CA ILE F 382 17.12 26.16 -27.00
C ILE F 382 15.90 26.94 -27.48
N THR F 383 14.73 26.65 -26.90
CA THR F 383 13.47 27.40 -27.05
C THR F 383 13.03 27.56 -28.51
N ARG F 384 13.54 26.74 -29.41
CA ARG F 384 13.13 26.78 -30.80
C ARG F 384 11.77 26.12 -30.99
N THR F 385 11.46 25.15 -30.12
CA THR F 385 10.29 24.28 -30.25
C THR F 385 9.00 25.09 -30.25
N LEU F 386 8.97 26.20 -29.51
CA LEU F 386 7.83 27.09 -29.45
C LEU F 386 7.44 27.58 -30.84
N LYS F 387 8.45 27.95 -31.65
CA LYS F 387 8.18 28.34 -33.02
C LYS F 387 7.61 27.18 -33.82
N LYS F 388 8.14 25.98 -33.61
CA LYS F 388 7.58 24.80 -34.25
C LYS F 388 6.28 24.33 -33.61
N ILE F 389 5.82 24.99 -32.55
CA ILE F 389 4.43 24.84 -32.18
C ILE F 389 3.56 25.64 -33.12
N GLU F 390 3.96 26.90 -33.38
CA GLU F 390 3.14 27.83 -34.13
C GLU F 390 2.97 27.39 -35.57
N VAL F 391 4.01 26.79 -36.15
CA VAL F 391 3.88 26.26 -37.49
C VAL F 391 2.95 25.05 -37.49
N THR F 392 2.93 24.27 -36.41
CA THR F 392 1.87 23.28 -36.28
C THR F 392 0.55 23.89 -35.87
N ALA F 393 0.57 25.10 -35.28
CA ALA F 393 -0.67 25.70 -34.82
C ALA F 393 -1.36 26.51 -35.90
N SER F 394 -0.60 27.25 -36.70
CA SER F 394 -1.19 28.02 -37.78
C SER F 394 -1.33 27.21 -39.06
N LYS F 395 -0.97 25.94 -39.03
CA LYS F 395 -1.10 25.11 -40.23
C LYS F 395 -1.21 23.65 -39.82
N MET F 396 -2.41 23.07 -40.01
CA MET F 396 -2.68 21.64 -40.19
C MET F 396 -2.05 20.77 -39.10
N LYS F 397 -2.65 20.90 -37.90
CA LYS F 397 -2.15 20.42 -36.61
C LYS F 397 -1.48 19.06 -36.61
N TYR F 398 -2.09 18.07 -37.27
CA TYR F 398 -1.45 16.76 -37.40
C TYR F 398 -0.94 16.46 -38.80
N GLU F 399 -1.20 17.33 -39.77
CA GLU F 399 -0.83 17.09 -41.16
C GLU F 399 -0.08 18.28 -41.74
N SER F 400 0.87 18.82 -40.98
CA SER F 400 1.83 19.78 -41.52
C SER F 400 3.15 19.60 -40.78
N GLN F 401 4.21 19.41 -41.56
CA GLN F 401 5.57 19.17 -41.08
C GLN F 401 5.64 17.94 -40.18
N GLU F 402 4.81 16.95 -40.48
CA GLU F 402 4.69 15.74 -39.66
C GLU F 402 5.94 14.88 -39.83
N LYS F 403 6.77 14.88 -38.77
CA LYS F 403 8.09 14.24 -38.74
C LYS F 403 8.98 14.75 -39.87
N ASP F 404 8.84 16.02 -40.21
CA ASP F 404 9.53 16.60 -41.34
C ASP F 404 10.50 17.68 -40.91
N THR F 405 10.04 18.65 -40.14
CA THR F 405 10.87 19.75 -39.65
C THR F 405 11.26 19.53 -38.19
N PHE F 406 10.63 18.59 -37.50
CA PHE F 406 10.83 18.40 -36.06
C PHE F 406 12.26 18.00 -35.71
N GLY F 407 12.98 18.95 -35.15
CA GLY F 407 14.10 18.57 -34.32
C GLY F 407 13.65 17.71 -33.17
N VAL F 408 12.47 18.01 -32.61
CA VAL F 408 11.85 17.19 -31.57
C VAL F 408 10.35 17.43 -31.61
N LYS F 409 9.60 16.37 -31.34
CA LYS F 409 8.16 16.47 -31.28
C LYS F 409 7.71 17.28 -30.09
N GLY F 410 6.73 18.15 -30.30
CA GLY F 410 6.13 18.89 -29.21
C GLY F 410 4.65 19.15 -29.41
N TYR F 411 3.82 18.76 -28.44
CA TYR F 411 2.42 19.16 -28.54
C TYR F 411 2.17 20.59 -28.03
N PRO F 412 2.42 20.96 -26.73
CA PRO F 412 1.86 22.22 -26.22
C PRO F 412 2.76 23.43 -26.39
N LEU F 413 2.34 24.56 -25.83
CA LEU F 413 3.09 25.81 -26.00
C LEU F 413 4.06 26.06 -24.87
N LEU F 414 4.70 25.01 -24.33
CA LEU F 414 5.93 25.13 -23.56
C LEU F 414 5.87 25.94 -22.27
N THR F 415 5.39 25.32 -21.20
CA THR F 415 5.60 25.88 -19.86
C THR F 415 7.05 25.70 -19.40
N THR F 416 7.30 25.81 -18.10
CA THR F 416 8.40 26.54 -17.46
C THR F 416 9.69 26.76 -18.26
N GLU F 417 10.15 28.01 -18.25
CA GLU F 417 11.00 28.70 -19.23
C GLU F 417 12.38 28.11 -19.57
N PRO F 418 13.36 28.06 -18.63
CA PRO F 418 14.77 28.20 -19.08
C PRO F 418 15.37 26.94 -19.68
N TRP F 419 14.88 26.51 -20.84
CA TRP F 419 15.31 25.21 -21.37
C TRP F 419 16.60 25.37 -22.15
N GLU F 420 17.68 25.40 -21.40
CA GLU F 420 18.99 24.98 -21.88
C GLU F 420 19.75 24.22 -20.80
N ARG F 421 19.11 23.95 -19.66
CA ARG F 421 19.78 23.43 -18.48
C ARG F 421 18.87 22.39 -17.84
N GLY F 422 19.20 21.12 -17.99
CA GLY F 422 18.53 20.13 -17.19
C GLY F 422 19.11 18.74 -17.23
N ILE F 423 19.44 18.22 -16.04
CA ILE F 423 19.80 16.82 -15.83
C ILE F 423 19.72 16.59 -14.33
N ASP F 424 19.62 15.35 -13.93
CA ASP F 424 19.83 15.01 -12.54
C ASP F 424 20.99 14.02 -12.44
N ALA F 425 21.56 13.92 -11.25
CA ALA F 425 22.59 12.94 -10.96
C ALA F 425 22.05 11.79 -10.12
N THR F 426 21.48 12.10 -8.95
CA THR F 426 21.01 11.09 -8.01
C THR F 426 19.89 10.25 -8.62
N HIS F 427 19.03 10.87 -9.41
CA HIS F 427 17.98 10.10 -10.07
C HIS F 427 18.44 9.66 -11.46
N THR F 428 19.66 9.11 -11.52
CA THR F 428 20.12 8.29 -12.63
C THR F 428 20.66 6.96 -12.18
N ASP F 429 21.06 6.84 -10.90
CA ASP F 429 21.54 5.57 -10.37
C ASP F 429 20.48 4.48 -10.44
N ILE F 430 19.21 4.87 -10.34
CA ILE F 430 18.13 3.91 -10.45
C ILE F 430 18.05 3.35 -11.87
N ASN F 431 18.13 4.23 -12.86
CA ASN F 431 18.10 3.72 -14.23
C ASN F 431 19.41 3.08 -14.64
N MET F 432 20.53 3.51 -14.07
CA MET F 432 21.78 2.80 -14.33
C MET F 432 21.75 1.39 -13.76
N GLY F 433 21.15 1.22 -12.58
CA GLY F 433 21.03 -0.11 -12.01
C GLY F 433 20.06 -0.96 -12.79
N ASN F 434 18.95 -0.37 -13.23
CA ASN F 434 17.99 -1.08 -14.08
C ASN F 434 18.56 -1.35 -15.45
N TYR F 435 19.64 -0.67 -15.83
CA TYR F 435 20.39 -1.03 -17.04
C TYR F 435 21.33 -2.20 -16.77
N PHE F 436 22.18 -2.07 -15.76
CA PHE F 436 23.27 -3.03 -15.61
C PHE F 436 22.81 -4.36 -15.06
N LYS F 437 21.87 -4.37 -14.12
CA LYS F 437 21.33 -5.63 -13.66
C LYS F 437 20.56 -6.32 -14.78
N SER F 438 19.93 -5.54 -15.66
CA SER F 438 19.29 -6.12 -16.83
C SER F 438 20.33 -6.74 -17.75
N LEU F 439 21.48 -6.09 -17.92
CA LEU F 439 22.53 -6.65 -18.79
C LEU F 439 23.10 -7.92 -18.18
N ILE F 440 23.25 -7.97 -16.86
CA ILE F 440 23.75 -9.18 -16.20
C ILE F 440 22.75 -10.31 -16.32
N VAL F 441 21.45 -10.00 -16.23
CA VAL F 441 20.42 -11.03 -16.43
C VAL F 441 20.44 -11.54 -17.87
N ARG F 442 20.58 -10.63 -18.85
CA ARG F 442 20.70 -11.04 -20.24
C ARG F 442 21.93 -11.89 -20.48
N GLU F 443 22.99 -11.65 -19.72
CA GLU F 443 24.18 -12.47 -19.88
C GLU F 443 24.02 -13.83 -19.20
N MET F 444 23.14 -13.90 -18.18
CA MET F 444 23.08 -15.08 -17.32
C MET F 444 22.62 -16.32 -18.07
N ALA F 445 21.58 -16.21 -18.86
CA ALA F 445 21.24 -17.25 -19.83
C ALA F 445 21.67 -16.77 -21.20
N GLN F 446 22.16 -17.71 -22.01
CA GLN F 446 22.73 -17.38 -23.32
C GLN F 446 21.59 -17.05 -24.29
N VAL F 447 21.17 -15.79 -24.24
CA VAL F 447 20.12 -15.27 -25.09
C VAL F 447 20.66 -14.05 -25.81
N HIS F 448 19.84 -13.50 -26.71
CA HIS F 448 20.18 -12.28 -27.41
C HIS F 448 18.91 -11.48 -27.63
N SER F 449 19.07 -10.29 -28.22
CA SER F 449 17.98 -9.52 -28.81
C SER F 449 16.88 -9.12 -27.83
N TRP F 450 17.14 -8.07 -27.02
CA TRP F 450 16.28 -7.59 -25.93
C TRP F 450 14.80 -7.58 -26.23
N ALA F 451 14.06 -8.40 -25.48
CA ALA F 451 12.65 -8.66 -25.74
C ALA F 451 12.11 -9.51 -24.62
N LYS F 452 10.85 -9.86 -24.70
CA LYS F 452 10.30 -11.00 -23.97
C LYS F 452 9.55 -11.84 -25.00
N THR F 453 10.29 -12.68 -25.70
CA THR F 453 9.73 -13.58 -26.69
C THR F 453 9.23 -14.83 -25.98
N ALA F 454 8.23 -15.49 -26.57
CA ALA F 454 7.55 -16.61 -25.92
C ALA F 454 8.44 -17.82 -25.69
N ASN F 455 9.59 -17.93 -26.36
CA ASN F 455 10.56 -18.96 -26.05
C ASN F 455 11.83 -18.40 -25.42
N VAL F 456 11.88 -17.11 -25.11
CA VAL F 456 13.06 -16.51 -24.51
C VAL F 456 12.78 -15.98 -23.11
N LYS F 457 11.59 -15.42 -22.86
CA LYS F 457 11.33 -14.77 -21.59
C LYS F 457 11.19 -15.76 -20.45
N LYS F 458 10.92 -17.03 -20.73
CA LYS F 458 10.98 -18.03 -19.67
C LYS F 458 12.41 -18.17 -19.15
N GLN F 459 13.38 -18.25 -20.06
CA GLN F 459 14.79 -18.25 -19.69
C GLN F 459 15.16 -16.98 -18.96
N ILE F 460 14.64 -15.85 -19.42
CA ILE F 460 14.95 -14.54 -18.82
C ILE F 460 14.45 -14.48 -17.39
N VAL F 461 13.17 -14.83 -17.17
CA VAL F 461 12.57 -14.74 -15.83
C VAL F 461 13.19 -15.75 -14.89
N ASP F 462 13.48 -16.95 -15.38
CA ASP F 462 14.09 -17.97 -14.52
C ASP F 462 15.50 -17.59 -14.12
N ALA F 463 16.28 -17.05 -15.06
CA ALA F 463 17.62 -16.58 -14.72
C ALA F 463 17.57 -15.38 -13.79
N GLU F 464 16.55 -14.53 -13.93
CA GLU F 464 16.44 -13.39 -13.04
C GLU F 464 16.08 -13.83 -11.63
N SER F 465 15.23 -14.84 -11.50
CA SER F 465 14.91 -15.38 -10.18
C SER F 465 16.12 -16.06 -9.55
N LYS F 466 16.92 -16.75 -10.38
CA LYS F 466 18.16 -17.35 -9.87
C LYS F 466 19.13 -16.28 -9.40
N LEU F 467 19.24 -15.17 -10.15
CA LEU F 467 20.12 -14.09 -9.74
C LEU F 467 19.61 -13.43 -8.47
N ASP F 468 18.29 -13.33 -8.31
CA ASP F 468 17.72 -12.74 -7.11
C ASP F 468 18.03 -13.60 -5.88
N LYS F 469 17.87 -14.92 -6.01
CA LYS F 469 18.14 -15.79 -4.87
C LYS F 469 19.64 -15.84 -4.56
N HIS F 470 20.49 -15.83 -5.59
CA HIS F 470 21.92 -15.88 -5.35
C HIS F 470 22.43 -14.57 -4.76
N LEU F 471 21.87 -13.44 -5.18
CA LEU F 471 22.25 -12.20 -4.56
C LEU F 471 21.67 -12.10 -3.15
N LYS F 472 20.55 -12.77 -2.89
CA LYS F 472 20.04 -12.82 -1.53
C LYS F 472 20.93 -13.64 -0.61
N GLU F 473 21.54 -14.70 -1.13
CA GLU F 473 22.37 -15.57 -0.29
C GLU F 473 23.68 -14.91 0.16
N SER F 474 24.02 -13.73 -0.34
CA SER F 474 25.17 -13.00 0.17
C SER F 474 24.88 -11.53 0.46
N LEU F 475 23.85 -10.94 -0.15
CA LEU F 475 23.54 -9.53 0.02
C LEU F 475 22.02 -9.41 0.10
N GLY F 476 21.50 -8.21 -0.09
CA GLY F 476 20.07 -8.02 0.02
C GLY F 476 19.41 -7.48 -1.22
N LEU F 477 18.39 -8.21 -1.69
CA LEU F 477 17.41 -7.67 -2.64
C LEU F 477 16.07 -8.33 -2.33
N ASN F 478 15.26 -7.67 -1.58
CA ASN F 478 13.93 -8.20 -1.47
C ASN F 478 13.09 -7.87 -2.71
N PRO F 479 12.84 -6.59 -3.11
CA PRO F 479 11.80 -6.34 -4.11
C PRO F 479 12.27 -6.68 -5.52
N THR F 480 11.37 -6.45 -6.47
CA THR F 480 11.66 -6.61 -7.89
C THR F 480 11.54 -5.31 -8.65
N LEU F 481 10.41 -4.63 -8.54
CA LEU F 481 10.17 -3.38 -9.23
C LEU F 481 10.44 -2.21 -8.31
N MET F 482 10.66 -1.04 -8.92
CA MET F 482 10.88 0.24 -8.25
C MET F 482 12.07 0.16 -7.30
N MET F 483 13.24 0.05 -7.93
CA MET F 483 14.52 0.02 -7.24
C MET F 483 14.72 1.25 -6.36
N ALA F 484 15.52 1.09 -5.33
CA ALA F 484 15.84 2.18 -4.42
C ALA F 484 17.31 2.52 -4.52
N GLY F 485 17.63 3.76 -4.15
CA GLY F 485 19.00 4.25 -4.25
C GLY F 485 19.97 3.55 -3.32
N ASN F 486 19.47 3.03 -2.20
CA ASN F 486 20.32 2.18 -1.36
C ASN F 486 20.61 0.86 -2.05
N TYR F 487 19.68 0.35 -2.85
CA TYR F 487 19.99 -0.81 -3.65
C TYR F 487 20.86 -0.46 -4.84
N ALA F 488 20.85 0.81 -5.25
CA ALA F 488 21.72 1.23 -6.34
C ALA F 488 23.17 1.24 -5.92
N ARG F 489 23.47 1.80 -4.74
CA ARG F 489 24.86 2.03 -4.36
C ARG F 489 25.58 0.75 -4.00
N GLU F 490 24.87 -0.35 -3.78
CA GLU F 490 25.57 -1.61 -3.60
C GLU F 490 26.12 -2.13 -4.92
N LEU F 491 25.45 -1.82 -6.02
CA LEU F 491 25.85 -2.31 -7.33
C LEU F 491 26.99 -1.53 -7.95
N PHE F 492 27.55 -0.54 -7.26
CA PHE F 492 28.68 0.20 -7.80
C PHE F 492 29.80 0.37 -6.79
N LYS F 493 29.70 -0.26 -5.64
CA LYS F 493 30.76 -0.17 -4.66
C LYS F 493 31.98 -0.93 -5.18
N ALA F 494 33.17 -0.54 -4.71
CA ALA F 494 34.41 -1.08 -5.24
C ALA F 494 34.56 -2.57 -4.95
N GLU F 495 33.99 -3.04 -3.86
CA GLU F 495 33.96 -4.47 -3.57
C GLU F 495 32.73 -5.11 -4.22
N HIS F 496 32.47 -6.37 -3.86
CA HIS F 496 31.28 -7.13 -4.23
C HIS F 496 31.12 -7.33 -5.73
N ALA F 497 32.18 -7.07 -6.50
CA ALA F 497 32.08 -7.18 -7.94
C ALA F 497 32.07 -8.64 -8.37
N ASP F 498 32.85 -9.47 -7.67
CA ASP F 498 32.88 -10.89 -8.00
C ASP F 498 31.58 -11.58 -7.62
N LYS F 499 30.91 -11.09 -6.58
CA LYS F 499 29.66 -11.70 -6.16
C LYS F 499 28.53 -11.40 -7.12
N LEU F 500 28.64 -10.32 -7.89
CA LEU F 500 27.61 -9.98 -8.86
C LEU F 500 27.77 -10.74 -10.17
N VAL F 501 28.84 -11.50 -10.34
CA VAL F 501 29.10 -12.16 -11.62
C VAL F 501 29.43 -13.62 -11.40
N ALA F 502 29.21 -14.10 -10.17
CA ALA F 502 29.74 -15.41 -9.79
C ALA F 502 29.01 -16.56 -10.46
N LEU F 503 27.75 -16.35 -10.84
CA LEU F 503 27.05 -17.39 -11.58
C LEU F 503 27.39 -17.39 -13.04
N VAL F 504 27.96 -16.30 -13.56
CA VAL F 504 28.28 -16.23 -14.97
C VAL F 504 29.52 -17.07 -15.23
N ASP F 505 29.36 -18.17 -15.96
CA ASP F 505 30.49 -18.96 -16.44
C ASP F 505 31.03 -18.33 -17.72
N LYS F 506 31.89 -19.07 -18.45
CA LYS F 506 32.63 -18.62 -19.63
C LYS F 506 33.43 -17.37 -19.29
N PRO F 507 34.56 -17.51 -18.60
CA PRO F 507 35.15 -16.37 -17.85
C PRO F 507 35.61 -15.19 -18.67
N ASP F 508 35.65 -15.28 -20.02
CA ASP F 508 35.97 -14.09 -20.81
C ASP F 508 34.83 -13.07 -20.73
N ARG F 509 33.59 -13.52 -20.83
CA ARG F 509 32.45 -12.63 -20.63
C ARG F 509 32.40 -12.11 -19.21
N LYS F 510 32.82 -12.93 -18.24
CA LYS F 510 32.90 -12.50 -16.86
C LYS F 510 33.91 -11.36 -16.70
N SER F 511 35.08 -11.50 -17.33
CA SER F 511 36.10 -10.46 -17.24
C SER F 511 35.65 -9.18 -17.93
N ALA F 512 34.98 -9.30 -19.07
CA ALA F 512 34.49 -8.11 -19.75
C ALA F 512 33.36 -7.44 -18.98
N LEU F 513 32.49 -8.24 -18.35
CA LEU F 513 31.38 -7.69 -17.58
C LEU F 513 31.88 -6.96 -16.35
N VAL F 514 32.93 -7.49 -15.70
CA VAL F 514 33.51 -6.77 -14.58
C VAL F 514 34.28 -5.55 -15.08
N GLU F 515 34.88 -5.63 -16.27
CA GLU F 515 35.69 -4.54 -16.77
C GLU F 515 34.83 -3.32 -17.13
N VAL F 516 33.64 -3.55 -17.69
CA VAL F 516 32.78 -2.43 -18.04
C VAL F 516 32.29 -1.72 -16.77
N LEU F 517 31.93 -2.51 -15.75
CA LEU F 517 31.57 -1.92 -14.47
C LEU F 517 32.74 -1.21 -13.83
N ALA F 518 33.96 -1.70 -14.04
CA ALA F 518 35.14 -1.06 -13.46
C ALA F 518 35.40 0.28 -14.12
N LYS F 519 35.19 0.36 -15.43
CA LYS F 519 35.20 1.65 -16.11
C LYS F 519 34.13 2.56 -15.55
N PHE F 520 32.97 2.00 -15.22
CA PHE F 520 31.88 2.80 -14.70
C PHE F 520 32.20 3.36 -13.30
N ARG F 521 32.82 2.54 -12.44
CA ARG F 521 33.28 3.05 -11.15
C ARG F 521 34.35 4.13 -11.31
N GLN F 522 35.31 3.90 -12.22
CA GLN F 522 36.42 4.83 -12.40
C GLN F 522 35.94 6.18 -12.89
N LEU F 523 34.92 6.19 -13.73
CA LEU F 523 34.45 7.41 -14.35
C LEU F 523 33.12 7.86 -13.77
N ARG F 524 32.67 7.25 -12.69
CA ARG F 524 31.43 7.63 -12.04
C ARG F 524 31.63 8.81 -11.11
N LYS F 525 32.88 9.07 -10.72
CA LYS F 525 33.17 10.11 -9.74
C LYS F 525 32.92 11.52 -10.29
N VAL F 526 32.73 11.66 -11.61
CA VAL F 526 32.40 12.97 -12.16
C VAL F 526 31.07 13.45 -11.64
N TYR F 527 30.01 12.71 -11.89
CA TYR F 527 28.75 13.10 -11.28
C TYR F 527 28.68 12.52 -9.86
N ARG F 528 27.73 13.04 -9.08
CA ARG F 528 27.62 12.86 -7.63
C ARG F 528 28.89 13.26 -6.89
N ALA F 529 29.67 14.16 -7.46
CA ALA F 529 30.68 14.92 -6.73
C ALA F 529 30.12 16.32 -6.56
N ASN F 530 30.20 16.86 -5.34
CA ASN F 530 29.56 18.13 -5.09
C ASN F 530 30.29 19.27 -5.77
N TRP F 531 31.61 19.28 -5.73
CA TRP F 531 32.37 20.30 -6.43
C TRP F 531 33.55 19.72 -7.20
N PRO F 532 33.30 19.26 -8.42
CA PRO F 532 34.37 19.25 -9.42
C PRO F 532 34.63 20.68 -9.87
N LEU F 533 35.73 20.83 -10.62
CA LEU F 533 36.54 22.03 -10.89
C LEU F 533 37.28 22.50 -9.64
N ASN F 534 37.15 21.79 -8.52
CA ASN F 534 37.98 21.98 -7.35
C ASN F 534 38.57 20.66 -6.90
N ASP F 535 38.35 19.60 -7.69
CA ASP F 535 38.90 18.28 -7.48
C ASP F 535 38.77 17.53 -8.79
N MET F 536 39.69 16.58 -9.01
CA MET F 536 39.63 15.59 -10.09
C MET F 536 39.62 16.25 -11.47
N SER F 537 40.32 17.38 -11.61
CA SER F 537 40.16 18.23 -12.77
C SER F 537 40.73 17.62 -14.05
N ASP F 538 41.69 16.70 -13.94
CA ASP F 538 42.14 16.00 -15.14
C ASP F 538 41.08 15.02 -15.63
N GLU F 539 40.36 14.39 -14.70
CA GLU F 539 39.21 13.60 -15.08
C GLU F 539 38.12 14.47 -15.69
N VAL F 540 37.99 15.71 -15.21
CA VAL F 540 37.03 16.65 -15.78
C VAL F 540 37.42 17.03 -17.19
N ARG F 541 38.71 17.17 -17.45
CA ARG F 541 39.14 17.54 -18.80
C ARG F 541 39.34 16.35 -19.73
N GLN F 542 39.23 15.12 -19.23
CA GLN F 542 39.31 13.96 -20.10
C GLN F 542 38.05 13.09 -20.11
N TYR F 543 36.99 13.49 -19.40
CA TYR F 543 35.83 12.63 -19.23
C TYR F 543 35.09 12.36 -20.54
N LYS F 544 35.15 13.29 -21.49
CA LYS F 544 34.47 13.05 -22.76
C LYS F 544 35.11 11.89 -23.52
N ALA F 545 36.44 11.91 -23.64
CA ALA F 545 37.14 10.80 -24.28
C ALA F 545 37.04 9.52 -23.46
N LYS F 546 37.02 9.64 -22.13
CA LYS F 546 36.88 8.45 -21.28
C LYS F 546 35.49 7.82 -21.42
N ALA F 547 34.46 8.65 -21.57
CA ALA F 547 33.13 8.11 -21.74
C ALA F 547 32.93 7.57 -23.15
N VAL F 548 33.59 8.16 -24.14
CA VAL F 548 33.61 7.57 -25.48
C VAL F 548 34.26 6.21 -25.44
N GLU F 549 35.32 6.05 -24.65
CA GLU F 549 35.91 4.73 -24.46
C GLU F 549 34.97 3.78 -23.73
N MET F 550 34.20 4.28 -22.77
CA MET F 550 33.28 3.42 -22.03
C MET F 550 32.15 2.96 -22.92
N ALA F 551 31.64 3.83 -23.79
CA ALA F 551 30.65 3.40 -24.76
C ALA F 551 31.27 2.51 -25.83
N ASN F 552 32.57 2.67 -26.07
CA ASN F 552 33.27 1.80 -27.00
C ASN F 552 33.40 0.39 -26.43
N ASP F 553 33.50 0.26 -25.11
CA ASP F 553 33.56 -1.06 -24.49
C ASP F 553 32.24 -1.80 -24.64
N LEU F 554 31.12 -1.09 -24.55
CA LEU F 554 29.84 -1.70 -24.87
C LEU F 554 29.74 -2.01 -26.35
N LYS F 555 30.43 -1.23 -27.17
CA LYS F 555 30.27 -1.29 -28.62
C LYS F 555 30.86 -2.57 -29.19
N THR F 556 31.95 -3.07 -28.61
CA THR F 556 32.66 -4.20 -29.19
C THR F 556 32.40 -5.51 -28.47
N HIS F 557 32.28 -5.49 -27.14
CA HIS F 557 32.04 -6.72 -26.40
C HIS F 557 30.57 -7.07 -26.30
N PHE F 558 29.70 -6.28 -26.91
CA PHE F 558 28.27 -6.55 -26.89
C PHE F 558 27.64 -6.14 -28.21
N PRO F 559 26.97 -7.06 -28.91
CA PRO F 559 26.25 -6.68 -30.12
C PRO F 559 24.85 -6.13 -29.86
N TYR F 560 24.46 -6.01 -28.59
CA TYR F 560 23.10 -5.59 -28.27
C TYR F 560 22.92 -4.10 -28.52
N ALA F 561 23.66 -3.29 -27.76
CA ALA F 561 23.66 -1.83 -27.72
C ALA F 561 22.27 -1.20 -27.60
N PRO F 562 21.59 -1.29 -26.45
CA PRO F 562 20.46 -0.39 -26.25
C PRO F 562 20.91 0.91 -25.61
N CYS F 563 20.43 2.02 -26.15
CA CYS F 563 20.77 3.35 -25.63
C CYS F 563 19.53 3.92 -24.98
N THR F 564 19.43 3.81 -23.67
CA THR F 564 18.28 4.36 -22.97
C THR F 564 18.45 5.85 -22.76
N ASN F 565 17.45 6.46 -22.13
CA ASN F 565 17.38 7.92 -22.01
C ASN F 565 18.41 8.50 -21.07
N TYR F 566 19.22 7.68 -20.40
CA TYR F 566 20.26 8.24 -19.55
C TYR F 566 21.67 7.94 -20.01
N LEU F 567 21.89 6.97 -20.89
CA LEU F 567 23.24 6.80 -21.44
C LEU F 567 23.61 7.98 -22.32
N HIS F 568 22.65 8.55 -23.04
CA HIS F 568 22.91 9.76 -23.81
C HIS F 568 23.13 10.96 -22.91
N LYS F 569 22.64 10.91 -21.67
CA LYS F 569 22.96 11.89 -20.66
C LYS F 569 24.19 11.53 -19.85
N VAL F 570 25.00 10.59 -20.30
CA VAL F 570 26.27 10.27 -19.67
C VAL F 570 27.42 10.38 -20.66
N ILE F 571 27.30 9.73 -21.82
CA ILE F 571 28.38 9.74 -22.79
C ILE F 571 28.44 11.04 -23.58
N GLU F 572 27.49 11.93 -23.38
CA GLU F 572 27.57 13.29 -23.85
C GLU F 572 26.85 14.12 -22.79
N HIS F 573 26.77 15.44 -23.01
CA HIS F 573 25.97 16.37 -22.22
C HIS F 573 26.45 16.47 -20.77
N VAL F 574 27.67 16.03 -20.48
CA VAL F 574 28.26 16.14 -19.16
C VAL F 574 29.58 16.91 -19.20
N GLN F 575 30.42 16.58 -20.18
CA GLN F 575 31.68 17.31 -20.38
C GLN F 575 31.43 18.77 -20.69
N GLU F 576 30.66 19.06 -21.73
CA GLU F 576 30.39 20.44 -22.09
C GLU F 576 29.47 21.11 -21.09
N LEU F 577 28.66 20.33 -20.37
CA LEU F 577 27.75 20.89 -19.39
C LEU F 577 28.52 21.45 -18.21
N ILE F 578 29.48 20.69 -17.69
CA ILE F 578 30.35 21.19 -16.63
C ILE F 578 31.30 22.24 -17.19
N GLU F 579 31.74 22.07 -18.44
CA GLU F 579 32.71 22.95 -19.07
C GLU F 579 32.12 24.32 -19.38
N HIS F 580 30.79 24.43 -19.42
CA HIS F 580 30.11 25.58 -20.00
C HIS F 580 30.35 26.84 -19.17
N PRO F 581 30.58 27.98 -19.80
CA PRO F 581 30.79 29.21 -19.05
C PRO F 581 29.50 29.75 -18.45
N SER F 582 29.66 30.44 -17.32
CA SER F 582 28.63 31.15 -16.57
C SER F 582 27.54 30.23 -16.02
N GLY F 583 27.77 28.93 -16.01
CA GLY F 583 26.86 28.03 -15.33
C GLY F 583 27.29 27.90 -13.88
N VAL F 584 27.41 26.67 -13.41
CA VAL F 584 27.94 26.38 -12.10
C VAL F 584 29.25 25.61 -12.20
N GLY F 585 29.25 24.53 -12.97
CA GLY F 585 30.45 23.76 -13.23
C GLY F 585 30.42 22.39 -12.60
N SER F 586 29.22 21.81 -12.50
CA SER F 586 29.02 20.52 -11.85
C SER F 586 27.61 20.04 -12.18
N VAL F 587 27.28 18.85 -11.70
CA VAL F 587 25.92 18.35 -11.70
C VAL F 587 25.56 17.81 -10.33
N GLY F 588 26.58 17.48 -9.53
CA GLY F 588 26.34 16.71 -8.32
C GLY F 588 25.65 17.50 -7.23
N ALA F 589 26.17 18.69 -6.92
CA ALA F 589 25.50 19.55 -5.97
C ALA F 589 24.24 20.18 -6.55
N LEU F 590 24.02 20.07 -7.85
CA LEU F 590 22.82 20.56 -8.50
C LEU F 590 21.72 19.53 -8.58
N SER F 591 21.82 18.46 -7.79
CA SER F 591 20.93 17.32 -7.98
C SER F 591 19.60 17.56 -7.27
N SER F 592 18.80 16.51 -7.13
CA SER F 592 17.43 16.61 -6.67
C SER F 592 17.12 15.60 -5.59
N GLU F 593 17.99 15.47 -4.60
CA GLU F 593 17.65 14.59 -3.49
C GLU F 593 17.09 15.34 -2.30
N GLY F 594 17.38 16.65 -2.21
CA GLY F 594 16.89 17.44 -1.10
C GLY F 594 15.38 17.58 -1.06
N ASN F 595 14.72 17.49 -2.20
CA ASN F 595 13.26 17.41 -2.17
C ASN F 595 12.80 16.07 -1.62
N GLU F 596 13.48 14.97 -2.01
CA GLU F 596 12.90 13.65 -1.82
C GLU F 596 12.94 13.23 -0.36
N ALA F 597 14.06 13.48 0.33
CA ALA F 597 14.07 13.31 1.77
C ALA F 597 13.14 14.30 2.44
N GLY F 598 12.95 15.47 1.81
CA GLY F 598 11.90 16.37 2.25
C GLY F 598 10.52 15.74 2.16
N ASN F 599 10.29 14.92 1.14
CA ASN F 599 9.05 14.18 1.07
C ASN F 599 8.92 13.18 2.21
N LYS F 600 10.04 12.63 2.69
CA LYS F 600 10.03 11.82 3.90
C LYS F 600 9.58 12.63 5.09
N LEU F 601 9.83 13.93 5.09
CA LEU F 601 9.34 14.78 6.15
C LEU F 601 7.89 15.15 5.92
N PHE F 602 7.43 15.13 4.67
CA PHE F 602 6.12 15.69 4.36
C PHE F 602 4.98 14.84 4.90
N ARG F 603 5.08 13.52 4.75
CA ARG F 603 4.17 12.66 5.48
C ARG F 603 4.38 12.83 6.96
N GLN F 604 5.64 12.94 7.37
CA GLN F 604 5.98 12.95 8.79
C GLN F 604 5.50 14.22 9.45
N LEU F 605 5.46 15.33 8.73
CA LEU F 605 4.89 16.53 9.29
C LEU F 605 3.38 16.64 9.07
N ARG F 606 2.75 15.66 8.42
CA ARG F 606 1.29 15.72 8.26
C ARG F 606 0.58 14.55 8.91
N LEU F 607 1.08 13.33 8.73
CA LEU F 607 0.39 12.15 9.22
C LEU F 607 0.46 12.10 10.73
N GLY F 608 -0.47 12.77 11.39
CA GLY F 608 -0.43 12.82 12.83
C GLY F 608 0.68 13.69 13.35
N HIS F 609 0.95 14.81 12.69
CA HIS F 609 1.78 15.85 13.28
C HIS F 609 1.09 17.20 13.35
N ALA F 610 0.50 17.66 12.26
CA ALA F 610 0.02 19.02 12.14
C ALA F 610 -1.45 19.10 12.56
N ARG F 611 -2.12 20.20 12.20
CA ARG F 611 -3.55 20.35 12.47
C ARG F 611 -4.34 19.30 11.71
N LYS F 612 -5.29 18.71 12.40
CA LYS F 612 -6.10 17.65 11.84
C LYS F 612 -7.56 18.02 12.08
N GLY F 613 -8.42 17.52 11.22
CA GLY F 613 -9.85 17.78 11.30
C GLY F 613 -10.39 18.59 10.15
N ASN F 614 -9.52 19.25 9.39
CA ASN F 614 -9.93 20.10 8.29
C ASN F 614 -8.72 20.24 7.38
N THR F 615 -8.91 19.97 6.09
CA THR F 615 -7.78 19.76 5.19
C THR F 615 -7.01 21.04 4.92
N TYR F 616 -7.71 22.08 4.45
CA TYR F 616 -7.06 23.34 4.13
C TYR F 616 -6.50 24.03 5.35
N ASN F 617 -7.15 23.89 6.50
CA ASN F 617 -6.60 24.51 7.71
C ASN F 617 -5.42 23.73 8.26
N GLY F 618 -5.26 22.47 7.86
CA GLY F 618 -4.17 21.66 8.38
C GLY F 618 -2.93 21.70 7.52
N LEU F 619 -3.12 21.78 6.21
CA LEU F 619 -1.97 21.81 5.32
C LEU F 619 -1.22 23.12 5.45
N ARG F 620 -1.92 24.19 5.82
CA ARG F 620 -1.27 25.45 6.16
C ARG F 620 -0.34 25.29 7.34
N ASP F 621 -0.76 24.53 8.34
CA ASP F 621 0.11 24.32 9.48
C ASP F 621 1.22 23.32 9.17
N VAL F 622 1.06 22.51 8.14
CA VAL F 622 2.22 21.77 7.64
C VAL F 622 3.26 22.75 7.10
N LEU F 623 2.80 23.65 6.21
CA LEU F 623 3.73 24.55 5.51
C LEU F 623 4.40 25.53 6.45
N CYS F 624 3.70 25.98 7.49
CA CYS F 624 4.29 26.95 8.40
C CYS F 624 5.44 26.34 9.19
N THR F 625 5.22 25.16 9.77
CA THR F 625 6.30 24.57 10.54
C THR F 625 7.38 23.99 9.64
N HIS F 626 7.07 23.67 8.39
CA HIS F 626 8.10 23.23 7.48
C HIS F 626 8.93 24.38 6.96
N TRP F 627 8.37 25.58 6.94
CA TRP F 627 9.18 26.78 6.69
C TRP F 627 10.05 27.10 7.90
N LEU F 628 9.50 26.97 9.11
CA LEU F 628 10.30 27.21 10.30
C LEU F 628 11.37 26.16 10.51
N TYR F 629 11.22 24.99 9.90
CA TYR F 629 12.17 23.89 10.12
C TYR F 629 13.53 24.16 9.52
N THR F 630 13.61 25.00 8.50
CA THR F 630 14.81 25.08 7.68
C THR F 630 15.46 26.44 7.67
N SER F 631 15.26 27.24 8.71
CA SER F 631 16.03 28.48 8.82
C SER F 631 17.42 28.18 9.34
N LYS F 632 18.43 28.70 8.66
CA LYS F 632 19.80 28.54 9.14
C LYS F 632 20.06 29.33 10.39
N THR F 633 19.28 30.40 10.62
CA THR F 633 19.33 31.15 11.86
C THR F 633 18.92 30.30 13.05
N LEU F 634 18.12 29.26 12.83
CA LEU F 634 17.81 28.34 13.91
C LEU F 634 18.87 27.26 14.08
N ARG F 635 19.28 26.62 12.99
CA ARG F 635 20.20 25.48 13.11
C ARG F 635 21.61 25.91 13.47
N ASP F 636 21.95 27.19 13.31
CA ASP F 636 23.19 27.67 13.89
C ASP F 636 23.06 27.95 15.37
N LYS F 637 21.83 28.13 15.87
CA LYS F 637 21.63 28.39 17.28
C LYS F 637 21.31 27.13 18.06
N ALA F 638 20.93 26.05 17.39
CA ALA F 638 20.60 24.81 18.07
C ALA F 638 21.54 23.71 17.61
N ALA F 639 21.74 22.72 18.49
CA ALA F 639 22.52 21.50 18.26
C ALA F 639 23.98 21.78 17.91
N UNK F 640 24.49 22.93 18.33
CA UNK F 640 25.86 23.34 18.01
C UNK F 640 26.63 23.38 19.33
N UNK F 641 27.16 22.23 19.71
CA UNK F 641 28.06 22.09 20.84
C UNK F 641 29.38 21.53 20.35
N UNK F 642 30.30 21.31 21.27
CA UNK F 642 31.59 20.70 20.98
C UNK F 642 31.63 19.32 21.63
N UNK F 643 31.79 18.29 20.81
CA UNK F 643 31.96 16.96 21.34
C UNK F 643 33.33 16.83 21.99
N UNK F 644 33.45 15.86 22.91
CA UNK F 644 34.72 15.63 23.58
C UNK F 644 35.71 15.02 22.61
N UNK F 645 36.83 15.71 22.40
CA UNK F 645 37.78 15.29 21.38
C UNK F 645 38.54 14.04 21.83
N UNK F 646 38.88 13.20 20.86
CA UNK F 646 39.66 12.00 21.10
C UNK F 646 40.73 11.85 20.02
N UNK F 647 41.39 12.98 19.71
CA UNK F 647 42.46 13.09 18.70
C UNK F 647 41.98 12.65 17.31
N UNK F 648 40.93 13.31 16.83
CA UNK F 648 40.31 13.18 15.50
C UNK F 648 39.71 11.80 15.23
N UNK F 649 39.61 10.93 16.25
CA UNK F 649 38.92 9.64 16.21
C UNK F 649 39.48 8.69 15.14
N UNK F 650 40.79 8.78 14.89
CA UNK F 650 41.42 7.98 13.86
C UNK F 650 42.34 6.92 14.43
N UNK F 651 43.32 7.30 15.26
CA UNK F 651 44.31 6.35 15.73
C UNK F 651 44.99 6.89 16.97
N UNK F 652 45.34 5.99 17.89
CA UNK F 652 46.39 6.29 18.85
C UNK F 652 47.74 6.04 18.17
N UNK F 653 48.03 4.77 17.89
CA UNK F 653 48.72 4.36 16.66
C UNK F 653 48.30 2.92 16.38
N UNK F 654 47.11 2.76 15.79
CA UNK F 654 46.45 1.49 15.51
C UNK F 654 45.09 1.70 14.87
N UNK F 655 44.44 0.61 14.47
CA UNK F 655 42.99 0.40 14.55
C UNK F 655 42.18 1.46 13.79
N UNK F 656 42.28 1.39 12.46
CA UNK F 656 41.45 2.23 11.59
C UNK F 656 39.97 2.00 11.83
N UNK F 657 39.58 0.78 12.18
CA UNK F 657 38.28 0.52 12.78
C UNK F 657 38.46 0.30 14.27
N UNK F 658 37.40 0.61 15.02
CA UNK F 658 37.35 0.60 16.49
C UNK F 658 38.47 1.42 17.13
N MET J 1 -45.65 18.25 -29.13
CA MET J 1 -46.18 17.93 -27.81
C MET J 1 -45.20 18.36 -26.72
N SER J 2 -45.47 19.51 -26.13
CA SER J 2 -44.75 19.90 -24.94
C SER J 2 -45.33 19.19 -23.72
N SER J 3 -44.63 19.34 -22.59
CA SER J 3 -45.01 18.78 -21.28
C SER J 3 -45.08 17.25 -21.32
N GLY J 4 -44.04 16.63 -21.85
CA GLY J 4 -43.93 15.19 -21.87
C GLY J 4 -43.01 14.68 -20.80
N PRO J 5 -43.02 13.36 -20.57
CA PRO J 5 -42.34 12.79 -19.39
C PRO J 5 -40.82 12.86 -19.37
N ILE J 6 -40.24 12.23 -18.35
CA ILE J 6 -38.81 12.32 -18.08
C ILE J 6 -38.00 11.70 -19.21
N PHE J 7 -38.22 10.41 -19.48
CA PHE J 7 -37.41 9.58 -20.37
C PHE J 7 -35.93 9.63 -19.96
N SER J 8 -35.66 9.01 -18.82
CA SER J 8 -34.30 8.65 -18.48
C SER J 8 -33.85 7.59 -19.47
N SER J 9 -33.06 8.00 -20.47
CA SER J 9 -32.71 7.09 -21.55
C SER J 9 -31.73 6.02 -21.07
N LEU J 10 -31.54 5.01 -21.90
CA LEU J 10 -30.90 3.78 -21.47
C LEU J 10 -29.39 3.94 -21.40
N VAL J 11 -28.81 3.52 -20.28
CA VAL J 11 -27.40 3.71 -19.98
C VAL J 11 -26.55 2.70 -20.75
N THR J 12 -25.23 2.92 -20.75
CA THR J 12 -24.28 2.09 -21.47
C THR J 12 -23.60 1.14 -20.51
N ASP J 13 -23.52 -0.13 -20.88
CA ASP J 13 -22.99 -1.17 -20.02
C ASP J 13 -21.48 -1.26 -20.02
N SER J 14 -20.79 -0.41 -20.79
CA SER J 14 -19.33 -0.43 -21.01
C SER J 14 -18.85 -1.77 -21.55
N SER J 15 -19.69 -2.47 -22.30
CA SER J 15 -19.32 -3.78 -22.84
C SER J 15 -18.55 -3.67 -24.14
N ARG J 16 -18.88 -2.68 -24.99
CA ARG J 16 -18.12 -2.42 -26.20
C ARG J 16 -17.65 -0.98 -26.30
N SER J 17 -17.71 -0.21 -25.22
CA SER J 17 -17.24 1.17 -25.20
C SER J 17 -16.04 1.29 -24.28
N SER J 18 -15.58 2.52 -24.08
CA SER J 18 -14.44 2.77 -23.20
C SER J 18 -14.88 2.65 -21.74
N ARG J 19 -13.91 2.87 -20.85
CA ARG J 19 -14.11 2.59 -19.43
C ARG J 19 -14.61 3.83 -18.68
N LYS J 20 -15.69 4.40 -19.20
CA LYS J 20 -16.27 5.60 -18.62
C LYS J 20 -17.78 5.53 -18.38
N LYS J 21 -18.45 4.47 -18.87
CA LYS J 21 -19.93 4.33 -18.86
C LYS J 21 -20.63 5.48 -19.57
N SER J 22 -19.94 6.12 -20.53
CA SER J 22 -20.38 7.32 -21.25
C SER J 22 -20.76 8.45 -20.29
N ASP J 23 -20.14 8.49 -19.12
CA ASP J 23 -20.45 9.47 -18.09
C ASP J 23 -19.62 10.72 -18.24
N SER J 24 -18.92 10.87 -19.35
CA SER J 24 -17.98 11.97 -19.58
C SER J 24 -18.65 13.13 -20.26
N ALA J 25 -19.92 13.36 -19.98
CA ALA J 25 -20.66 14.50 -20.53
C ALA J 25 -20.39 15.80 -19.78
N LEU J 26 -19.52 15.78 -18.77
CA LEU J 26 -19.09 16.97 -18.06
C LEU J 26 -18.20 17.85 -18.93
N GLY J 27 -18.54 19.13 -19.02
CA GLY J 27 -17.72 20.05 -19.77
C GLY J 27 -17.76 19.84 -21.26
N THR J 28 -18.93 19.56 -21.81
CA THR J 28 -19.08 19.23 -23.22
C THR J 28 -19.95 20.26 -23.92
N GLU J 29 -19.78 20.32 -25.23
CA GLU J 29 -20.32 21.39 -26.07
C GLU J 29 -20.45 20.78 -27.46
N PHE J 30 -21.63 20.80 -28.07
CA PHE J 30 -21.77 20.14 -29.36
C PHE J 30 -22.94 20.73 -30.15
N THR J 31 -23.15 20.17 -31.33
CA THR J 31 -24.29 20.48 -32.18
C THR J 31 -24.91 19.19 -32.71
N VAL J 32 -26.03 19.37 -33.41
CA VAL J 32 -26.88 18.27 -33.85
C VAL J 32 -27.80 18.80 -34.93
N VAL J 33 -28.02 18.01 -35.98
CA VAL J 33 -28.89 18.38 -37.09
C VAL J 33 -29.78 17.19 -37.43
N CYS J 34 -31.08 17.43 -37.57
CA CYS J 34 -31.98 16.52 -38.25
C CYS J 34 -31.53 16.38 -39.69
N ASP J 35 -30.94 15.25 -40.05
CA ASP J 35 -30.34 15.15 -41.36
C ASP J 35 -30.42 13.72 -41.85
N ARG J 36 -30.28 13.58 -43.16
CA ARG J 36 -30.49 12.35 -43.93
C ARG J 36 -29.31 11.40 -43.79
N VAL J 37 -29.24 10.42 -44.70
CA VAL J 37 -28.34 9.27 -44.66
C VAL J 37 -28.52 8.57 -43.33
N PRO J 38 -29.62 7.82 -43.13
CA PRO J 38 -29.81 7.13 -41.85
C PRO J 38 -28.83 5.99 -41.67
N LEU J 39 -27.57 6.31 -41.38
CA LEU J 39 -26.53 5.31 -41.26
C LEU J 39 -26.55 4.59 -39.92
N ARG J 40 -27.49 4.90 -39.04
CA ARG J 40 -27.64 4.22 -37.75
C ARG J 40 -28.91 3.40 -37.65
N ASP J 41 -29.84 3.56 -38.59
CA ASP J 41 -31.00 2.71 -38.76
C ASP J 41 -31.49 2.86 -40.20
N PRO J 42 -31.06 1.99 -41.10
CA PRO J 42 -31.54 2.07 -42.49
C PRO J 42 -32.98 1.60 -42.64
N SER J 43 -33.91 2.43 -42.21
CA SER J 43 -35.34 2.13 -42.27
C SER J 43 -36.07 3.22 -43.05
N PRO J 44 -37.17 2.88 -43.73
CA PRO J 44 -37.96 3.90 -44.43
C PRO J 44 -38.86 4.74 -43.53
N THR J 45 -38.70 4.68 -42.22
CA THR J 45 -39.55 5.40 -41.30
C THR J 45 -38.77 6.34 -40.37
N VAL J 46 -37.63 5.90 -39.87
CA VAL J 46 -36.95 6.58 -38.76
C VAL J 46 -36.15 7.74 -39.33
N GLN J 47 -36.74 8.92 -39.33
CA GLN J 47 -35.98 10.16 -39.48
C GLN J 47 -35.03 10.30 -38.29
N ARG J 48 -33.81 10.74 -38.56
CA ARG J 48 -32.77 10.67 -37.53
C ARG J 48 -32.04 12.00 -37.38
N PHE J 49 -31.98 12.48 -36.13
CA PHE J 49 -31.09 13.56 -35.74
C PHE J 49 -29.66 13.07 -35.84
N LEU J 50 -28.89 13.57 -36.81
CA LEU J 50 -27.47 13.22 -36.85
C LEU J 50 -26.72 14.10 -35.85
N CYS J 51 -25.71 13.53 -35.21
CA CYS J 51 -25.11 14.27 -34.11
C CYS J 51 -23.66 13.86 -33.88
N PHE J 52 -22.90 14.77 -33.25
CA PHE J 52 -21.54 14.54 -32.77
C PHE J 52 -21.42 15.18 -31.39
N VAL J 53 -21.77 14.40 -30.36
CA VAL J 53 -21.95 14.95 -29.02
C VAL J 53 -20.68 15.44 -28.38
N PHE J 54 -19.53 14.98 -28.83
CA PHE J 54 -18.29 15.54 -28.34
C PHE J 54 -17.70 16.42 -29.43
N ASP J 55 -17.49 17.68 -29.10
CA ASP J 55 -16.61 18.57 -29.85
C ASP J 55 -15.88 19.34 -28.75
N ASN J 56 -14.79 18.77 -28.26
CA ASN J 56 -14.00 19.42 -27.23
C ASN J 56 -12.57 18.89 -27.27
N GLY J 57 -11.73 19.46 -26.42
CA GLY J 57 -10.41 18.95 -26.16
C GLY J 57 -10.31 18.44 -24.75
N SER J 58 -9.78 19.28 -23.86
CA SER J 58 -9.49 18.90 -22.48
C SER J 58 -10.71 18.51 -21.66
N GLY J 59 -11.92 18.71 -22.19
CA GLY J 59 -13.10 18.23 -21.49
C GLY J 59 -13.19 16.72 -21.48
N ALA J 60 -12.98 16.09 -22.62
CA ALA J 60 -13.27 14.67 -22.73
C ALA J 60 -12.31 14.05 -23.74
N MET J 61 -12.70 12.91 -24.30
CA MET J 61 -12.16 12.44 -25.56
C MET J 61 -12.49 13.45 -26.66
N SER J 62 -11.78 13.33 -27.79
CA SER J 62 -11.71 14.41 -28.78
C SER J 62 -13.06 14.68 -29.44
N THR J 63 -13.59 13.71 -30.16
CA THR J 63 -14.92 13.86 -30.72
C THR J 63 -15.63 12.51 -30.70
N LEU J 64 -16.95 12.54 -30.79
CA LEU J 64 -17.78 11.35 -30.60
C LEU J 64 -19.19 11.60 -31.10
N PRO J 65 -19.75 10.71 -31.95
CA PRO J 65 -21.17 10.81 -32.30
C PRO J 65 -22.05 10.09 -31.29
N ILE J 66 -23.35 10.01 -31.56
CA ILE J 66 -24.26 9.39 -30.62
C ILE J 66 -25.39 8.72 -31.40
N ASP J 67 -26.05 7.76 -30.76
CA ASP J 67 -27.16 7.03 -31.36
C ASP J 67 -28.49 7.68 -31.02
N VAL J 68 -28.60 8.99 -31.25
CA VAL J 68 -29.90 9.65 -31.19
C VAL J 68 -30.60 9.32 -32.50
N GLY J 69 -31.54 8.37 -32.45
CA GLY J 69 -32.16 7.86 -33.64
C GLY J 69 -33.38 8.68 -33.98
N GLY J 70 -34.56 8.08 -33.90
CA GLY J 70 -35.76 8.85 -34.00
C GLY J 70 -36.33 9.12 -32.61
N GLU J 71 -36.36 8.09 -31.78
CA GLU J 71 -36.99 8.14 -30.47
C GLU J 71 -36.04 7.80 -29.34
N GLY J 72 -35.28 6.71 -29.47
CA GLY J 72 -34.48 6.19 -28.38
C GLY J 72 -33.00 6.53 -28.49
N ILE J 73 -32.31 6.29 -27.39
CA ILE J 73 -30.90 6.67 -27.23
C ILE J 73 -30.09 5.47 -26.78
N SER J 74 -29.01 5.20 -27.47
CA SER J 74 -28.09 4.11 -27.14
C SER J 74 -26.69 4.53 -27.58
N LEU J 75 -25.80 3.56 -27.75
CA LEU J 75 -24.54 3.80 -28.45
C LEU J 75 -24.63 3.28 -29.87
N SER J 76 -23.90 3.92 -30.77
CA SER J 76 -23.71 3.39 -32.11
C SER J 76 -22.28 3.52 -32.63
N ASP J 77 -21.43 4.32 -32.00
CA ASP J 77 -20.07 4.51 -32.49
C ASP J 77 -19.22 5.05 -31.35
N MET J 78 -17.93 4.76 -31.44
CA MET J 78 -16.95 5.31 -30.51
C MET J 78 -15.77 5.83 -31.32
N LYS J 79 -15.51 7.14 -31.21
CA LYS J 79 -14.38 7.78 -31.84
C LYS J 79 -13.37 8.26 -30.79
N GLU J 80 -12.14 8.43 -31.25
CA GLU J 80 -11.20 9.39 -30.71
C GLU J 80 -10.55 10.13 -31.87
N VAL J 81 -11.36 10.38 -32.91
CA VAL J 81 -10.89 10.95 -34.17
C VAL J 81 -10.37 12.36 -33.95
N LYS J 82 -9.19 12.65 -34.50
CA LYS J 82 -8.45 13.91 -34.32
C LYS J 82 -8.17 14.14 -32.84
N ALA J 83 -7.35 13.25 -32.30
CA ALA J 83 -7.24 13.03 -30.85
C ALA J 83 -6.59 14.23 -30.17
N MET J 84 -7.45 15.07 -29.57
CA MET J 84 -7.22 16.14 -28.60
C MET J 84 -6.02 17.07 -28.80
N PRO J 85 -6.00 17.92 -29.83
CA PRO J 85 -5.33 19.21 -29.70
C PRO J 85 -6.28 20.35 -29.39
N HIS J 86 -7.54 20.04 -29.13
CA HIS J 86 -8.65 20.96 -29.28
C HIS J 86 -8.83 21.90 -28.10
N ILE J 87 -9.97 22.55 -28.04
CA ILE J 87 -10.19 23.65 -27.13
C ILE J 87 -10.75 23.14 -25.82
N ALA J 88 -10.68 24.00 -24.80
CA ALA J 88 -11.32 23.79 -23.51
C ALA J 88 -12.79 24.14 -23.60
N SER J 89 -13.41 24.39 -22.44
CA SER J 89 -14.80 24.83 -22.45
C SER J 89 -14.93 26.16 -23.16
N GLY J 90 -15.40 26.10 -24.40
CA GLY J 90 -15.45 27.25 -25.26
C GLY J 90 -16.86 27.51 -25.72
N CYS J 91 -17.08 27.45 -27.02
CA CYS J 91 -18.43 27.50 -27.56
C CYS J 91 -18.57 26.41 -28.61
N THR J 92 -19.73 26.37 -29.25
CA THR J 92 -19.95 25.50 -30.41
C THR J 92 -20.97 26.19 -31.29
N ALA J 93 -20.50 26.87 -32.31
CA ALA J 93 -21.33 27.88 -32.92
C ALA J 93 -22.16 27.30 -34.06
N VAL J 94 -22.73 28.21 -34.84
CA VAL J 94 -23.60 27.88 -35.96
C VAL J 94 -22.79 27.26 -37.10
N TRP J 95 -23.42 26.31 -37.79
CA TRP J 95 -22.84 25.56 -38.90
C TRP J 95 -22.33 26.48 -40.00
N GLY J 96 -21.26 26.04 -40.65
CA GLY J 96 -20.62 26.84 -41.67
C GLY J 96 -21.32 26.70 -43.01
N PRO J 97 -20.75 27.36 -44.02
CA PRO J 97 -21.36 27.37 -45.35
C PRO J 97 -21.29 25.99 -45.98
N PRO J 98 -22.34 25.57 -46.68
CA PRO J 98 -22.32 24.25 -47.32
C PRO J 98 -21.41 24.22 -48.54
N LEU J 99 -20.93 23.03 -48.85
CA LEU J 99 -19.99 22.72 -49.90
C LEU J 99 -20.71 22.05 -51.07
N PRO J 100 -20.07 21.96 -52.25
CA PRO J 100 -20.68 21.20 -53.35
C PRO J 100 -20.85 19.72 -53.02
N PRO J 101 -22.00 19.14 -53.36
CA PRO J 101 -22.32 17.79 -52.89
C PRO J 101 -21.53 16.72 -53.62
N LYS J 102 -21.58 15.52 -53.06
CA LYS J 102 -20.91 14.35 -53.55
C LYS J 102 -21.89 13.20 -53.66
N PRO J 103 -21.65 12.25 -54.57
CA PRO J 103 -22.53 11.06 -54.64
C PRO J 103 -22.32 10.08 -53.49
N GLY J 104 -22.93 10.37 -52.34
CA GLY J 104 -22.92 9.41 -51.25
C GLY J 104 -22.66 10.00 -49.88
N LYS J 105 -22.36 11.29 -49.82
CA LYS J 105 -21.97 11.89 -48.55
C LYS J 105 -22.31 13.37 -48.56
N ASP J 106 -22.38 13.95 -47.35
CA ASP J 106 -22.78 15.33 -47.16
C ASP J 106 -21.75 16.06 -46.31
N THR J 107 -21.65 17.37 -46.52
CA THR J 107 -20.59 18.19 -45.98
C THR J 107 -21.09 19.07 -44.84
N LYS J 108 -20.20 19.36 -43.89
CA LYS J 108 -20.48 20.15 -42.70
C LYS J 108 -19.26 20.98 -42.34
N GLN J 109 -19.48 22.20 -41.85
CA GLN J 109 -18.42 23.06 -41.34
C GLN J 109 -18.80 23.57 -39.95
N VAL J 110 -17.95 23.28 -38.97
CA VAL J 110 -18.20 23.63 -37.57
C VAL J 110 -17.27 24.75 -37.19
N ILE J 111 -17.80 25.78 -36.55
CA ILE J 111 -16.99 26.87 -35.99
C ILE J 111 -16.91 26.69 -34.48
N LEU J 112 -15.70 26.80 -33.93
CA LEU J 112 -15.49 26.80 -32.50
C LEU J 112 -14.76 28.07 -32.10
N TRP J 113 -15.19 28.67 -31.00
CA TRP J 113 -14.71 29.98 -30.59
C TRP J 113 -14.63 30.07 -29.07
N GLY J 114 -13.58 30.75 -28.58
CA GLY J 114 -13.44 31.05 -27.16
C GLY J 114 -12.98 29.87 -26.33
N GLY J 115 -12.68 30.12 -25.06
CA GLY J 115 -12.39 29.02 -24.18
C GLY J 115 -11.13 29.20 -23.35
N LEU J 116 -10.93 28.31 -22.39
CA LEU J 116 -9.73 28.34 -21.59
C LEU J 116 -8.62 27.57 -22.29
N ASP J 117 -7.51 27.38 -21.59
CA ASP J 117 -6.39 26.61 -22.09
C ASP J 117 -6.03 25.56 -21.06
N LYS J 118 -5.75 24.36 -21.52
CA LYS J 118 -5.28 23.30 -20.65
C LYS J 118 -3.80 23.40 -20.35
N ARG J 119 -3.11 24.44 -20.83
CA ARG J 119 -1.67 24.48 -20.70
C ARG J 119 -1.15 25.80 -20.14
N ARG J 120 -1.84 26.90 -20.43
CA ARG J 120 -1.36 28.21 -19.99
C ARG J 120 -2.19 28.82 -18.88
N TRP J 121 -3.45 28.39 -18.73
CA TRP J 121 -4.41 28.90 -17.75
C TRP J 121 -4.60 30.40 -17.88
N CYS J 122 -5.07 30.79 -19.06
CA CYS J 122 -5.30 32.19 -19.40
C CYS J 122 -6.33 32.22 -20.51
N CYS J 123 -6.45 33.38 -21.15
CA CYS J 123 -7.38 33.58 -22.24
C CYS J 123 -6.99 32.75 -23.46
N SER J 124 -7.94 32.61 -24.38
CA SER J 124 -7.66 32.06 -25.71
C SER J 124 -8.77 32.49 -26.65
N ASN J 125 -8.39 32.89 -27.85
CA ASN J 125 -9.34 33.25 -28.90
C ASN J 125 -9.15 32.35 -30.12
N ASP J 126 -9.12 31.04 -29.88
CA ASP J 126 -8.91 30.06 -30.93
C ASP J 126 -10.11 30.00 -31.86
N LEU J 127 -10.10 30.80 -32.92
CA LEU J 127 -11.04 30.60 -34.01
C LEU J 127 -10.69 29.32 -34.74
N THR J 128 -11.65 28.40 -34.80
CA THR J 128 -11.38 27.05 -35.28
C THR J 128 -12.42 26.63 -36.29
N GLN J 129 -11.96 26.25 -37.47
CA GLN J 129 -12.81 25.60 -38.44
C GLN J 129 -12.53 24.11 -38.41
N VAL J 130 -13.58 23.30 -38.35
CA VAL J 130 -13.44 21.86 -38.44
C VAL J 130 -14.34 21.37 -39.58
N ASP J 131 -13.74 20.69 -40.54
CA ASP J 131 -14.48 20.09 -41.64
C ASP J 131 -14.96 18.71 -41.21
N ILE J 132 -16.27 18.50 -41.32
CA ILE J 132 -16.92 17.24 -40.98
C ILE J 132 -17.67 16.78 -42.22
N THR J 133 -17.55 15.50 -42.55
CA THR J 133 -18.22 14.94 -43.71
C THR J 133 -18.68 13.53 -43.36
N ILE J 134 -19.93 13.23 -43.70
CA ILE J 134 -20.55 11.96 -43.31
C ILE J 134 -20.90 11.17 -44.55
N THR J 135 -20.23 10.06 -44.73
CA THR J 135 -20.64 8.98 -45.63
C THR J 135 -21.25 7.88 -44.77
N PRO J 136 -21.90 6.86 -45.36
CA PRO J 136 -22.32 5.72 -44.54
C PRO J 136 -21.15 4.95 -43.95
N LYS J 137 -21.35 4.52 -42.69
CA LYS J 137 -20.57 3.54 -41.93
C LYS J 137 -19.22 4.04 -41.43
N THR J 138 -18.81 5.23 -41.86
CA THR J 138 -17.64 5.90 -41.31
C THR J 138 -17.77 7.38 -41.63
N THR J 139 -16.89 8.17 -41.03
CA THR J 139 -16.79 9.59 -41.42
C THR J 139 -15.32 9.95 -41.61
N THR J 140 -15.06 11.23 -41.78
CA THR J 140 -13.71 11.76 -41.80
C THR J 140 -13.72 13.08 -41.08
N ALA J 141 -12.53 13.67 -40.94
CA ALA J 141 -12.41 14.96 -40.28
C ALA J 141 -11.19 15.69 -40.81
N LYS J 142 -11.26 17.01 -40.79
CA LYS J 142 -10.08 17.84 -41.02
C LYS J 142 -10.09 18.99 -40.04
N VAL J 143 -8.90 19.44 -39.66
CA VAL J 143 -8.70 20.48 -38.68
C VAL J 143 -8.15 21.71 -39.39
N SER J 144 -8.71 22.87 -39.10
CA SER J 144 -8.22 24.12 -39.65
C SER J 144 -8.20 25.12 -38.49
N ILE J 145 -7.08 25.13 -37.77
CA ILE J 145 -6.88 26.12 -36.73
C ILE J 145 -6.46 27.42 -37.40
N LEU J 146 -7.07 28.53 -37.02
CA LEU J 146 -6.63 29.82 -37.54
C LEU J 146 -6.35 30.78 -36.39
N PRO J 147 -5.10 31.06 -36.10
CA PRO J 147 -4.78 32.12 -35.13
C PRO J 147 -4.94 33.50 -35.71
N ALA J 148 -4.48 34.53 -35.00
CA ALA J 148 -4.78 35.93 -35.29
C ALA J 148 -4.23 36.48 -36.60
N ASP J 149 -3.58 35.64 -37.41
CA ASP J 149 -3.08 36.06 -38.71
C ASP J 149 -4.21 36.42 -39.65
N LYS J 150 -5.18 35.53 -39.78
CA LYS J 150 -6.32 35.77 -40.65
C LYS J 150 -7.41 36.60 -39.98
N GLN J 151 -7.18 37.02 -38.74
CA GLN J 151 -8.22 37.68 -37.96
C GLN J 151 -8.14 39.20 -38.13
N ASP J 152 -9.30 39.81 -38.33
CA ASP J 152 -9.39 41.24 -38.58
C ASP J 152 -10.33 41.84 -37.55
N GLY J 153 -9.84 42.82 -36.79
CA GLY J 153 -10.60 43.36 -35.69
C GLY J 153 -10.76 42.33 -34.60
N VAL J 154 -9.64 41.96 -33.98
CA VAL J 154 -9.60 40.86 -33.02
C VAL J 154 -10.31 41.25 -31.74
N PRO J 155 -11.33 40.51 -31.34
CA PRO J 155 -11.98 40.77 -30.05
C PRO J 155 -11.11 40.24 -28.91
N SER J 156 -11.44 40.69 -27.72
CA SER J 156 -10.68 40.28 -26.55
C SER J 156 -11.02 38.83 -26.23
N PRO J 157 -10.02 37.97 -26.05
CA PRO J 157 -10.30 36.59 -25.64
C PRO J 157 -10.82 36.52 -24.20
N ARG J 158 -11.70 35.56 -23.96
CA ARG J 158 -12.64 35.65 -22.84
C ARG J 158 -13.17 34.26 -22.48
N THR J 159 -14.01 34.21 -21.43
CA THR J 159 -14.32 32.93 -20.78
C THR J 159 -15.37 32.11 -21.51
N GLY J 160 -16.60 32.59 -21.56
CA GLY J 160 -17.66 31.67 -21.88
C GLY J 160 -18.98 32.28 -22.28
N HIS J 161 -19.67 31.57 -23.18
CA HIS J 161 -20.85 32.05 -23.89
C HIS J 161 -21.39 30.97 -24.80
N THR J 162 -22.48 31.28 -25.50
CA THR J 162 -22.85 30.55 -26.70
C THR J 162 -22.94 31.56 -27.85
N LEU J 163 -23.09 31.03 -29.04
CA LEU J 163 -23.06 31.84 -30.25
C LEU J 163 -24.20 31.42 -31.16
N VAL J 164 -24.92 32.40 -31.69
CA VAL J 164 -26.03 32.15 -32.60
C VAL J 164 -25.88 33.05 -33.81
N ALA J 165 -26.54 32.64 -34.90
CA ALA J 165 -26.37 33.29 -36.19
C ALA J 165 -27.44 32.78 -37.15
N ILE J 166 -27.78 33.64 -38.11
CA ILE J 166 -28.43 33.19 -39.33
C ILE J 166 -27.43 32.30 -40.08
N SER J 167 -27.96 31.28 -40.77
CA SER J 167 -27.21 30.11 -41.25
C SER J 167 -26.07 30.42 -42.22
N SER J 168 -25.93 31.65 -42.69
CA SER J 168 -24.80 31.96 -43.54
C SER J 168 -24.34 33.37 -43.27
N LEU J 169 -23.07 33.51 -42.90
CA LEU J 169 -22.26 34.71 -43.11
C LEU J 169 -22.71 35.90 -42.27
N GLN J 170 -23.50 35.71 -41.22
CA GLN J 170 -24.02 36.86 -40.49
C GLN J 170 -23.69 36.80 -39.01
N ALA J 171 -24.33 37.69 -38.24
CA ALA J 171 -23.83 38.10 -36.93
C ALA J 171 -23.84 36.99 -35.90
N ILE J 172 -22.78 36.94 -35.11
CA ILE J 172 -22.48 35.90 -34.13
C ILE J 172 -22.10 36.63 -32.84
N LEU J 173 -22.77 36.32 -31.72
CA LEU J 173 -22.93 37.36 -30.70
C LEU J 173 -22.49 36.98 -29.28
N PHE J 174 -21.95 38.00 -28.58
CA PHE J 174 -21.92 38.16 -27.12
C PHE J 174 -21.19 37.04 -26.39
N GLY J 175 -19.86 37.10 -26.49
CA GLY J 175 -18.98 36.39 -25.58
C GLY J 175 -19.10 36.76 -24.11
N GLY J 176 -18.35 36.07 -23.23
CA GLY J 176 -18.37 36.40 -21.81
C GLY J 176 -16.99 36.49 -21.18
N LEU J 177 -16.73 37.54 -20.39
CA LEU J 177 -15.37 37.98 -20.13
C LEU J 177 -14.68 37.17 -19.02
N GLU J 178 -13.36 37.33 -18.97
CA GLU J 178 -12.52 36.84 -17.89
C GLU J 178 -11.87 38.02 -17.18
N LEU J 179 -11.84 37.98 -15.85
CA LEU J 179 -10.88 38.77 -15.08
C LEU J 179 -9.59 37.96 -15.04
N ALA J 180 -8.82 38.07 -16.12
CA ALA J 180 -7.63 37.26 -16.31
C ALA J 180 -6.48 37.73 -15.43
N SER J 181 -5.75 36.77 -14.88
CA SER J 181 -4.53 37.07 -14.14
C SER J 181 -3.35 37.10 -15.11
N ARG J 182 -2.53 38.12 -14.97
CA ARG J 182 -1.37 38.36 -15.82
C ARG J 182 -0.14 38.48 -14.92
N HIS J 183 0.95 38.97 -15.47
CA HIS J 183 2.07 39.38 -14.64
C HIS J 183 1.66 40.58 -13.80
N ALA J 184 1.92 40.50 -12.49
CA ALA J 184 1.53 41.49 -11.47
C ALA J 184 0.03 41.74 -11.45
N ARG J 185 -0.73 40.65 -11.27
CA ARG J 185 -2.18 40.73 -11.15
C ARG J 185 -2.75 39.84 -10.05
N LEU J 186 -1.97 38.89 -9.53
CA LEU J 186 -2.47 37.71 -8.80
C LEU J 186 -3.22 38.06 -7.51
N GLY J 187 -2.98 39.22 -6.93
CA GLY J 187 -3.74 39.67 -5.78
C GLY J 187 -4.98 40.41 -6.22
N THR J 188 -6.14 39.97 -5.70
CA THR J 188 -7.45 40.60 -5.86
C THR J 188 -7.84 40.72 -7.35
N CYS J 189 -8.08 39.57 -7.96
CA CYS J 189 -8.65 39.50 -9.30
C CYS J 189 -10.17 39.53 -9.29
N ALA J 190 -10.77 40.09 -8.24
CA ALA J 190 -12.21 40.29 -8.13
C ALA J 190 -12.66 41.64 -8.68
N GLN J 191 -11.92 42.20 -9.64
CA GLN J 191 -12.23 43.50 -10.21
C GLN J 191 -13.30 43.36 -11.28
N SER J 192 -13.50 44.43 -12.07
CA SER J 192 -14.54 44.46 -13.10
C SER J 192 -13.99 45.18 -14.32
N CYS J 193 -13.65 44.42 -15.36
CA CYS J 193 -13.31 44.96 -16.67
C CYS J 193 -14.42 44.61 -17.66
N LYS J 194 -14.63 45.48 -18.64
CA LYS J 194 -15.86 45.44 -19.42
C LYS J 194 -15.59 45.73 -20.89
N ASP J 195 -16.35 45.05 -21.76
CA ASP J 195 -16.57 45.55 -23.11
C ASP J 195 -18.05 45.72 -23.43
N GLY J 196 -18.84 44.66 -23.27
CA GLY J 196 -20.27 44.63 -23.57
C GLY J 196 -20.67 45.14 -24.94
N TYR J 197 -20.22 44.49 -26.01
CA TYR J 197 -20.37 45.00 -27.36
C TYR J 197 -21.03 44.00 -28.29
N PHE J 198 -21.91 44.51 -29.15
CA PHE J 198 -22.22 43.83 -30.39
C PHE J 198 -20.96 43.57 -31.20
N TYR J 199 -21.01 42.50 -31.99
CA TYR J 199 -20.02 42.27 -33.05
C TYR J 199 -20.63 41.34 -34.09
N LEU J 200 -20.76 41.84 -35.32
CA LEU J 200 -21.18 41.02 -36.44
C LEU J 200 -19.96 40.29 -36.98
N LEU J 201 -20.06 38.97 -37.08
CA LEU J 201 -18.94 38.14 -37.49
C LEU J 201 -19.31 37.43 -38.78
N ASP J 202 -18.74 37.89 -39.89
CA ASP J 202 -18.84 37.15 -41.14
C ASP J 202 -18.10 35.84 -40.99
N MET J 203 -18.72 34.75 -41.44
CA MET J 203 -18.13 33.44 -41.23
C MET J 203 -16.94 33.20 -42.15
N THR J 204 -17.05 33.60 -43.42
CA THR J 204 -15.91 33.42 -44.32
C THR J 204 -14.85 34.48 -44.09
N THR J 205 -15.20 35.76 -44.30
CA THR J 205 -14.27 36.84 -44.03
C THR J 205 -14.14 37.02 -42.54
N LEU J 206 -12.97 36.71 -41.98
CA LEU J 206 -12.80 36.67 -40.53
C LEU J 206 -12.68 38.09 -40.01
N ARG J 207 -13.82 38.73 -39.77
CA ARG J 207 -13.88 40.14 -39.40
C ARG J 207 -15.02 40.34 -38.43
N TRP J 208 -14.71 40.88 -37.25
CA TRP J 208 -15.70 41.10 -36.20
C TRP J 208 -16.15 42.56 -36.26
N ASN J 209 -16.98 42.86 -37.24
CA ASN J 209 -17.50 44.23 -37.39
C ASN J 209 -18.50 44.50 -36.28
N LYS J 210 -18.13 45.38 -35.35
CA LYS J 210 -18.96 45.62 -34.18
C LYS J 210 -20.13 46.52 -34.55
N LEU J 211 -21.34 46.02 -34.33
CA LEU J 211 -22.54 46.73 -34.75
C LEU J 211 -22.80 47.94 -33.85
N PRO J 212 -23.22 49.07 -34.42
CA PRO J 212 -23.37 50.29 -33.62
C PRO J 212 -24.60 50.23 -32.72
N LEU J 213 -24.39 50.53 -31.45
CA LEU J 213 -25.42 50.68 -30.42
C LEU J 213 -24.78 51.31 -29.19
N PRO J 214 -25.48 52.19 -28.47
CA PRO J 214 -25.03 52.57 -27.13
C PRO J 214 -25.10 51.39 -26.17
N PRO J 215 -23.94 50.93 -25.68
CA PRO J 215 -23.84 49.57 -25.15
C PRO J 215 -24.40 49.47 -23.74
N LEU J 216 -25.39 48.60 -23.59
CA LEU J 216 -25.73 48.05 -22.28
C LEU J 216 -24.55 47.23 -21.79
N VAL J 217 -23.85 47.73 -20.79
CA VAL J 217 -22.63 47.09 -20.31
C VAL J 217 -22.85 45.75 -19.59
N PRO J 218 -23.71 45.58 -18.58
CA PRO J 218 -23.67 44.33 -17.79
C PRO J 218 -24.30 43.15 -18.52
N ARG J 219 -24.26 42.00 -17.83
CA ARG J 219 -24.93 40.74 -18.19
C ARG J 219 -24.45 40.19 -19.54
N ALA J 220 -23.18 39.76 -19.54
CA ALA J 220 -22.69 38.91 -20.63
C ALA J 220 -21.94 37.72 -20.03
N TYR J 221 -22.68 36.69 -19.60
CA TYR J 221 -22.09 35.36 -19.45
C TYR J 221 -22.95 34.26 -20.02
N HIS J 222 -24.27 34.35 -19.90
CA HIS J 222 -25.15 33.40 -20.54
C HIS J 222 -26.07 34.14 -21.49
N SER J 223 -26.81 33.35 -22.25
CA SER J 223 -27.78 33.85 -23.19
C SER J 223 -28.66 32.68 -23.60
N SER J 224 -29.52 32.93 -24.57
CA SER J 224 -30.38 31.93 -25.18
C SER J 224 -29.92 31.68 -26.59
N THR J 225 -30.76 30.98 -27.33
CA THR J 225 -30.50 30.69 -28.74
C THR J 225 -31.46 31.50 -29.59
N TRP J 226 -30.95 32.01 -30.72
CA TRP J 226 -31.76 32.77 -31.66
C TRP J 226 -32.89 31.91 -32.23
N VAL J 227 -34.03 32.55 -32.43
CA VAL J 227 -35.25 31.86 -32.82
C VAL J 227 -35.57 32.27 -34.25
N PRO J 228 -36.04 31.36 -35.10
CA PRO J 228 -36.61 31.77 -36.40
C PRO J 228 -38.06 32.23 -36.26
N ALA J 229 -38.76 32.39 -37.39
CA ALA J 229 -40.21 32.51 -37.46
C ALA J 229 -40.71 33.75 -36.71
N SER J 230 -40.50 34.90 -37.36
CA SER J 230 -40.60 36.24 -36.76
C SER J 230 -39.59 36.37 -35.62
N SER J 231 -38.34 36.39 -36.06
CA SER J 231 -37.17 36.05 -35.27
C SER J 231 -36.98 36.95 -34.06
N THR J 232 -36.29 36.40 -33.07
CA THR J 232 -35.88 37.09 -31.85
C THR J 232 -34.71 36.35 -31.23
N MET J 233 -33.95 37.05 -30.41
CA MET J 233 -32.90 36.42 -29.62
C MET J 233 -32.80 37.14 -28.29
N VAL J 234 -32.59 36.37 -27.23
CA VAL J 234 -32.70 36.84 -25.86
C VAL J 234 -31.43 36.50 -25.11
N ILE J 235 -31.01 37.38 -24.21
CA ILE J 235 -29.90 37.14 -23.30
C ILE J 235 -30.49 36.86 -21.93
N VAL J 236 -29.88 35.94 -21.18
CA VAL J 236 -30.28 35.68 -19.81
C VAL J 236 -29.10 35.96 -18.89
N GLY J 237 -29.40 36.10 -17.60
CA GLY J 237 -28.45 36.61 -16.64
C GLY J 237 -27.40 35.60 -16.21
N GLY J 238 -26.64 35.98 -15.20
CA GLY J 238 -25.61 35.13 -14.64
C GLY J 238 -24.32 35.80 -14.19
N ILE J 239 -24.18 37.11 -14.36
CA ILE J 239 -22.90 37.76 -14.09
C ILE J 239 -23.15 39.22 -13.75
N THR J 240 -22.24 39.79 -12.92
CA THR J 240 -22.17 41.21 -12.62
C THR J 240 -20.72 41.70 -12.68
N TYR J 241 -19.92 41.11 -13.58
CA TYR J 241 -18.50 41.39 -13.81
C TYR J 241 -17.58 41.14 -12.62
N SER J 242 -18.10 40.60 -11.52
CA SER J 242 -17.36 40.64 -10.27
C SER J 242 -17.35 39.34 -9.52
N GLY J 243 -18.32 38.47 -9.72
CA GLY J 243 -18.44 37.31 -8.85
C GLY J 243 -18.88 37.64 -7.44
N HIS J 244 -19.44 38.83 -7.21
CA HIS J 244 -19.87 39.21 -5.88
C HIS J 244 -21.27 39.79 -5.83
N CYS J 245 -21.83 40.25 -6.93
CA CYS J 245 -23.24 40.62 -6.94
C CYS J 245 -24.01 39.56 -7.72
N PRO J 246 -25.12 39.04 -7.18
CA PRO J 246 -25.84 37.98 -7.88
C PRO J 246 -26.59 38.50 -9.09
N SER J 247 -27.22 37.59 -9.83
CA SER J 247 -27.92 37.94 -11.05
C SER J 247 -29.35 37.43 -10.96
N GLU J 248 -30.03 37.80 -9.89
CA GLU J 248 -31.45 37.51 -9.70
C GLU J 248 -32.24 38.24 -10.77
N ARG J 249 -32.66 37.52 -11.80
CA ARG J 249 -33.25 38.15 -12.97
C ARG J 249 -34.77 38.06 -12.91
N LEU J 250 -35.42 39.20 -13.19
CA LEU J 250 -36.87 39.29 -13.35
C LEU J 250 -37.28 39.79 -14.72
N SER J 251 -36.33 40.06 -15.61
CA SER J 251 -36.65 40.51 -16.95
C SER J 251 -35.70 39.87 -17.94
N VAL J 252 -35.96 40.11 -19.21
CA VAL J 252 -35.17 39.57 -20.31
C VAL J 252 -34.60 40.73 -21.11
N SER J 253 -33.87 40.41 -22.17
CA SER J 253 -33.32 41.45 -23.02
C SER J 253 -33.27 40.94 -24.45
N ASP J 254 -33.98 41.62 -25.35
CA ASP J 254 -34.10 41.19 -26.73
C ASP J 254 -33.04 41.88 -27.58
N VAL J 255 -32.15 41.10 -28.15
CA VAL J 255 -31.29 41.52 -29.25
C VAL J 255 -31.84 40.89 -30.50
N VAL J 256 -32.29 41.71 -31.44
CA VAL J 256 -32.85 41.19 -32.68
C VAL J 256 -32.61 42.20 -33.79
N CYS J 257 -32.17 41.69 -34.93
CA CYS J 257 -32.22 42.50 -36.14
C CYS J 257 -33.67 42.80 -36.45
N LEU J 258 -33.98 44.09 -36.59
CA LEU J 258 -35.37 44.52 -36.61
C LEU J 258 -36.06 44.13 -37.90
N LYS J 259 -35.58 44.65 -39.02
CA LYS J 259 -36.13 44.34 -40.34
C LYS J 259 -35.23 43.27 -40.95
N ILE J 260 -35.62 42.01 -40.81
CA ILE J 260 -34.83 40.91 -41.38
C ILE J 260 -35.41 40.65 -42.77
N SER J 261 -34.98 41.46 -43.72
CA SER J 261 -34.88 41.06 -45.11
C SER J 261 -33.50 41.52 -45.55
N ASP J 262 -33.05 42.62 -44.95
CA ASP J 262 -31.65 43.02 -44.86
C ASP J 262 -31.19 42.81 -43.42
N THR J 263 -29.99 43.27 -43.13
CA THR J 263 -29.41 43.13 -41.79
C THR J 263 -29.16 44.55 -41.25
N SER J 264 -30.18 45.13 -40.63
CA SER J 264 -30.12 46.53 -40.25
C SER J 264 -30.97 46.78 -39.02
N GLN J 265 -30.85 48.01 -38.50
CA GLN J 265 -31.65 48.54 -37.39
C GLN J 265 -31.50 47.71 -36.12
N TYR J 266 -30.29 47.68 -35.61
CA TYR J 266 -29.99 46.88 -34.42
C TYR J 266 -30.34 47.68 -33.17
N THR J 267 -31.42 47.29 -32.50
CA THR J 267 -31.93 47.96 -31.32
C THR J 267 -31.86 47.03 -30.12
N LEU J 268 -32.36 47.51 -28.98
CA LEU J 268 -32.33 46.74 -27.75
C LEU J 268 -33.52 47.14 -26.88
N THR J 269 -34.14 46.15 -26.25
CA THR J 269 -35.21 46.41 -25.30
C THR J 269 -35.20 45.36 -24.21
N GLU J 270 -35.95 45.64 -23.15
CA GLU J 270 -36.14 44.71 -22.04
C GLU J 270 -37.63 44.60 -21.77
N ILE J 271 -38.07 43.41 -21.38
CA ILE J 271 -39.49 43.14 -21.13
C ILE J 271 -39.61 42.39 -19.81
N HIS J 272 -40.33 42.98 -18.86
CA HIS J 272 -40.65 42.28 -17.64
C HIS J 272 -41.80 41.31 -17.90
N MET J 273 -41.86 40.25 -17.09
CA MET J 273 -42.69 39.09 -17.38
C MET J 273 -43.70 38.86 -16.27
N GLU J 274 -44.48 37.78 -16.39
CA GLU J 274 -45.30 37.30 -15.28
C GLU J 274 -44.41 36.42 -14.40
N GLY J 275 -43.63 37.09 -13.57
CA GLY J 275 -42.57 36.41 -12.84
C GLY J 275 -43.13 35.48 -11.78
N VAL J 276 -42.68 34.23 -11.82
CA VAL J 276 -43.20 33.22 -10.90
C VAL J 276 -42.66 33.50 -9.52
N ARG J 277 -41.36 33.38 -9.32
CA ARG J 277 -40.76 33.83 -8.07
C ARG J 277 -39.79 34.97 -8.31
N ASP J 278 -38.64 34.69 -8.92
CA ASP J 278 -37.45 35.54 -9.01
C ASP J 278 -36.40 34.75 -9.78
N SER J 279 -35.28 35.43 -10.08
CA SER J 279 -33.96 34.83 -10.25
C SER J 279 -33.94 33.79 -11.37
N TYR J 280 -34.08 34.30 -12.60
CA TYR J 280 -34.19 33.46 -13.79
C TYR J 280 -33.02 32.49 -13.94
N VAL J 281 -31.83 32.89 -13.53
CA VAL J 281 -30.62 32.11 -13.72
C VAL J 281 -30.13 31.67 -12.36
N SER J 282 -29.72 30.41 -12.26
CA SER J 282 -29.09 29.88 -11.05
C SER J 282 -27.58 29.98 -11.15
N SER J 283 -27.11 31.06 -11.77
CA SER J 283 -25.70 31.28 -12.13
C SER J 283 -25.17 30.15 -13.01
N SER J 284 -26.02 29.62 -13.88
CA SER J 284 -25.67 28.50 -14.74
C SER J 284 -26.48 28.61 -16.03
N SER J 285 -26.57 27.53 -16.78
CA SER J 285 -26.89 27.59 -18.20
C SER J 285 -28.25 26.97 -18.50
N ALA J 286 -29.05 27.68 -19.30
CA ALA J 286 -30.26 27.09 -19.87
C ALA J 286 -30.24 27.09 -21.40
N SER J 287 -30.35 28.27 -22.02
CA SER J 287 -30.08 28.55 -23.43
C SER J 287 -30.88 27.78 -24.47
N ALA J 288 -31.80 26.91 -24.07
CA ALA J 288 -32.48 26.07 -25.05
C ALA J 288 -33.77 26.72 -25.55
N LEU J 289 -34.40 26.11 -26.55
CA LEU J 289 -35.56 26.73 -27.17
C LEU J 289 -36.78 25.83 -27.34
N CYS J 290 -37.79 26.34 -28.02
CA CYS J 290 -39.00 25.62 -28.35
C CYS J 290 -39.53 26.16 -29.68
N ASP J 291 -40.81 25.94 -29.97
CA ASP J 291 -41.37 26.33 -31.25
C ASP J 291 -42.26 27.56 -31.21
N ASP J 292 -42.82 27.90 -30.05
CA ASP J 292 -43.57 29.15 -29.90
C ASP J 292 -43.22 29.86 -28.59
N ARG J 293 -42.11 29.50 -27.97
CA ARG J 293 -41.77 29.86 -26.60
C ARG J 293 -40.32 29.45 -26.36
N PHE J 294 -39.86 29.53 -25.11
CA PHE J 294 -38.53 29.08 -24.75
C PHE J 294 -38.60 27.86 -23.85
N VAL J 295 -37.51 27.12 -23.82
CA VAL J 295 -37.29 26.05 -22.84
C VAL J 295 -36.03 26.41 -22.07
N LEU J 296 -36.19 26.82 -20.82
CA LEU J 296 -35.06 27.35 -20.07
C LEU J 296 -34.93 26.58 -18.75
N TYR J 297 -33.93 25.70 -18.71
CA TYR J 297 -33.50 24.97 -17.53
C TYR J 297 -32.59 25.80 -16.65
N GLY J 298 -31.77 25.11 -15.86
CA GLY J 298 -30.53 25.71 -15.41
C GLY J 298 -30.37 25.68 -13.92
N GLY J 299 -31.43 25.33 -13.23
CA GLY J 299 -31.48 25.48 -11.80
C GLY J 299 -30.60 24.49 -11.06
N TYR J 300 -30.50 24.72 -9.76
CA TYR J 300 -29.59 23.94 -8.93
C TYR J 300 -30.16 22.56 -8.69
N HIS J 301 -29.53 21.55 -9.28
CA HIS J 301 -29.70 20.20 -8.76
C HIS J 301 -29.09 20.09 -7.37
N HIS J 302 -28.07 20.90 -7.09
CA HIS J 302 -27.50 21.05 -5.76
C HIS J 302 -27.40 22.53 -5.47
N ASP J 303 -28.02 22.96 -4.37
CA ASP J 303 -28.23 24.37 -4.08
C ASP J 303 -26.92 25.02 -3.67
N LYS J 304 -26.11 25.37 -4.67
CA LYS J 304 -25.05 26.32 -4.41
C LYS J 304 -25.70 27.68 -4.13
N SER J 305 -25.09 28.43 -3.23
CA SER J 305 -25.78 29.58 -2.65
C SER J 305 -25.89 30.71 -3.65
N GLY J 306 -27.12 31.07 -3.98
CA GLY J 306 -27.37 32.40 -4.52
C GLY J 306 -26.98 33.44 -3.49
N LEU J 307 -26.47 34.57 -3.97
CA LEU J 307 -25.90 35.54 -3.04
C LEU J 307 -26.98 36.30 -2.28
N HIS J 308 -27.77 37.12 -2.97
CA HIS J 308 -28.87 37.77 -2.26
C HIS J 308 -30.15 36.94 -2.14
N PRO J 309 -30.73 36.36 -3.20
CA PRO J 309 -31.99 35.63 -2.98
C PRO J 309 -31.73 34.18 -2.61
N PRO J 310 -32.52 33.61 -1.70
CA PRO J 310 -32.51 32.16 -1.54
C PRO J 310 -33.51 31.47 -2.47
N GLU J 311 -33.60 31.95 -3.69
CA GLU J 311 -34.52 31.44 -4.69
C GLU J 311 -34.12 30.22 -5.54
N PRO J 312 -32.94 30.15 -6.19
CA PRO J 312 -32.82 29.31 -7.40
C PRO J 312 -32.76 27.81 -7.11
N SER J 313 -33.41 27.04 -7.99
CA SER J 313 -33.49 25.58 -7.87
C SER J 313 -33.86 24.99 -9.22
N ARG J 314 -33.83 23.65 -9.28
CA ARG J 314 -33.66 22.84 -10.49
C ARG J 314 -34.84 22.84 -11.46
N ASP J 315 -35.90 23.62 -11.27
CA ASP J 315 -37.08 23.42 -12.10
C ASP J 315 -36.92 24.09 -13.46
N LEU J 316 -37.88 23.79 -14.34
CA LEU J 316 -37.93 24.37 -15.67
C LEU J 316 -38.71 25.68 -15.69
N TYR J 317 -38.18 26.67 -16.40
CA TYR J 317 -38.88 27.92 -16.65
C TYR J 317 -39.17 28.02 -18.14
N VAL J 318 -40.41 28.37 -18.49
CA VAL J 318 -40.83 28.46 -19.88
C VAL J 318 -41.43 29.84 -20.10
N MET J 319 -40.86 30.60 -21.03
CA MET J 319 -41.19 32.00 -21.24
C MET J 319 -42.04 32.16 -22.48
N ASN J 320 -43.12 32.91 -22.35
CA ASN J 320 -44.05 33.17 -23.45
C ASN J 320 -43.72 34.53 -24.09
N LEU J 321 -42.47 34.64 -24.54
CA LEU J 321 -41.99 35.89 -25.12
C LEU J 321 -42.56 36.16 -26.50
N GLN J 322 -42.99 35.11 -27.20
CA GLN J 322 -43.59 35.30 -28.52
C GLN J 322 -44.91 36.05 -28.43
N THR J 323 -45.64 35.89 -27.34
CA THR J 323 -46.86 36.64 -27.12
C THR J 323 -46.50 38.08 -26.76
N LYS J 324 -47.24 39.03 -27.35
CA LYS J 324 -47.11 40.43 -26.98
C LYS J 324 -47.46 40.64 -25.51
N LYS J 325 -48.45 39.90 -25.00
CA LYS J 325 -48.62 39.74 -23.55
C LYS J 325 -47.61 38.70 -23.09
N ALA J 326 -46.38 39.15 -22.92
CA ALA J 326 -45.28 38.26 -22.57
C ALA J 326 -45.40 37.86 -21.11
N VAL J 327 -45.66 36.57 -20.87
CA VAL J 327 -45.91 36.05 -19.55
C VAL J 327 -44.99 34.86 -19.31
N VAL J 328 -44.94 34.39 -18.07
CA VAL J 328 -44.16 33.22 -17.70
C VAL J 328 -45.05 32.26 -16.94
N HIS J 329 -45.08 31.02 -17.41
CA HIS J 329 -45.78 29.92 -16.75
C HIS J 329 -44.78 28.81 -16.53
N HIS J 330 -45.29 27.63 -16.17
CA HIS J 330 -44.48 26.43 -16.18
C HIS J 330 -45.18 25.34 -16.96
N ALA J 331 -44.39 24.53 -17.66
CA ALA J 331 -44.83 23.19 -17.97
C ALA J 331 -44.78 22.37 -16.68
N PRO J 332 -45.53 21.24 -16.62
CA PRO J 332 -45.36 20.32 -15.50
C PRO J 332 -43.92 19.86 -15.35
N THR J 333 -43.31 20.23 -14.23
CA THR J 333 -41.88 20.12 -14.06
C THR J 333 -41.50 18.68 -13.79
N ARG J 334 -40.84 18.05 -14.76
CA ARG J 334 -40.35 16.69 -14.61
C ARG J 334 -39.12 16.76 -13.73
N MET J 335 -39.34 16.72 -12.42
CA MET J 335 -38.26 16.85 -11.44
C MET J 335 -37.51 15.53 -11.36
N ALA J 336 -36.65 15.31 -12.36
CA ALA J 336 -35.71 14.22 -12.33
C ALA J 336 -34.49 14.63 -11.53
N SER J 337 -33.42 13.86 -11.64
CA SER J 337 -32.18 14.24 -10.96
C SER J 337 -31.40 15.32 -11.70
N ALA J 338 -31.89 15.80 -12.84
CA ALA J 338 -31.12 16.65 -13.72
C ALA J 338 -30.97 18.07 -13.16
N GLY J 339 -30.12 18.83 -13.82
CA GLY J 339 -29.92 20.24 -13.49
C GLY J 339 -28.51 20.69 -13.82
N HIS J 340 -28.37 22.02 -13.97
CA HIS J 340 -27.14 22.79 -13.85
C HIS J 340 -26.17 22.61 -15.02
N THR J 341 -26.43 21.65 -15.90
CA THR J 341 -25.66 21.52 -17.14
C THR J 341 -26.59 20.89 -18.16
N CYS J 342 -27.15 21.70 -19.04
CA CYS J 342 -28.04 21.22 -20.07
C CYS J 342 -27.55 21.69 -21.43
N LEU J 343 -27.78 20.88 -22.44
CA LEU J 343 -27.54 21.27 -23.81
C LEU J 343 -28.78 20.94 -24.65
N ARG J 344 -28.94 21.69 -25.72
CA ARG J 344 -30.25 21.80 -26.34
C ARG J 344 -30.46 20.79 -27.44
N LEU J 345 -31.72 20.64 -27.81
CA LEU J 345 -32.14 19.90 -28.99
C LEU J 345 -33.51 20.46 -29.34
N ILE J 346 -33.58 21.20 -30.44
CA ILE J 346 -34.83 21.87 -30.77
C ILE J 346 -35.37 21.33 -32.08
N ASP J 347 -36.56 21.80 -32.45
CA ASP J 347 -37.19 21.52 -33.74
C ASP J 347 -38.27 22.57 -33.94
N ASN J 348 -38.46 22.99 -35.19
CA ASN J 348 -39.43 24.03 -35.49
C ASN J 348 -40.83 23.46 -35.63
N SER J 349 -41.81 24.21 -35.12
CA SER J 349 -43.25 23.94 -35.17
C SER J 349 -43.66 22.66 -34.45
N VAL J 350 -42.78 22.12 -33.58
CA VAL J 350 -43.08 20.90 -32.84
C VAL J 350 -42.14 20.90 -31.63
N VAL J 351 -42.47 20.11 -30.61
CA VAL J 351 -41.66 20.00 -29.42
C VAL J 351 -40.98 18.64 -29.44
N MET J 352 -39.66 18.64 -29.58
CA MET J 352 -38.85 17.42 -29.53
C MET J 352 -37.60 17.78 -28.74
N ILE J 353 -37.45 17.22 -27.54
CA ILE J 353 -36.49 17.73 -26.57
C ILE J 353 -35.46 16.65 -26.23
N GLY J 354 -34.18 17.02 -26.31
CA GLY J 354 -33.13 16.19 -25.78
C GLY J 354 -32.17 17.02 -24.95
N GLY J 355 -31.33 16.34 -24.19
CA GLY J 355 -30.37 17.04 -23.36
C GLY J 355 -29.40 16.08 -22.72
N THR J 356 -28.27 16.65 -22.30
CA THR J 356 -27.20 15.96 -21.60
C THR J 356 -27.04 16.55 -20.20
N CYS J 357 -26.00 16.10 -19.50
CA CYS J 357 -25.77 16.51 -18.11
C CYS J 357 -24.27 16.49 -17.84
N LYS J 358 -23.89 16.46 -16.56
CA LYS J 358 -22.49 16.37 -16.19
C LYS J 358 -21.98 14.93 -16.22
N SER J 359 -22.52 14.11 -15.33
CA SER J 359 -22.18 12.69 -15.30
C SER J 359 -23.42 11.82 -15.16
N VAL J 360 -24.59 12.41 -14.95
CA VAL J 360 -25.84 11.68 -14.95
C VAL J 360 -26.27 11.66 -16.41
N ASN J 361 -25.68 10.76 -17.18
CA ASN J 361 -25.94 10.71 -18.61
C ASN J 361 -27.37 10.27 -18.85
N CYS J 362 -28.21 11.21 -19.27
CA CYS J 362 -29.63 10.98 -19.31
C CYS J 362 -30.21 11.75 -20.49
N CYS J 363 -31.52 11.94 -20.48
CA CYS J 363 -32.20 12.69 -21.51
C CYS J 363 -33.25 13.56 -20.85
N THR J 364 -33.18 14.86 -21.11
CA THR J 364 -34.26 15.75 -20.75
C THR J 364 -35.28 15.75 -21.88
N ASN J 365 -36.54 15.50 -21.54
CA ASN J 365 -37.57 15.34 -22.55
C ASN J 365 -38.80 16.12 -22.14
N LEU J 366 -39.43 16.77 -23.11
CA LEU J 366 -40.70 17.43 -22.87
C LEU J 366 -41.67 17.03 -23.97
#